data_6Z4X
#
_entry.id   6Z4X
#
_cell.length_a   89.970
_cell.length_b   84.903
_cell.length_c   154.477
_cell.angle_alpha   90.000
_cell.angle_beta   96.197
_cell.angle_gamma   90.000
#
_symmetry.space_group_name_H-M   'P 1 21 1'
#
loop_
_entity.id
_entity.type
_entity.pdbx_description
1 polymer 'CYCLIN domain-containing protein'
2 polymer 'Protein kinase domain-containing protein'
3 polymer 'RING-type domain-containing protein'
4 non-polymer 'PHOSPHOTHIOPHOSPHORIC ACID-ADENYLATE ESTER'
5 non-polymer 'MAGNESIUM ION'
6 non-polymer 'CHLORIDE ION'
7 water water
#
loop_
_entity_poly.entity_id
_entity_poly.type
_entity_poly.pdbx_seq_one_letter_code
_entity_poly.pdbx_strand_id
1 'polypeptide(L)'
;MASTIASEDARYRQSSQYELWSFSPSQLASMREKTNAAARARITERLLSMPNPSNTASAPTSSANTPDPDGVSTPTLPEF
LTPAEELLLVTFYTAELLRAGDHADMSDEIKATAATFFKRFYITNSIMTYPPQEMLLVALFFGCKAEGAFPSISDFAKTF
GRERPEEILAGEFLLCQGIRFALDVKHPFRALRGAIMELSTLPDVEPARLVAAEQRAREILRFSPLITDAYFHFTPSQIM
LAALSLADRGLAERLIQDTFHYVAPQPSSGTDTPATSGVETPSGASASISLHKRTASPSSGSLEDKAAVIGSHVRDKVLG
TIEACRDMLSKELPERREHWNNKTVYKAQIQPIRKKLNKCRDPDRWNLVELQRIRREQASRKGFDSDDEGEGRTKGGSLE
DDAAVFGVPKKKKQLEDPFGPPLAG
;
A,D
2 'polypeptide(L)'
;MAASPLIAPPTDALQQSRPGSTSSPFKRQPQQPSQPPSSTAPSSSNANDTPQLGSRPPNITIANVTSAPFSSRPAITPDP
VEQMNEAEKRKYIKGKKLGEGTYANVYLGHSRDDPNFKVAIKKIKVQAQYKDGMAPDAVRELKYLRELRGHPNIIGLISV
FSSKDQNLNLVLEYLPLGDLEMLIRDVERVRYGAADIKAWMGMLTRAVWWCHENFILHRDIKPNNLLIAADGEVKLADFG
LARSFADPGRRMTANVITRWYRPPELLFGARHYGGAVDIWSVGMVFAELIIRSPFLPGNTEMEQITLICKHIGTPTEENW
PGVSKLPEWWDPMEEPIPVWGKDAYMARFGAVGSEGVDLLWRTLQLDPKKRITAREMLEHRWWRTDPKPTRKEDLPKKSG
GEDKMGADLKRRPGMVEDENGPRGSKVARKLDFGQLK
;
B,E
3 'polypeptide(L)' GPYDPFGGMEFVPSRYRVREELNHPSLDKYRIDQQHITGGYSFLDYISRAMFEAFAGLAVFIEDEKEAG C,F
#
loop_
_chem_comp.id
_chem_comp.type
_chem_comp.name
_chem_comp.formula
AGS non-polymer 'PHOSPHOTHIOPHOSPHORIC ACID-ADENYLATE ESTER' 'C10 H16 N5 O12 P3 S'
CL non-polymer 'CHLORIDE ION' 'Cl -1'
MG non-polymer 'MAGNESIUM ION' 'Mg 2'
#
# COMPACT_ATOMS: atom_id res chain seq x y z
N ILE A 5 -32.90 -22.89 -22.14
CA ILE A 5 -32.45 -22.02 -21.06
C ILE A 5 -31.24 -22.64 -20.36
N ALA A 6 -30.72 -23.71 -20.92
CA ALA A 6 -29.56 -24.37 -20.36
C ALA A 6 -28.32 -23.49 -20.51
N SER A 7 -27.43 -23.58 -19.52
CA SER A 7 -26.23 -22.75 -19.53
C SER A 7 -25.27 -23.17 -20.64
N GLU A 8 -25.16 -24.47 -20.90
CA GLU A 8 -24.30 -24.93 -21.98
C GLU A 8 -24.81 -24.46 -23.34
N ASP A 9 -26.15 -24.42 -23.50
CA ASP A 9 -26.72 -23.92 -24.75
C ASP A 9 -26.37 -22.46 -24.96
N ALA A 10 -26.42 -21.66 -23.90
CA ALA A 10 -26.04 -20.24 -24.02
C ALA A 10 -24.56 -20.11 -24.37
N ARG A 11 -23.69 -20.85 -23.66
CA ARG A 11 -22.26 -20.75 -23.94
C ARG A 11 -21.94 -21.20 -25.36
N TYR A 12 -22.72 -22.12 -25.92
CA TYR A 12 -22.53 -22.47 -27.32
C TYR A 12 -23.04 -21.37 -28.25
N ARG A 13 -24.19 -20.78 -27.92
CA ARG A 13 -24.70 -19.68 -28.74
C ARG A 13 -23.79 -18.47 -28.70
N GLN A 14 -22.87 -18.40 -27.74
CA GLN A 14 -21.90 -17.31 -27.70
C GLN A 14 -20.69 -17.57 -28.59
N SER A 15 -20.59 -18.76 -29.20
CA SER A 15 -19.43 -19.09 -30.00
C SER A 15 -19.51 -18.45 -31.38
N SER A 16 -18.34 -18.28 -32.00
CA SER A 16 -18.30 -17.72 -33.35
C SER A 16 -19.02 -18.62 -34.34
N GLN A 17 -18.92 -19.94 -34.15
CA GLN A 17 -19.56 -20.87 -35.07
C GLN A 17 -21.06 -20.58 -35.18
N TYR A 18 -21.71 -20.33 -34.04
CA TYR A 18 -23.15 -20.13 -34.06
C TYR A 18 -23.53 -18.78 -34.65
N GLU A 19 -22.84 -17.71 -34.26
CA GLU A 19 -23.19 -16.38 -34.72
C GLU A 19 -22.79 -16.10 -36.16
N LEU A 20 -21.79 -16.81 -36.69
CA LEU A 20 -21.26 -16.52 -38.02
C LEU A 20 -21.50 -17.61 -39.05
N TRP A 21 -21.43 -18.88 -38.67
CA TRP A 21 -21.53 -19.97 -39.63
C TRP A 21 -22.59 -20.97 -39.22
N SER A 22 -23.76 -20.47 -38.82
CA SER A 22 -24.92 -21.30 -38.51
C SER A 22 -26.17 -20.59 -39.04
N PHE A 23 -26.81 -21.17 -40.04
CA PHE A 23 -27.96 -20.56 -40.69
C PHE A 23 -29.04 -21.61 -40.91
N SER A 24 -30.17 -21.17 -41.46
CA SER A 24 -31.21 -22.05 -41.93
C SER A 24 -30.93 -22.48 -43.36
N PRO A 25 -31.48 -23.62 -43.79
CA PRO A 25 -31.23 -24.06 -45.18
C PRO A 25 -31.55 -23.00 -46.21
N SER A 26 -32.64 -22.25 -46.01
CA SER A 26 -33.01 -21.21 -46.96
C SER A 26 -31.98 -20.09 -47.00
N GLN A 27 -31.48 -19.66 -45.84
CA GLN A 27 -30.46 -18.62 -45.80
C GLN A 27 -29.19 -19.08 -46.51
N LEU A 28 -28.76 -20.32 -46.26
CA LEU A 28 -27.56 -20.84 -46.91
C LEU A 28 -27.74 -20.92 -48.42
N ALA A 29 -28.89 -21.40 -48.87
CA ALA A 29 -29.16 -21.48 -50.31
C ALA A 29 -29.13 -20.09 -50.95
N SER A 30 -29.79 -19.12 -50.30
CA SER A 30 -29.81 -17.77 -50.84
C SER A 30 -28.41 -17.18 -50.88
N MET A 31 -27.61 -17.42 -49.85
CA MET A 31 -26.24 -16.90 -49.83
C MET A 31 -25.42 -17.49 -50.97
N ARG A 32 -25.50 -18.81 -51.16
CA ARG A 32 -24.75 -19.43 -52.25
C ARG A 32 -25.19 -18.91 -53.60
N GLU A 33 -26.51 -18.77 -53.80
CA GLU A 33 -27.02 -18.26 -55.07
C GLU A 33 -26.55 -16.84 -55.32
N LYS A 34 -26.59 -15.99 -54.28
CA LYS A 34 -26.17 -14.60 -54.45
C LYS A 34 -24.66 -14.50 -54.69
N THR A 35 -23.87 -15.36 -54.04
CA THR A 35 -22.43 -15.36 -54.29
C THR A 35 -22.13 -15.77 -55.73
N ASN A 36 -22.79 -16.82 -56.22
CA ASN A 36 -22.61 -17.23 -57.60
C ASN A 36 -23.02 -16.11 -58.56
N ALA A 37 -24.14 -15.45 -58.27
CA ALA A 37 -24.62 -14.37 -59.14
C ALA A 37 -23.65 -13.20 -59.15
N ALA A 38 -23.10 -12.85 -57.99
CA ALA A 38 -22.15 -11.75 -57.91
C ALA A 38 -20.88 -12.09 -58.69
N ALA A 39 -20.39 -13.33 -58.56
CA ALA A 39 -19.22 -13.74 -59.33
C ALA A 39 -19.49 -13.64 -60.82
N ARG A 40 -20.64 -14.15 -61.26
CA ARG A 40 -21.00 -14.07 -62.67
C ARG A 40 -21.04 -12.62 -63.14
N ALA A 41 -21.68 -11.75 -62.36
CA ALA A 41 -21.81 -10.34 -62.76
C ALA A 41 -20.45 -9.67 -62.84
N ARG A 42 -19.58 -9.91 -61.86
CA ARG A 42 -18.26 -9.28 -61.88
C ARG A 42 -17.45 -9.75 -63.06
N ILE A 43 -17.44 -11.06 -63.33
CA ILE A 43 -16.66 -11.58 -64.44
C ILE A 43 -17.22 -11.08 -65.77
N THR A 44 -18.54 -10.95 -65.88
CA THR A 44 -19.14 -10.44 -67.10
C THR A 44 -18.79 -8.97 -67.32
N GLU A 45 -18.87 -8.16 -66.27
CA GLU A 45 -18.48 -6.76 -66.38
C GLU A 45 -17.02 -6.62 -66.78
N ARG A 46 -16.15 -7.44 -66.18
CA ARG A 46 -14.72 -7.37 -66.48
C ARG A 46 -14.44 -7.78 -67.93
N LEU A 47 -15.11 -8.83 -68.41
CA LEU A 47 -14.78 -9.37 -69.73
C LEU A 47 -15.06 -8.35 -70.84
N LEU A 48 -16.17 -7.61 -70.73
CA LEU A 48 -16.53 -6.68 -71.81
C LEU A 48 -15.48 -5.59 -72.01
N SER A 49 -14.74 -5.24 -70.97
CA SER A 49 -13.74 -4.18 -71.08
C SER A 49 -12.75 -4.44 -72.21
N PRO A 75 -18.69 -9.26 -78.17
CA PRO A 75 -17.99 -10.10 -77.19
C PRO A 75 -18.85 -11.27 -76.71
N THR A 76 -18.41 -12.49 -77.00
CA THR A 76 -19.17 -13.70 -76.66
C THR A 76 -18.78 -14.15 -75.25
N LEU A 77 -19.74 -14.07 -74.33
CA LEU A 77 -19.52 -14.50 -72.96
C LEU A 77 -19.58 -16.02 -72.87
N PRO A 78 -18.89 -16.61 -71.88
CA PRO A 78 -18.93 -18.05 -71.69
C PRO A 78 -20.10 -18.48 -70.82
N GLU A 79 -20.28 -19.79 -70.74
CA GLU A 79 -21.33 -20.37 -69.89
C GLU A 79 -20.81 -20.49 -68.47
N PHE A 80 -21.45 -19.79 -67.54
CA PHE A 80 -21.03 -19.77 -66.14
C PHE A 80 -21.65 -20.94 -65.38
N LEU A 81 -20.98 -21.32 -64.29
CA LEU A 81 -21.42 -22.45 -63.49
C LEU A 81 -22.73 -22.16 -62.78
N THR A 82 -23.56 -23.19 -62.64
CA THR A 82 -24.77 -23.11 -61.85
C THR A 82 -24.46 -23.29 -60.37
N PRO A 83 -25.27 -22.69 -59.50
CA PRO A 83 -25.08 -22.95 -58.05
C PRO A 83 -25.01 -24.43 -57.72
N ALA A 84 -25.80 -25.25 -58.39
CA ALA A 84 -25.74 -26.69 -58.16
C ALA A 84 -24.39 -27.25 -58.57
N GLU A 85 -23.85 -26.79 -59.70
CA GLU A 85 -22.52 -27.23 -60.11
C GLU A 85 -21.45 -26.77 -59.13
N GLU A 86 -21.58 -25.53 -58.64
CA GLU A 86 -20.65 -25.05 -57.61
C GLU A 86 -20.68 -25.95 -56.39
N LEU A 87 -21.88 -26.31 -55.93
CA LEU A 87 -21.99 -27.15 -54.74
C LEU A 87 -21.43 -28.54 -55.00
N LEU A 88 -21.64 -29.07 -56.20
CA LEU A 88 -21.11 -30.39 -56.52
C LEU A 88 -19.58 -30.39 -56.50
N LEU A 89 -18.97 -29.37 -57.12
CA LEU A 89 -17.51 -29.26 -57.08
C LEU A 89 -17.00 -29.06 -55.67
N VAL A 90 -17.72 -28.26 -54.87
CA VAL A 90 -17.30 -28.04 -53.49
C VAL A 90 -17.29 -29.35 -52.73
N THR A 91 -18.33 -30.17 -52.90
CA THR A 91 -18.37 -31.46 -52.23
C THR A 91 -17.24 -32.38 -52.71
N PHE A 92 -17.01 -32.42 -54.03
CA PHE A 92 -15.95 -33.28 -54.55
C PHE A 92 -14.60 -32.87 -53.97
N TYR A 93 -14.29 -31.58 -53.98
CA TYR A 93 -12.99 -31.15 -53.47
C TYR A 93 -12.90 -31.23 -51.95
N THR A 94 -14.04 -31.19 -51.25
CA THR A 94 -14.01 -31.49 -49.82
C THR A 94 -13.64 -32.95 -49.57
N ALA A 95 -14.22 -33.87 -50.34
CA ALA A 95 -13.85 -35.27 -50.22
C ALA A 95 -12.38 -35.48 -50.57
N GLU A 96 -11.89 -34.77 -51.58
CA GLU A 96 -10.47 -34.89 -51.94
C GLU A 96 -9.57 -34.32 -50.86
N LEU A 97 -9.99 -33.21 -50.23
CA LEU A 97 -9.24 -32.68 -49.11
C LEU A 97 -9.16 -33.69 -47.97
N LEU A 98 -10.28 -34.35 -47.66
CA LEU A 98 -10.27 -35.36 -46.62
C LEU A 98 -9.35 -36.53 -46.98
N ARG A 99 -9.39 -36.97 -48.24
CA ARG A 99 -8.47 -38.03 -48.65
C ARG A 99 -7.02 -37.59 -48.47
N ALA A 100 -6.72 -36.35 -48.85
CA ALA A 100 -5.35 -35.83 -48.68
C ALA A 100 -4.96 -35.81 -47.21
N GLY A 101 -5.87 -35.36 -46.34
CA GLY A 101 -5.58 -35.34 -44.92
C GLY A 101 -5.32 -36.73 -44.38
N ASP A 102 -6.07 -37.73 -44.86
CA ASP A 102 -5.79 -39.11 -44.48
C ASP A 102 -4.42 -39.55 -44.99
N HIS A 103 -4.03 -39.09 -46.17
CA HIS A 103 -2.70 -39.41 -46.71
C HIS A 103 -1.60 -38.80 -45.87
N ALA A 104 -1.84 -37.64 -45.27
CA ALA A 104 -0.85 -36.95 -44.45
C ALA A 104 -0.89 -37.37 -42.99
N ASP A 105 -1.69 -38.37 -42.65
CA ASP A 105 -1.78 -38.89 -41.28
C ASP A 105 -2.08 -37.77 -40.28
N MET A 106 -3.00 -36.88 -40.66
CA MET A 106 -3.37 -35.74 -39.83
C MET A 106 -4.47 -36.12 -38.85
N SER A 107 -4.54 -35.40 -37.74
CA SER A 107 -5.53 -35.66 -36.72
C SER A 107 -6.94 -35.37 -37.24
N ASP A 108 -7.92 -36.06 -36.67
CA ASP A 108 -9.31 -35.87 -37.09
C ASP A 108 -9.73 -34.41 -36.94
N GLU A 109 -9.33 -33.76 -35.84
CA GLU A 109 -9.72 -32.37 -35.63
C GLU A 109 -9.15 -31.47 -36.73
N ILE A 110 -7.90 -31.72 -37.14
CA ILE A 110 -7.29 -30.89 -38.17
C ILE A 110 -7.99 -31.09 -39.51
N LYS A 111 -8.26 -32.34 -39.87
CA LYS A 111 -8.97 -32.61 -41.12
C LYS A 111 -10.34 -31.95 -41.12
N ALA A 112 -11.08 -32.06 -40.01
CA ALA A 112 -12.39 -31.44 -39.93
C ALA A 112 -12.29 -29.92 -40.03
N THR A 113 -11.30 -29.32 -39.38
CA THR A 113 -11.12 -27.88 -39.46
C THR A 113 -10.80 -27.44 -40.88
N ALA A 114 -9.94 -28.19 -41.57
CA ALA A 114 -9.61 -27.83 -42.94
C ALA A 114 -10.84 -27.91 -43.84
N ALA A 115 -11.62 -28.98 -43.72
CA ALA A 115 -12.82 -29.11 -44.52
C ALA A 115 -13.80 -27.98 -44.22
N THR A 116 -13.95 -27.62 -42.95
CA THR A 116 -14.87 -26.55 -42.58
C THR A 116 -14.40 -25.22 -43.14
N PHE A 117 -13.09 -24.94 -43.06
CA PHE A 117 -12.55 -23.72 -43.66
C PHE A 117 -12.84 -23.70 -45.16
N PHE A 118 -12.67 -24.84 -45.83
CA PHE A 118 -12.94 -24.92 -47.26
C PHE A 118 -14.40 -24.58 -47.56
N LYS A 119 -15.32 -25.24 -46.84
CA LYS A 119 -16.75 -25.02 -47.10
C LYS A 119 -17.14 -23.57 -46.81
N ARG A 120 -16.59 -22.99 -45.74
CA ARG A 120 -16.93 -21.61 -45.43
C ARG A 120 -16.36 -20.65 -46.46
N PHE A 121 -15.11 -20.87 -46.90
CA PHE A 121 -14.53 -20.00 -47.90
C PHE A 121 -15.34 -20.03 -49.19
N TYR A 122 -15.81 -21.22 -49.58
CA TYR A 122 -16.57 -21.34 -50.82
C TYR A 122 -18.07 -21.16 -50.62
N ILE A 123 -18.50 -20.83 -49.41
CA ILE A 123 -19.84 -20.29 -49.23
C ILE A 123 -19.81 -18.76 -49.25
N THR A 124 -18.71 -18.14 -48.80
CA THR A 124 -18.54 -16.70 -48.94
C THR A 124 -17.87 -16.29 -50.25
N ASN A 125 -17.20 -17.21 -50.92
CA ASN A 125 -16.58 -16.96 -52.22
C ASN A 125 -17.08 -17.99 -53.24
N SER A 126 -16.98 -17.62 -54.51
CA SER A 126 -17.45 -18.46 -55.59
C SER A 126 -16.32 -19.33 -56.13
N ILE A 127 -16.70 -20.52 -56.63
CA ILE A 127 -15.72 -21.41 -57.25
C ILE A 127 -15.14 -20.79 -58.51
N MET A 128 -15.89 -19.90 -59.17
CA MET A 128 -15.39 -19.24 -60.37
C MET A 128 -14.41 -18.12 -60.07
N THR A 129 -14.18 -17.80 -58.80
CA THR A 129 -13.29 -16.70 -58.43
C THR A 129 -11.89 -17.18 -58.04
N TYR A 130 -11.80 -18.19 -57.19
CA TYR A 130 -10.51 -18.73 -56.75
C TYR A 130 -10.45 -20.22 -57.00
N PRO A 131 -9.28 -20.75 -57.35
CA PRO A 131 -9.17 -22.16 -57.73
C PRO A 131 -9.30 -23.06 -56.52
N PRO A 132 -10.27 -23.99 -56.52
CA PRO A 132 -10.39 -24.91 -55.39
C PRO A 132 -9.24 -25.90 -55.29
N GLN A 133 -8.62 -26.25 -56.43
CA GLN A 133 -7.49 -27.16 -56.39
C GLN A 133 -6.37 -26.66 -55.48
N GLU A 134 -6.18 -25.34 -55.41
CA GLU A 134 -5.19 -24.74 -54.53
C GLU A 134 -5.75 -24.45 -53.14
N MET A 135 -6.99 -23.93 -53.08
CA MET A 135 -7.59 -23.63 -51.79
C MET A 135 -7.76 -24.86 -50.93
N LEU A 136 -7.77 -26.05 -51.53
CA LEU A 136 -7.79 -27.28 -50.74
C LEU A 136 -6.56 -27.37 -49.85
N LEU A 137 -5.37 -27.26 -50.45
CA LEU A 137 -4.14 -27.28 -49.67
C LEU A 137 -4.05 -26.08 -48.75
N VAL A 138 -4.52 -24.91 -49.20
CA VAL A 138 -4.50 -23.73 -48.35
C VAL A 138 -5.30 -23.98 -47.07
N ALA A 139 -6.48 -24.60 -47.22
CA ALA A 139 -7.33 -24.88 -46.07
C ALA A 139 -6.69 -25.92 -45.17
N LEU A 140 -6.05 -26.94 -45.74
CA LEU A 140 -5.36 -27.91 -44.90
C LEU A 140 -4.27 -27.25 -44.07
N PHE A 141 -3.48 -26.36 -44.71
CA PHE A 141 -2.40 -25.68 -44.00
C PHE A 141 -2.95 -24.78 -42.89
N PHE A 142 -3.95 -23.97 -43.22
CA PHE A 142 -4.48 -23.05 -42.22
C PHE A 142 -5.22 -23.81 -41.12
N GLY A 143 -5.77 -24.98 -41.43
CA GLY A 143 -6.37 -25.80 -40.38
C GLY A 143 -5.33 -26.36 -39.43
N CYS A 144 -4.21 -26.84 -39.98
CA CYS A 144 -3.07 -27.19 -39.12
C CYS A 144 -2.77 -26.04 -38.17
N LYS A 145 -2.61 -24.82 -38.72
CA LYS A 145 -2.30 -23.69 -37.86
C LYS A 145 -3.39 -23.46 -36.83
N ALA A 146 -4.66 -23.58 -37.25
CA ALA A 146 -5.79 -23.32 -36.36
C ALA A 146 -5.93 -24.36 -35.26
N GLU A 147 -5.33 -25.55 -35.42
CA GLU A 147 -5.39 -26.58 -34.41
C GLU A 147 -4.11 -26.67 -33.58
N GLY A 148 -3.27 -25.64 -33.63
CA GLY A 148 -2.07 -25.58 -32.82
C GLY A 148 -0.83 -26.18 -33.44
N ALA A 149 -0.89 -26.61 -34.70
CA ALA A 149 0.25 -27.23 -35.38
C ALA A 149 0.76 -26.25 -36.44
N PHE A 150 1.95 -25.74 -36.23
CA PHE A 150 2.52 -24.76 -37.14
C PHE A 150 3.75 -25.33 -37.83
N PRO A 151 3.55 -26.14 -38.88
CA PRO A 151 4.68 -26.75 -39.58
C PRO A 151 5.36 -25.76 -40.51
N SER A 152 6.52 -26.18 -41.02
CA SER A 152 7.21 -25.40 -42.04
C SER A 152 6.51 -25.57 -43.38
N ILE A 153 6.27 -24.45 -44.07
CA ILE A 153 5.57 -24.52 -45.35
C ILE A 153 6.32 -25.41 -46.33
N SER A 154 7.65 -25.44 -46.25
CA SER A 154 8.43 -26.29 -47.14
C SER A 154 8.15 -27.77 -46.90
N ASP A 155 8.14 -28.18 -45.63
CA ASP A 155 7.82 -29.57 -45.32
C ASP A 155 6.41 -29.93 -45.76
N PHE A 156 5.48 -28.99 -45.61
CA PHE A 156 4.10 -29.22 -46.05
C PHE A 156 4.05 -29.46 -47.56
N ALA A 157 4.63 -28.55 -48.33
CA ALA A 157 4.65 -28.71 -49.78
C ALA A 157 5.35 -30.00 -50.19
N LYS A 158 6.40 -30.37 -49.46
CA LYS A 158 7.09 -31.63 -49.74
C LYS A 158 6.15 -32.80 -49.55
N THR A 159 5.49 -32.87 -48.39
CA THR A 159 4.59 -33.98 -48.12
C THR A 159 3.44 -34.03 -49.12
N PHE A 160 3.08 -32.90 -49.71
CA PHE A 160 2.06 -32.89 -50.75
C PHE A 160 2.63 -32.72 -52.15
N GLY A 161 3.91 -33.03 -52.35
CA GLY A 161 4.51 -33.01 -53.67
C GLY A 161 4.35 -31.69 -54.41
N ARG A 162 4.34 -30.58 -53.67
CA ARG A 162 4.23 -29.25 -54.26
C ARG A 162 5.62 -28.64 -54.35
N GLU A 163 6.01 -28.25 -55.57
CA GLU A 163 7.36 -27.74 -55.79
C GLU A 163 7.52 -26.32 -55.28
N ARG A 164 6.55 -25.44 -55.53
CA ARG A 164 6.64 -24.05 -55.09
C ARG A 164 5.81 -23.87 -53.83
N PRO A 165 6.41 -23.73 -52.65
CA PRO A 165 5.60 -23.54 -51.44
C PRO A 165 4.82 -22.24 -51.43
N GLU A 166 5.32 -21.19 -52.09
CA GLU A 166 4.60 -19.92 -52.10
C GLU A 166 3.20 -20.09 -52.68
N GLU A 167 3.02 -21.02 -53.62
CA GLU A 167 1.69 -21.27 -54.19
C GLU A 167 0.65 -21.49 -53.10
N ILE A 168 1.08 -21.99 -51.95
CA ILE A 168 0.16 -22.18 -50.82
C ILE A 168 0.01 -20.89 -50.03
N LEU A 169 1.14 -20.25 -49.68
CA LEU A 169 1.08 -19.04 -48.86
C LEU A 169 0.23 -17.97 -49.54
N ALA A 170 0.29 -17.91 -50.87
CA ALA A 170 -0.48 -16.91 -51.61
C ALA A 170 -1.96 -16.94 -51.28
N GLY A 171 -2.47 -18.06 -50.76
CA GLY A 171 -3.87 -18.13 -50.45
C GLY A 171 -4.18 -17.94 -48.98
N GLU A 172 -3.18 -18.13 -48.12
CA GLU A 172 -3.41 -18.19 -46.69
C GLU A 172 -4.27 -17.02 -46.22
N PHE A 173 -3.71 -15.81 -46.25
CA PHE A 173 -4.46 -14.66 -45.76
C PHE A 173 -5.81 -14.55 -46.46
N LEU A 174 -5.84 -14.84 -47.76
CA LEU A 174 -7.11 -14.79 -48.48
C LEU A 174 -8.14 -15.69 -47.79
N LEU A 175 -7.78 -16.95 -47.56
CA LEU A 175 -8.68 -17.86 -46.85
C LEU A 175 -9.11 -17.26 -45.51
N CYS A 176 -8.17 -16.62 -44.81
CA CYS A 176 -8.50 -16.03 -43.52
C CYS A 176 -9.63 -15.03 -43.66
N GLN A 177 -9.61 -14.23 -44.72
CA GLN A 177 -10.70 -13.29 -44.95
C GLN A 177 -11.99 -14.01 -45.28
N GLY A 178 -11.89 -15.13 -46.01
CA GLY A 178 -13.09 -15.82 -46.46
C GLY A 178 -13.91 -16.38 -45.33
N ILE A 179 -13.26 -16.93 -44.31
CA ILE A 179 -13.96 -17.57 -43.20
C ILE A 179 -14.36 -16.52 -42.17
N ARG A 180 -14.17 -15.24 -42.51
CA ARG A 180 -14.53 -14.13 -41.62
C ARG A 180 -13.82 -14.24 -40.27
N PHE A 181 -12.57 -14.70 -40.30
CA PHE A 181 -11.65 -14.66 -39.16
C PHE A 181 -12.13 -15.51 -37.98
N ALA A 182 -13.01 -16.49 -38.23
CA ALA A 182 -13.48 -17.40 -37.19
C ALA A 182 -12.62 -18.66 -37.26
N LEU A 183 -11.70 -18.80 -36.30
CA LEU A 183 -10.77 -19.93 -36.29
C LEU A 183 -11.14 -21.01 -35.28
N ASP A 184 -12.06 -20.74 -34.36
CA ASP A 184 -12.44 -21.72 -33.34
C ASP A 184 -13.61 -22.54 -33.88
N VAL A 185 -13.31 -23.75 -34.34
CA VAL A 185 -14.31 -24.66 -34.88
C VAL A 185 -14.49 -25.83 -33.91
N LYS A 186 -15.74 -26.21 -33.68
CA LYS A 186 -16.10 -27.22 -32.71
C LYS A 186 -16.52 -28.49 -33.42
N HIS A 187 -15.93 -29.62 -33.03
CA HIS A 187 -16.19 -30.91 -33.64
C HIS A 187 -16.83 -31.86 -32.64
N PRO A 188 -17.52 -32.90 -33.13
CA PRO A 188 -18.26 -33.81 -32.23
C PRO A 188 -17.53 -35.11 -31.87
N PHE A 189 -16.24 -35.24 -32.18
CA PHE A 189 -15.52 -36.46 -31.82
C PHE A 189 -15.44 -36.63 -30.31
N ARG A 190 -14.87 -35.62 -29.63
CA ARG A 190 -14.78 -35.68 -28.17
C ARG A 190 -16.16 -35.77 -27.54
N ALA A 191 -17.15 -35.10 -28.14
CA ALA A 191 -18.53 -35.23 -27.66
C ALA A 191 -19.00 -36.67 -27.79
N LEU A 192 -18.62 -37.35 -28.87
CA LEU A 192 -18.96 -38.76 -29.02
C LEU A 192 -18.35 -39.60 -27.89
N ARG A 193 -17.07 -39.37 -27.61
CA ARG A 193 -16.43 -40.15 -26.54
C ARG A 193 -17.08 -39.86 -25.19
N GLY A 194 -17.45 -38.60 -24.94
CA GLY A 194 -18.13 -38.27 -23.70
C GLY A 194 -19.49 -38.92 -23.59
N ALA A 195 -20.25 -38.95 -24.69
CA ALA A 195 -21.54 -39.62 -24.67
C ALA A 195 -21.38 -41.12 -24.43
N ILE A 196 -20.36 -41.73 -25.03
CA ILE A 196 -20.10 -43.14 -24.80
C ILE A 196 -19.76 -43.38 -23.33
N MET A 197 -18.98 -42.47 -22.73
CA MET A 197 -18.68 -42.60 -21.31
C MET A 197 -19.96 -42.50 -20.48
N GLU A 198 -20.83 -41.55 -20.82
CA GLU A 198 -22.09 -41.40 -20.09
C GLU A 198 -22.93 -42.66 -20.20
N LEU A 199 -22.94 -43.29 -21.38
CA LEU A 199 -23.69 -44.54 -21.55
C LEU A 199 -23.03 -45.68 -20.79
N SER A 200 -21.71 -45.65 -20.64
CA SER A 200 -21.01 -46.72 -19.95
C SER A 200 -21.46 -46.85 -18.50
N THR A 201 -22.00 -45.78 -17.90
CA THR A 201 -22.44 -45.85 -16.52
C THR A 201 -23.72 -46.65 -16.35
N LEU A 202 -24.45 -46.88 -17.44
CA LEU A 202 -25.69 -47.65 -17.35
C LEU A 202 -25.36 -49.13 -17.19
N PRO A 203 -25.96 -49.83 -16.22
CA PRO A 203 -25.63 -51.25 -16.03
C PRO A 203 -26.28 -52.19 -17.04
N ASP A 204 -27.36 -51.77 -17.69
CA ASP A 204 -28.05 -52.65 -18.63
C ASP A 204 -27.32 -52.75 -19.97
N VAL A 205 -26.61 -51.70 -20.38
CA VAL A 205 -25.93 -51.71 -21.67
C VAL A 205 -24.73 -52.64 -21.62
N GLU A 206 -24.43 -53.27 -22.76
CA GLU A 206 -23.33 -54.21 -22.85
C GLU A 206 -22.10 -53.56 -23.46
N PRO A 207 -20.91 -53.84 -22.92
CA PRO A 207 -19.70 -53.16 -23.40
C PRO A 207 -19.41 -53.39 -24.88
N ALA A 208 -19.59 -54.60 -25.39
CA ALA A 208 -19.26 -54.87 -26.79
C ALA A 208 -20.16 -54.06 -27.73
N ARG A 209 -21.45 -54.00 -27.42
CA ARG A 209 -22.37 -53.18 -28.21
C ARG A 209 -21.93 -51.72 -28.21
N LEU A 210 -21.54 -51.21 -27.04
CA LEU A 210 -21.08 -49.83 -26.96
C LEU A 210 -19.83 -49.60 -27.79
N VAL A 211 -18.90 -50.56 -27.76
CA VAL A 211 -17.66 -50.42 -28.52
C VAL A 211 -17.97 -50.37 -30.02
N ALA A 212 -18.80 -51.30 -30.49
CA ALA A 212 -19.19 -51.30 -31.89
C ALA A 212 -19.88 -49.99 -32.28
N ALA A 213 -20.80 -49.53 -31.43
CA ALA A 213 -21.52 -48.28 -31.72
C ALA A 213 -20.55 -47.10 -31.78
N GLU A 214 -19.60 -47.03 -30.85
CA GLU A 214 -18.65 -45.93 -30.87
C GLU A 214 -17.77 -45.97 -32.11
N GLN A 215 -17.28 -47.15 -32.48
CA GLN A 215 -16.47 -47.26 -33.68
C GLN A 215 -17.23 -46.79 -34.91
N ARG A 216 -18.48 -47.26 -35.07
CA ARG A 216 -19.24 -46.88 -36.26
C ARG A 216 -19.57 -45.38 -36.25
N ALA A 217 -19.97 -44.85 -35.09
CA ALA A 217 -20.30 -43.43 -35.03
C ALA A 217 -19.08 -42.56 -35.32
N ARG A 218 -17.90 -42.99 -34.85
CA ARG A 218 -16.69 -42.23 -35.13
C ARG A 218 -16.33 -42.31 -36.61
N GLU A 219 -16.45 -43.49 -37.22
CA GLU A 219 -16.26 -43.60 -38.66
C GLU A 219 -17.22 -42.70 -39.43
N ILE A 220 -18.44 -42.54 -38.92
CA ILE A 220 -19.40 -41.65 -39.57
C ILE A 220 -18.98 -40.19 -39.42
N LEU A 221 -18.58 -39.80 -38.20
CA LEU A 221 -18.20 -38.41 -37.97
C LEU A 221 -17.02 -37.98 -38.83
N ARG A 222 -16.19 -38.92 -39.25
CA ARG A 222 -15.00 -38.61 -40.04
C ARG A 222 -15.32 -38.29 -41.50
N PHE A 223 -16.58 -38.38 -41.92
CA PHE A 223 -16.91 -38.15 -43.32
C PHE A 223 -18.28 -37.48 -43.51
N SER A 224 -19.33 -38.09 -42.95
CA SER A 224 -20.68 -37.66 -43.27
C SER A 224 -20.95 -36.20 -42.94
N PRO A 225 -20.69 -35.72 -41.72
CA PRO A 225 -20.97 -34.30 -41.41
C PRO A 225 -20.05 -33.34 -42.13
N LEU A 226 -18.93 -33.80 -42.69
CA LEU A 226 -18.02 -32.92 -43.40
C LEU A 226 -18.35 -32.78 -44.88
N ILE A 227 -18.95 -33.80 -45.49
CA ILE A 227 -19.34 -33.72 -46.90
C ILE A 227 -20.72 -33.11 -47.09
N THR A 228 -21.55 -33.09 -46.04
CA THR A 228 -22.87 -32.49 -46.08
C THR A 228 -22.84 -31.15 -45.35
N ASP A 229 -23.99 -30.48 -45.31
CA ASP A 229 -24.13 -29.20 -44.61
C ASP A 229 -24.45 -29.37 -43.14
N ALA A 230 -23.93 -30.42 -42.50
CA ALA A 230 -24.29 -30.70 -41.11
C ALA A 230 -23.86 -29.57 -40.18
N TYR A 231 -22.63 -29.07 -40.37
CA TYR A 231 -22.13 -28.02 -39.48
C TYR A 231 -22.96 -26.75 -39.55
N PHE A 232 -23.64 -26.53 -40.67
CA PHE A 232 -24.36 -25.27 -40.86
C PHE A 232 -25.73 -25.24 -40.20
N HIS A 233 -26.35 -26.40 -39.97
CA HIS A 233 -27.70 -26.44 -39.43
C HIS A 233 -27.82 -27.15 -38.09
N PHE A 234 -26.75 -27.76 -37.59
CA PHE A 234 -26.83 -28.55 -36.37
C PHE A 234 -25.61 -28.26 -35.49
N THR A 235 -25.79 -28.51 -34.20
CA THR A 235 -24.84 -28.35 -33.10
C THR A 235 -23.95 -29.58 -32.99
N PRO A 236 -22.68 -29.41 -32.60
CA PRO A 236 -21.81 -30.57 -32.40
C PRO A 236 -22.47 -31.68 -31.60
N SER A 237 -23.19 -31.34 -30.53
CA SER A 237 -23.92 -32.36 -29.79
C SER A 237 -24.99 -33.01 -30.65
N GLN A 238 -25.71 -32.22 -31.44
CA GLN A 238 -26.74 -32.78 -32.30
C GLN A 238 -26.14 -33.68 -33.37
N ILE A 239 -25.03 -33.26 -33.96
CA ILE A 239 -24.38 -34.08 -34.98
C ILE A 239 -23.84 -35.37 -34.37
N MET A 240 -23.27 -35.29 -33.16
CA MET A 240 -22.79 -36.49 -32.49
C MET A 240 -23.93 -37.45 -32.20
N LEU A 241 -25.05 -36.93 -31.69
CA LEU A 241 -26.21 -37.78 -31.43
C LEU A 241 -26.76 -38.39 -32.71
N ALA A 242 -26.69 -37.65 -33.82
CA ALA A 242 -27.14 -38.20 -35.09
C ALA A 242 -26.22 -39.33 -35.56
N ALA A 243 -24.91 -39.13 -35.45
CA ALA A 243 -23.97 -40.20 -35.81
C ALA A 243 -24.18 -41.43 -34.94
N LEU A 244 -24.45 -41.23 -33.64
CA LEU A 244 -24.71 -42.37 -32.76
C LEU A 244 -26.00 -43.07 -33.14
N SER A 245 -27.06 -42.30 -33.40
CA SER A 245 -28.32 -42.90 -33.83
C SER A 245 -28.14 -43.69 -35.11
N LEU A 246 -27.24 -43.23 -35.99
CA LEU A 246 -26.91 -44.01 -37.19
C LEU A 246 -26.14 -45.28 -36.83
N ALA A 247 -25.30 -45.22 -35.78
CA ALA A 247 -24.56 -46.41 -35.37
C ALA A 247 -25.43 -47.37 -34.57
N ASP A 248 -26.27 -46.86 -33.68
CA ASP A 248 -27.13 -47.70 -32.85
C ASP A 248 -28.22 -46.79 -32.27
N ARG A 249 -29.35 -46.69 -32.98
CA ARG A 249 -30.42 -45.79 -32.54
C ARG A 249 -30.83 -46.06 -31.10
N GLY A 250 -30.75 -47.31 -30.66
CA GLY A 250 -31.18 -47.63 -29.30
C GLY A 250 -30.40 -46.86 -28.26
N LEU A 251 -29.07 -46.82 -28.40
CA LEU A 251 -28.24 -46.15 -27.41
C LEU A 251 -28.49 -44.65 -27.40
N ALA A 252 -28.61 -44.03 -28.58
CA ALA A 252 -28.85 -42.59 -28.63
C ALA A 252 -30.20 -42.23 -28.03
N GLU A 253 -31.24 -42.99 -28.40
CA GLU A 253 -32.55 -42.74 -27.81
C GLU A 253 -32.52 -42.97 -26.31
N ARG A 254 -31.76 -43.96 -25.84
CA ARG A 254 -31.63 -44.19 -24.40
C ARG A 254 -30.98 -42.99 -23.71
N LEU A 255 -29.92 -42.46 -24.30
CA LEU A 255 -29.24 -41.31 -23.71
C LEU A 255 -30.18 -40.10 -23.64
N ILE A 256 -30.90 -39.83 -24.72
CA ILE A 256 -31.83 -38.69 -24.70
C ILE A 256 -32.92 -38.91 -23.67
N GLN A 257 -33.45 -40.14 -23.59
CA GLN A 257 -34.50 -40.44 -22.62
C GLN A 257 -33.99 -40.29 -21.19
N ASP A 258 -32.75 -40.69 -20.95
CA ASP A 258 -32.16 -40.51 -19.61
C ASP A 258 -32.00 -39.02 -19.29
N THR A 259 -31.54 -38.23 -20.25
CA THR A 259 -31.31 -36.81 -19.98
C THR A 259 -32.62 -36.07 -19.72
N PHE A 260 -33.68 -36.42 -20.46
CA PHE A 260 -34.93 -35.67 -20.32
C PHE A 260 -35.89 -36.26 -19.29
N HIS A 261 -35.73 -37.53 -18.90
CA HIS A 261 -36.54 -38.05 -17.82
C HIS A 261 -36.14 -37.42 -16.49
N TYR A 262 -34.85 -37.19 -16.29
CA TYR A 262 -34.34 -36.57 -15.07
C TYR A 262 -34.13 -35.06 -15.27
N SER A 312 -40.87 -33.34 -22.25
CA SER A 312 -41.58 -32.12 -22.59
C SER A 312 -41.45 -31.81 -24.09
N HIS A 313 -41.90 -30.62 -24.48
CA HIS A 313 -41.78 -30.20 -25.87
C HIS A 313 -40.33 -30.15 -26.32
N VAL A 314 -39.42 -29.76 -25.43
CA VAL A 314 -38.00 -29.70 -25.78
C VAL A 314 -37.48 -31.08 -26.18
N ARG A 315 -37.95 -32.13 -25.50
CA ARG A 315 -37.51 -33.48 -25.87
C ARG A 315 -37.93 -33.82 -27.29
N ASP A 316 -39.19 -33.54 -27.64
CA ASP A 316 -39.65 -33.84 -28.99
C ASP A 316 -38.91 -33.02 -30.03
N LYS A 317 -38.66 -31.74 -29.75
CA LYS A 317 -37.94 -30.90 -30.70
C LYS A 317 -36.51 -31.38 -30.90
N VAL A 318 -35.86 -31.80 -29.81
CA VAL A 318 -34.51 -32.34 -29.92
C VAL A 318 -34.51 -33.63 -30.74
N LEU A 319 -35.49 -34.50 -30.50
CA LEU A 319 -35.57 -35.73 -31.28
C LEU A 319 -35.79 -35.45 -32.76
N GLY A 320 -36.64 -34.47 -33.07
CA GLY A 320 -36.86 -34.11 -34.47
C GLY A 320 -35.62 -33.57 -35.14
N THR A 321 -34.90 -32.67 -34.45
CA THR A 321 -33.66 -32.16 -35.01
C THR A 321 -32.64 -33.29 -35.21
N ILE A 322 -32.55 -34.19 -34.23
CA ILE A 322 -31.63 -35.32 -34.35
C ILE A 322 -31.99 -36.19 -35.54
N GLU A 323 -33.28 -36.38 -35.79
CA GLU A 323 -33.70 -37.21 -36.93
C GLU A 323 -33.38 -36.52 -38.25
N ALA A 324 -33.61 -35.21 -38.33
CA ALA A 324 -33.26 -34.47 -39.55
C ALA A 324 -31.76 -34.57 -39.82
N CYS A 325 -30.94 -34.37 -38.79
CA CYS A 325 -29.50 -34.50 -38.95
C CYS A 325 -29.11 -35.92 -39.35
N ARG A 326 -29.81 -36.91 -38.79
CA ARG A 326 -29.55 -38.30 -39.11
C ARG A 326 -29.80 -38.57 -40.59
N ASP A 327 -30.89 -38.02 -41.13
CA ASP A 327 -31.16 -38.21 -42.56
C ASP A 327 -30.15 -37.48 -43.42
N MET A 328 -29.84 -36.23 -43.08
CA MET A 328 -28.83 -35.50 -43.85
C MET A 328 -27.51 -36.25 -43.87
N LEU A 329 -27.16 -36.91 -42.77
CA LEU A 329 -25.92 -37.69 -42.74
C LEU A 329 -26.06 -38.98 -43.53
N SER A 330 -27.19 -39.68 -43.39
CA SER A 330 -27.38 -40.95 -44.07
C SER A 330 -27.30 -40.77 -45.58
N LYS A 331 -27.66 -39.58 -46.07
CA LYS A 331 -27.55 -39.36 -47.51
C LYS A 331 -26.11 -39.36 -48.02
N GLU A 332 -25.11 -39.40 -47.13
CA GLU A 332 -23.71 -39.41 -47.54
C GLU A 332 -22.88 -40.15 -46.48
N LEU A 333 -23.06 -41.47 -46.41
CA LEU A 333 -22.36 -42.29 -45.43
C LEU A 333 -20.91 -42.53 -45.86
N PRO A 334 -20.08 -43.04 -44.95
CA PRO A 334 -18.65 -43.17 -45.25
C PRO A 334 -18.36 -44.00 -46.49
N GLU A 335 -19.19 -44.99 -46.81
CA GLU A 335 -18.94 -45.79 -48.01
C GLU A 335 -18.90 -44.91 -49.25
N ARG A 336 -19.70 -43.84 -49.28
CA ARG A 336 -19.70 -42.93 -50.42
C ARG A 336 -18.33 -42.33 -50.70
N ARG A 337 -17.35 -42.55 -49.81
CA ARG A 337 -15.97 -42.18 -50.13
C ARG A 337 -15.58 -42.75 -51.48
N GLU A 338 -15.82 -44.04 -51.68
CA GLU A 338 -15.47 -44.67 -52.96
C GLU A 338 -16.21 -44.03 -54.13
N HIS A 339 -17.36 -43.41 -53.87
CA HIS A 339 -18.07 -42.70 -54.93
C HIS A 339 -17.32 -41.45 -55.36
N TRP A 340 -16.75 -40.72 -54.41
CA TRP A 340 -16.08 -39.46 -54.71
C TRP A 340 -14.63 -39.64 -55.13
N ASN A 341 -14.11 -40.86 -55.11
CA ASN A 341 -12.78 -41.17 -55.64
C ASN A 341 -12.86 -42.05 -56.88
N ASN A 342 -14.07 -42.31 -57.38
CA ASN A 342 -14.26 -43.17 -58.53
C ASN A 342 -13.88 -42.44 -59.82
N LYS A 343 -13.13 -43.13 -60.68
CA LYS A 343 -12.67 -42.52 -61.93
C LYS A 343 -13.83 -42.33 -62.91
N THR A 344 -14.77 -43.27 -62.93
CA THR A 344 -15.91 -43.14 -63.83
C THR A 344 -16.82 -42.00 -63.40
N VAL A 345 -17.10 -41.89 -62.10
CA VAL A 345 -17.91 -40.79 -61.59
C VAL A 345 -17.20 -39.46 -61.89
N TYR A 346 -15.87 -39.44 -61.76
CA TYR A 346 -15.12 -38.22 -62.07
C TYR A 346 -15.28 -37.83 -63.54
N LYS A 347 -15.04 -38.79 -64.45
CA LYS A 347 -15.13 -38.48 -65.87
C LYS A 347 -16.53 -38.11 -66.30
N ALA A 348 -17.56 -38.66 -65.64
CA ALA A 348 -18.93 -38.43 -66.08
C ALA A 348 -19.56 -37.19 -65.46
N GLN A 349 -19.34 -36.94 -64.18
CA GLN A 349 -20.00 -35.86 -63.46
C GLN A 349 -19.10 -34.68 -63.14
N ILE A 350 -17.79 -34.89 -63.04
CA ILE A 350 -16.87 -33.85 -62.58
C ILE A 350 -16.19 -33.13 -63.75
N GLN A 351 -15.66 -33.89 -64.71
CA GLN A 351 -14.83 -33.29 -65.75
C GLN A 351 -15.56 -32.22 -66.56
N PRO A 352 -16.77 -32.45 -67.06
CA PRO A 352 -17.49 -31.37 -67.76
C PRO A 352 -17.56 -30.09 -66.96
N ILE A 353 -17.83 -30.18 -65.65
CA ILE A 353 -17.92 -29.00 -64.81
C ILE A 353 -16.57 -28.29 -64.78
N ARG A 354 -15.47 -29.05 -64.69
CA ARG A 354 -14.16 -28.44 -64.64
C ARG A 354 -13.80 -27.75 -65.96
N LYS A 355 -14.22 -28.33 -67.10
CA LYS A 355 -13.98 -27.66 -68.37
C LYS A 355 -14.78 -26.36 -68.46
N LYS A 356 -16.06 -26.41 -68.07
CA LYS A 356 -16.88 -25.20 -68.06
C LYS A 356 -16.25 -24.13 -67.19
N LEU A 357 -15.70 -24.54 -66.04
CA LEU A 357 -15.04 -23.59 -65.15
C LEU A 357 -13.75 -23.05 -65.77
N ASN A 358 -13.00 -23.91 -66.44
CA ASN A 358 -11.75 -23.49 -67.08
C ASN A 358 -12.01 -22.52 -68.21
N LYS A 359 -13.24 -22.48 -68.74
CA LYS A 359 -13.58 -21.48 -69.74
C LYS A 359 -14.36 -20.29 -69.19
N CYS A 360 -14.87 -20.36 -67.96
CA CYS A 360 -15.64 -19.26 -67.40
C CYS A 360 -15.04 -18.69 -66.12
N ARG A 361 -13.77 -18.99 -65.84
CA ARG A 361 -13.18 -18.55 -64.58
C ARG A 361 -12.79 -17.08 -64.63
N ASP A 362 -12.59 -16.51 -63.45
CA ASP A 362 -12.18 -15.11 -63.33
C ASP A 362 -10.75 -14.96 -63.87
N PRO A 363 -10.51 -14.03 -64.81
CA PRO A 363 -9.17 -13.96 -65.40
C PRO A 363 -8.13 -13.34 -64.48
N ASP A 364 -8.52 -12.42 -63.61
CA ASP A 364 -7.57 -11.68 -62.79
C ASP A 364 -7.29 -12.33 -61.44
N ARG A 365 -8.29 -12.98 -60.85
CA ARG A 365 -8.19 -13.48 -59.48
C ARG A 365 -7.79 -14.96 -59.40
N TRP A 366 -7.72 -15.67 -60.53
CA TRP A 366 -7.46 -17.11 -60.49
C TRP A 366 -6.03 -17.41 -60.05
N ASN A 367 -5.06 -16.65 -60.56
CA ASN A 367 -3.66 -16.88 -60.23
C ASN A 367 -3.37 -16.22 -58.89
N LEU A 368 -3.29 -17.04 -57.84
CA LEU A 368 -3.11 -16.50 -56.49
C LEU A 368 -1.75 -15.85 -56.33
N VAL A 369 -0.71 -16.44 -56.92
CA VAL A 369 0.64 -15.86 -56.80
C VAL A 369 0.67 -14.47 -57.42
N GLU A 370 0.07 -14.31 -58.61
CA GLU A 370 0.09 -13.00 -59.26
C GLU A 370 -0.81 -12.01 -58.53
N LEU A 371 -1.96 -12.45 -58.03
CA LEU A 371 -2.79 -11.58 -57.21
C LEU A 371 -2.00 -11.04 -56.03
N GLN A 372 -1.29 -11.93 -55.34
CA GLN A 372 -0.47 -11.52 -54.19
C GLN A 372 0.62 -10.55 -54.61
N ARG A 373 1.29 -10.83 -55.73
CA ARG A 373 2.35 -9.93 -56.20
C ARG A 373 1.81 -8.54 -56.48
N ILE A 374 0.69 -8.46 -57.20
CA ILE A 374 0.16 -7.16 -57.58
C ILE A 374 -0.35 -6.42 -56.36
N ARG A 375 -0.89 -7.14 -55.38
CA ARG A 375 -1.33 -6.46 -54.16
C ARG A 375 -0.14 -5.93 -53.35
N ARG A 376 0.96 -6.68 -53.33
CA ARG A 376 2.18 -6.18 -52.69
C ARG A 376 2.67 -4.92 -53.39
N GLU A 377 2.72 -4.94 -54.72
CA GLU A 377 3.21 -3.79 -55.47
C GLU A 377 2.29 -2.59 -55.33
N GLN A 378 0.99 -2.82 -55.20
CA GLN A 378 0.06 -1.73 -54.95
C GLN A 378 0.21 -1.17 -53.55
N ALA A 379 0.54 -2.02 -52.58
CA ALA A 379 0.74 -1.53 -51.22
C ALA A 379 2.03 -0.74 -51.10
N SER A 380 3.08 -1.15 -51.82
CA SER A 380 4.36 -0.45 -51.73
C SER A 380 4.45 0.68 -52.76
N ARG A 381 4.28 0.34 -54.04
CA ARG A 381 4.43 1.31 -55.13
C ARG A 381 3.06 1.90 -55.43
N LYS A 382 2.91 3.20 -55.12
CA LYS A 382 1.63 3.86 -55.36
C LYS A 382 1.52 4.36 -56.81
N GLY A 383 2.44 5.22 -57.22
CA GLY A 383 2.43 5.74 -58.57
C GLY A 383 3.81 5.87 -59.18
N PHE A 384 4.81 5.33 -58.48
CA PHE A 384 6.20 5.40 -58.92
C PHE A 384 6.61 4.19 -59.75
N ASP A 385 5.78 3.81 -60.73
CA ASP A 385 6.02 2.60 -61.50
C ASP A 385 7.03 2.86 -62.61
N SER A 386 7.86 1.84 -62.88
CA SER A 386 8.85 1.92 -63.96
C SER A 386 8.83 0.69 -64.85
N ASP A 387 7.85 -0.19 -64.71
CA ASP A 387 7.71 -1.37 -65.56
C ASP A 387 6.43 -1.37 -66.38
N ASP A 388 5.60 -0.35 -66.26
CA ASP A 388 4.34 -0.29 -66.99
C ASP A 388 4.59 0.35 -68.35
N GLU A 389 4.16 -0.33 -69.41
CA GLU A 389 4.36 0.14 -70.77
C GLU A 389 3.06 0.55 -71.45
N GLY A 390 1.92 0.48 -70.78
CA GLY A 390 0.66 0.87 -71.37
C GLY A 390 -0.35 -0.26 -71.42
N PRO B 78 -13.14 -5.07 -55.78
CA PRO B 78 -14.48 -5.38 -56.28
C PRO B 78 -15.07 -6.63 -55.65
N ASP B 79 -14.31 -7.31 -54.79
CA ASP B 79 -14.81 -8.51 -54.15
C ASP B 79 -15.83 -8.16 -53.07
N PRO B 80 -16.92 -8.94 -52.94
CA PRO B 80 -17.88 -8.66 -51.87
C PRO B 80 -17.28 -8.73 -50.47
N VAL B 81 -16.44 -9.73 -50.20
CA VAL B 81 -15.80 -9.81 -48.89
C VAL B 81 -14.85 -8.63 -48.67
N GLU B 82 -14.22 -8.14 -49.74
CA GLU B 82 -13.32 -7.01 -49.58
C GLU B 82 -14.08 -5.74 -49.22
N GLN B 83 -15.21 -5.48 -49.88
CA GLN B 83 -16.00 -4.31 -49.51
C GLN B 83 -16.67 -4.47 -48.16
N MET B 84 -16.98 -5.70 -47.75
CA MET B 84 -17.48 -5.90 -46.39
C MET B 84 -16.39 -5.58 -45.36
N ASN B 85 -15.16 -6.01 -45.63
CA ASN B 85 -14.05 -5.66 -44.75
C ASN B 85 -13.84 -4.16 -44.71
N GLU B 86 -13.98 -3.48 -45.84
CA GLU B 86 -13.82 -2.03 -45.84
C GLU B 86 -14.94 -1.35 -45.07
N ALA B 87 -16.16 -1.88 -45.15
CA ALA B 87 -17.25 -1.34 -44.36
C ALA B 87 -17.01 -1.53 -42.87
N GLU B 88 -16.43 -2.67 -42.49
CA GLU B 88 -16.09 -2.88 -41.08
C GLU B 88 -14.95 -1.97 -40.64
N LYS B 89 -13.99 -1.72 -41.53
CA LYS B 89 -12.88 -0.82 -41.22
C LYS B 89 -13.35 0.62 -41.08
N ARG B 90 -14.35 1.04 -41.86
CA ARG B 90 -14.88 2.40 -41.75
C ARG B 90 -15.64 2.62 -40.45
N LYS B 91 -16.03 1.54 -39.75
CA LYS B 91 -16.77 1.69 -38.50
C LYS B 91 -15.98 2.40 -37.42
N TYR B 92 -14.65 2.41 -37.53
CA TYR B 92 -13.78 2.98 -36.52
C TYR B 92 -12.80 3.94 -37.17
N ILE B 93 -12.73 5.16 -36.63
CA ILE B 93 -11.81 6.18 -37.12
C ILE B 93 -10.48 6.02 -36.36
N LYS B 94 -9.39 5.92 -37.12
CA LYS B 94 -8.06 5.77 -36.55
C LYS B 94 -7.47 7.13 -36.19
N GLY B 95 -6.70 7.15 -35.11
CA GLY B 95 -6.13 8.37 -34.59
C GLY B 95 -4.64 8.22 -34.32
N LYS B 96 -4.21 8.77 -33.18
CA LYS B 96 -2.79 8.81 -32.85
C LYS B 96 -2.21 7.41 -32.73
N LYS B 97 -0.93 7.29 -33.07
CA LYS B 97 -0.20 6.04 -32.95
C LYS B 97 0.33 5.91 -31.52
N LEU B 98 -0.22 4.96 -30.76
CA LEU B 98 0.11 4.85 -29.35
C LEU B 98 1.42 4.10 -29.12
N GLY B 99 1.76 3.16 -29.99
CA GLY B 99 2.93 2.34 -29.77
C GLY B 99 3.46 1.74 -31.06
N GLU B 100 4.76 1.44 -31.06
CA GLU B 100 5.43 0.80 -32.19
C GLU B 100 6.13 -0.44 -31.65
N GLY B 101 5.57 -1.62 -31.92
CA GLY B 101 6.16 -2.85 -31.45
C GLY B 101 6.68 -3.73 -32.56
N THR B 102 7.54 -4.70 -32.23
CA THR B 102 8.03 -5.63 -33.24
C THR B 102 6.91 -6.53 -33.75
N TYR B 103 5.90 -6.79 -32.93
CA TYR B 103 4.81 -7.68 -33.30
C TYR B 103 3.70 -6.95 -34.05
N ALA B 104 3.32 -5.76 -33.60
CA ALA B 104 2.26 -5.00 -34.26
C ALA B 104 2.39 -3.53 -33.89
N ASN B 105 1.60 -2.70 -34.57
CA ASN B 105 1.52 -1.27 -34.30
C ASN B 105 0.13 -0.92 -33.81
N VAL B 106 0.06 -0.17 -32.71
CA VAL B 106 -1.22 0.15 -32.06
C VAL B 106 -1.57 1.60 -32.33
N TYR B 107 -2.81 1.85 -32.74
CA TYR B 107 -3.32 3.18 -32.95
C TYR B 107 -4.55 3.42 -32.08
N LEU B 108 -4.70 4.66 -31.63
CA LEU B 108 -5.94 5.05 -30.98
C LEU B 108 -7.05 5.17 -32.02
N GLY B 109 -8.27 4.83 -31.62
CA GLY B 109 -9.39 4.95 -32.52
C GLY B 109 -10.68 5.16 -31.75
N HIS B 110 -11.73 5.47 -32.50
CA HIS B 110 -13.03 5.67 -31.88
C HIS B 110 -14.14 5.31 -32.85
N SER B 111 -15.25 4.81 -32.30
CA SER B 111 -16.37 4.37 -33.11
C SER B 111 -16.93 5.53 -33.94
N ARG B 112 -17.34 5.21 -35.16
CA ARG B 112 -17.95 6.22 -36.02
C ARG B 112 -19.33 6.62 -35.53
N ASP B 113 -20.09 5.67 -34.97
CA ASP B 113 -21.41 5.97 -34.44
C ASP B 113 -21.37 6.59 -33.05
N ASP B 114 -20.26 6.43 -32.33
CA ASP B 114 -20.12 6.98 -30.98
C ASP B 114 -18.68 7.37 -30.75
N PRO B 115 -18.29 8.59 -31.16
CA PRO B 115 -16.90 9.02 -30.97
C PRO B 115 -16.44 9.03 -29.52
N ASN B 116 -17.37 8.97 -28.56
CA ASN B 116 -16.97 8.84 -27.17
C ASN B 116 -16.48 7.43 -26.84
N PHE B 117 -16.90 6.44 -27.61
CA PHE B 117 -16.46 5.06 -27.41
C PHE B 117 -15.09 4.89 -28.04
N LYS B 118 -14.06 4.81 -27.19
CA LYS B 118 -12.69 4.67 -27.66
C LYS B 118 -12.34 3.19 -27.88
N VAL B 119 -11.23 2.97 -28.57
CA VAL B 119 -10.84 1.61 -28.97
C VAL B 119 -9.37 1.64 -29.35
N ALA B 120 -8.74 0.47 -29.33
CA ALA B 120 -7.35 0.32 -29.76
C ALA B 120 -7.30 -0.55 -31.01
N ILE B 121 -6.68 -0.05 -32.06
CA ILE B 121 -6.56 -0.76 -33.32
C ILE B 121 -5.14 -1.28 -33.42
N LYS B 122 -4.97 -2.59 -33.25
CA LYS B 122 -3.67 -3.24 -33.37
C LYS B 122 -3.54 -3.80 -34.79
N LYS B 123 -2.68 -3.18 -35.60
CA LYS B 123 -2.38 -3.63 -36.95
C LYS B 123 -1.14 -4.51 -36.89
N ILE B 124 -1.33 -5.80 -37.19
CA ILE B 124 -0.25 -6.77 -37.04
C ILE B 124 0.66 -6.68 -38.26
N LYS B 125 1.90 -6.26 -38.03
CA LYS B 125 2.87 -6.09 -39.10
C LYS B 125 3.53 -7.42 -39.43
N VAL B 126 3.70 -7.68 -40.73
CA VAL B 126 4.34 -8.92 -41.16
C VAL B 126 5.73 -9.02 -40.55
N GLN B 127 6.12 -10.23 -40.17
CA GLN B 127 7.44 -10.49 -39.61
C GLN B 127 8.29 -11.13 -40.71
N ALA B 128 9.21 -10.35 -41.26
CA ALA B 128 10.07 -10.86 -42.34
C ALA B 128 10.87 -12.07 -41.92
N GLN B 129 11.11 -12.26 -40.62
CA GLN B 129 11.91 -13.38 -40.16
C GLN B 129 11.18 -14.72 -40.33
N TYR B 130 9.85 -14.72 -40.41
CA TYR B 130 9.07 -15.94 -40.47
C TYR B 130 8.64 -16.21 -41.91
N LYS B 131 9.09 -17.34 -42.46
CA LYS B 131 8.82 -17.70 -43.85
C LYS B 131 7.67 -18.70 -43.98
N ASP B 132 6.99 -19.05 -42.90
CA ASP B 132 5.92 -20.03 -42.94
C ASP B 132 4.53 -19.40 -42.92
N GLY B 133 4.38 -18.22 -43.50
CA GLY B 133 3.08 -17.60 -43.59
C GLY B 133 2.70 -16.82 -42.34
N MET B 134 1.43 -16.89 -41.95
CA MET B 134 0.95 -16.14 -40.81
C MET B 134 1.60 -16.62 -39.51
N ALA B 135 2.01 -15.68 -38.68
CA ALA B 135 2.73 -16.01 -37.47
C ALA B 135 1.83 -16.75 -36.47
N PRO B 136 2.40 -17.68 -35.70
CA PRO B 136 1.57 -18.44 -34.74
C PRO B 136 0.89 -17.56 -33.71
N ASP B 137 1.55 -16.50 -33.25
CA ASP B 137 0.91 -15.64 -32.26
C ASP B 137 -0.31 -14.95 -32.85
N ALA B 138 -0.25 -14.56 -34.13
CA ALA B 138 -1.38 -13.93 -34.78
C ALA B 138 -2.57 -14.88 -34.82
N VAL B 139 -2.35 -16.12 -35.30
CA VAL B 139 -3.44 -17.09 -35.37
C VAL B 139 -3.98 -17.38 -33.97
N ARG B 140 -3.10 -17.55 -32.99
CA ARG B 140 -3.53 -17.90 -31.64
C ARG B 140 -4.40 -16.80 -31.05
N GLU B 141 -3.97 -15.54 -31.19
CA GLU B 141 -4.82 -14.45 -30.71
C GLU B 141 -6.15 -14.44 -31.45
N LEU B 142 -6.11 -14.48 -32.79
CA LEU B 142 -7.33 -14.42 -33.57
C LEU B 142 -8.34 -15.49 -33.15
N LYS B 143 -7.85 -16.66 -32.76
CA LYS B 143 -8.73 -17.74 -32.34
C LYS B 143 -9.23 -17.52 -30.91
N TYR B 144 -8.30 -17.39 -29.96
CA TYR B 144 -8.66 -17.50 -28.55
C TYR B 144 -9.24 -16.22 -27.99
N LEU B 145 -8.80 -15.05 -28.46
CA LEU B 145 -9.44 -13.81 -28.02
C LEU B 145 -10.93 -13.82 -28.38
N ARG B 146 -11.27 -14.42 -29.52
CA ARG B 146 -12.68 -14.59 -29.86
C ARG B 146 -13.33 -15.64 -28.97
N GLU B 147 -12.62 -16.73 -28.68
CA GLU B 147 -13.21 -17.78 -27.85
C GLU B 147 -13.53 -17.26 -26.45
N LEU B 148 -12.64 -16.45 -25.87
CA LEU B 148 -12.77 -16.04 -24.48
C LEU B 148 -13.50 -14.71 -24.28
N ARG B 149 -13.82 -13.99 -25.36
CA ARG B 149 -14.44 -12.68 -25.19
C ARG B 149 -15.76 -12.81 -24.43
N GLY B 150 -16.02 -11.84 -23.57
CA GLY B 150 -17.20 -11.84 -22.73
C GLY B 150 -16.89 -11.79 -21.24
N HIS B 151 -15.64 -12.01 -20.84
CA HIS B 151 -15.28 -11.93 -19.43
C HIS B 151 -14.65 -10.58 -19.13
N PRO B 152 -14.93 -10.01 -17.95
CA PRO B 152 -14.41 -8.67 -17.64
C PRO B 152 -12.91 -8.61 -17.47
N ASN B 153 -12.25 -9.75 -17.26
CA ASN B 153 -10.81 -9.77 -16.99
C ASN B 153 -10.00 -10.36 -18.14
N ILE B 154 -10.58 -10.43 -19.35
CA ILE B 154 -9.86 -10.80 -20.56
C ILE B 154 -10.06 -9.67 -21.56
N ILE B 155 -8.97 -9.27 -22.23
CA ILE B 155 -9.05 -8.15 -23.16
C ILE B 155 -10.06 -8.47 -24.23
N GLY B 156 -10.97 -7.52 -24.48
CA GLY B 156 -12.06 -7.77 -25.40
C GLY B 156 -11.66 -7.56 -26.85
N LEU B 157 -11.88 -8.57 -27.67
CA LEU B 157 -11.70 -8.47 -29.11
C LEU B 157 -12.98 -7.91 -29.71
N ILE B 158 -13.01 -6.59 -29.92
CA ILE B 158 -14.24 -5.96 -30.40
C ILE B 158 -14.52 -6.34 -31.84
N SER B 159 -13.49 -6.35 -32.68
CA SER B 159 -13.70 -6.63 -34.10
C SER B 159 -12.38 -7.08 -34.73
N VAL B 160 -12.49 -7.63 -35.94
CA VAL B 160 -11.33 -8.04 -36.73
C VAL B 160 -11.59 -7.69 -38.19
N PHE B 161 -10.59 -7.11 -38.84
CA PHE B 161 -10.77 -6.79 -40.27
C PHE B 161 -9.41 -6.72 -40.97
N SER B 162 -9.46 -6.91 -42.28
CA SER B 162 -8.27 -6.84 -43.13
C SER B 162 -8.18 -5.43 -43.74
N SER B 163 -6.98 -4.87 -43.71
CA SER B 163 -6.76 -3.55 -44.28
C SER B 163 -6.50 -3.66 -45.78
N LYS B 164 -6.52 -2.50 -46.45
CA LYS B 164 -6.34 -2.48 -47.90
C LYS B 164 -4.97 -3.04 -48.30
N ASP B 165 -3.97 -2.94 -47.42
CA ASP B 165 -2.64 -3.45 -47.70
C ASP B 165 -2.46 -4.91 -47.30
N GLN B 166 -3.55 -5.67 -47.22
CA GLN B 166 -3.50 -7.11 -46.95
C GLN B 166 -2.86 -7.42 -45.61
N ASN B 167 -3.19 -6.62 -44.60
CA ASN B 167 -2.73 -6.84 -43.24
C ASN B 167 -3.91 -7.12 -42.32
N LEU B 168 -3.60 -7.64 -41.14
CA LEU B 168 -4.59 -8.00 -40.14
C LEU B 168 -4.74 -6.87 -39.13
N ASN B 169 -5.98 -6.59 -38.73
CA ASN B 169 -6.27 -5.53 -37.78
C ASN B 169 -7.24 -6.05 -36.73
N LEU B 170 -6.88 -5.86 -35.46
CA LEU B 170 -7.71 -6.24 -34.33
C LEU B 170 -8.19 -4.99 -33.61
N VAL B 171 -9.50 -4.79 -33.57
CA VAL B 171 -10.11 -3.71 -32.80
C VAL B 171 -10.39 -4.27 -31.42
N LEU B 172 -9.69 -3.74 -30.41
CA LEU B 172 -9.71 -4.24 -29.05
C LEU B 172 -10.12 -3.15 -28.07
N GLU B 173 -10.45 -3.60 -26.86
CA GLU B 173 -10.71 -2.72 -25.73
C GLU B 173 -9.61 -1.67 -25.63
N TYR B 174 -9.97 -0.50 -25.08
CA TYR B 174 -9.00 0.57 -24.84
C TYR B 174 -8.57 0.53 -23.38
N LEU B 175 -7.28 0.28 -23.15
CA LEU B 175 -6.70 0.11 -21.82
C LEU B 175 -5.55 1.10 -21.67
N PRO B 176 -5.84 2.35 -21.30
CA PRO B 176 -4.80 3.38 -21.33
C PRO B 176 -3.87 3.39 -20.12
N LEU B 177 -4.20 2.67 -19.04
CA LEU B 177 -3.46 2.76 -17.79
C LEU B 177 -2.24 1.83 -17.76
N GLY B 178 -1.76 1.37 -18.92
CA GLY B 178 -0.54 0.59 -18.98
C GLY B 178 -0.73 -0.87 -18.60
N ASP B 179 0.23 -1.42 -17.86
CA ASP B 179 0.18 -2.80 -17.42
C ASP B 179 0.60 -2.85 -15.94
N LEU B 180 0.63 -4.06 -15.40
CA LEU B 180 0.96 -4.24 -13.99
C LEU B 180 2.46 -4.24 -13.73
N GLU B 181 3.27 -4.58 -14.74
CA GLU B 181 4.71 -4.55 -14.55
C GLU B 181 5.21 -3.13 -14.28
N MET B 182 4.71 -2.14 -15.02
CA MET B 182 5.18 -0.78 -14.81
C MET B 182 4.72 -0.22 -13.46
N LEU B 183 3.57 -0.69 -12.96
CA LEU B 183 3.18 -0.33 -11.61
C LEU B 183 4.11 -0.95 -10.58
N ILE B 184 4.45 -2.23 -10.75
CA ILE B 184 5.33 -2.90 -9.80
C ILE B 184 6.71 -2.27 -9.80
N ARG B 185 7.23 -1.94 -10.98
CA ARG B 185 8.61 -1.47 -11.07
C ARG B 185 8.77 -0.04 -10.57
N ASP B 186 7.74 0.79 -10.73
CA ASP B 186 7.80 2.20 -10.33
C ASP B 186 7.71 2.30 -8.81
N VAL B 187 8.76 1.80 -8.15
CA VAL B 187 8.77 1.75 -6.70
C VAL B 187 8.96 3.13 -6.08
N GLU B 188 9.48 4.10 -6.84
CA GLU B 188 9.71 5.41 -6.25
C GLU B 188 8.43 6.21 -6.10
N ARG B 189 7.46 6.00 -6.99
CA ARG B 189 6.28 6.85 -7.05
C ARG B 189 4.96 6.12 -6.83
N VAL B 190 4.88 4.82 -7.12
CA VAL B 190 3.64 4.06 -7.01
C VAL B 190 3.62 3.32 -5.68
N ARG B 191 2.57 3.54 -4.89
CA ARG B 191 2.41 2.91 -3.58
C ARG B 191 1.14 2.08 -3.58
N TYR B 192 1.27 0.81 -3.21
CA TYR B 192 0.12 -0.08 -3.08
C TYR B 192 0.33 -1.01 -1.89
N GLY B 193 -0.79 -1.48 -1.33
CA GLY B 193 -0.75 -2.28 -0.13
C GLY B 193 -1.35 -3.67 -0.30
N ALA B 194 -1.71 -4.29 0.82
CA ALA B 194 -2.21 -5.67 0.77
C ALA B 194 -3.54 -5.75 0.04
N ALA B 195 -4.47 -4.82 0.33
CA ALA B 195 -5.78 -4.89 -0.32
C ALA B 195 -5.65 -4.72 -1.83
N ASP B 196 -4.71 -3.90 -2.28
CA ASP B 196 -4.50 -3.72 -3.71
C ASP B 196 -3.96 -5.00 -4.34
N ILE B 197 -2.99 -5.64 -3.70
CA ILE B 197 -2.49 -6.91 -4.20
C ILE B 197 -3.62 -7.93 -4.24
N LYS B 198 -4.50 -7.91 -3.23
CA LYS B 198 -5.61 -8.85 -3.19
C LYS B 198 -6.55 -8.63 -4.36
N ALA B 199 -6.88 -7.36 -4.66
CA ALA B 199 -7.76 -7.07 -5.78
C ALA B 199 -7.12 -7.48 -7.10
N TRP B 200 -5.85 -7.14 -7.29
CA TRP B 200 -5.15 -7.51 -8.53
C TRP B 200 -5.09 -9.02 -8.70
N MET B 201 -4.75 -9.75 -7.63
CA MET B 201 -4.69 -11.20 -7.71
C MET B 201 -6.07 -11.79 -7.96
N GLY B 202 -7.12 -11.17 -7.41
CA GLY B 202 -8.46 -11.61 -7.73
C GLY B 202 -8.76 -11.49 -9.21
N MET B 203 -8.41 -10.34 -9.79
CA MET B 203 -8.61 -10.16 -11.23
C MET B 203 -7.85 -11.21 -12.04
N LEU B 204 -6.57 -11.40 -11.72
CA LEU B 204 -5.75 -12.34 -12.47
C LEU B 204 -6.29 -13.76 -12.34
N THR B 205 -6.65 -14.16 -11.11
CA THR B 205 -7.15 -15.50 -10.89
C THR B 205 -8.48 -15.72 -11.61
N ARG B 206 -9.34 -14.69 -11.64
CA ARG B 206 -10.59 -14.84 -12.37
C ARG B 206 -10.34 -14.96 -13.87
N ALA B 207 -9.37 -14.21 -14.39
CA ALA B 207 -9.03 -14.34 -15.81
C ALA B 207 -8.54 -15.74 -16.14
N VAL B 208 -7.62 -16.27 -15.32
CA VAL B 208 -7.09 -17.60 -15.59
C VAL B 208 -8.17 -18.66 -15.41
N TRP B 209 -9.06 -18.47 -14.42
CA TRP B 209 -10.15 -19.41 -14.24
C TRP B 209 -11.07 -19.41 -15.45
N TRP B 210 -11.36 -18.24 -16.03
CA TRP B 210 -12.17 -18.19 -17.23
C TRP B 210 -11.45 -18.85 -18.40
N CYS B 211 -10.14 -18.65 -18.50
CA CYS B 211 -9.35 -19.35 -19.51
C CYS B 211 -9.53 -20.85 -19.40
N HIS B 212 -9.23 -21.42 -18.23
CA HIS B 212 -9.27 -22.87 -18.07
C HIS B 212 -10.69 -23.41 -18.17
N GLU B 213 -11.69 -22.64 -17.72
CA GLU B 213 -13.07 -23.06 -17.84
C GLU B 213 -13.45 -23.32 -19.29
N ASN B 214 -12.80 -22.61 -20.22
CA ASN B 214 -13.01 -22.81 -21.65
C ASN B 214 -11.91 -23.64 -22.28
N PHE B 215 -11.11 -24.35 -21.47
CA PHE B 215 -10.11 -25.29 -21.97
C PHE B 215 -9.08 -24.58 -22.84
N ILE B 216 -8.44 -23.58 -22.26
CA ILE B 216 -7.39 -22.82 -22.94
C ILE B 216 -6.27 -22.57 -21.94
N LEU B 217 -5.04 -22.89 -22.34
CA LEU B 217 -3.86 -22.58 -21.56
C LEU B 217 -3.23 -21.30 -22.08
N HIS B 218 -2.86 -20.40 -21.17
CA HIS B 218 -2.26 -19.14 -21.60
C HIS B 218 -0.76 -19.30 -21.86
N ARG B 219 -0.04 -19.89 -20.91
CA ARG B 219 1.37 -20.26 -21.10
C ARG B 219 2.27 -19.05 -21.34
N ASP B 220 1.86 -17.87 -20.87
CA ASP B 220 2.75 -16.72 -20.93
C ASP B 220 2.24 -15.63 -19.98
N ILE B 221 1.86 -16.04 -18.78
CA ILE B 221 1.33 -15.12 -17.78
C ILE B 221 2.50 -14.41 -17.11
N LYS B 222 2.46 -13.08 -17.12
CA LYS B 222 3.49 -12.28 -16.48
C LYS B 222 2.96 -10.87 -16.28
N PRO B 223 3.67 -10.03 -15.52
CA PRO B 223 3.13 -8.70 -15.22
C PRO B 223 2.85 -7.85 -16.46
N ASN B 224 3.79 -7.78 -17.41
CA ASN B 224 3.60 -6.89 -18.54
C ASN B 224 2.50 -7.36 -19.48
N ASN B 225 1.93 -8.54 -19.26
CA ASN B 225 0.79 -9.02 -20.04
C ASN B 225 -0.54 -8.81 -19.31
N LEU B 226 -0.55 -8.04 -18.23
CA LEU B 226 -1.77 -7.72 -17.50
C LEU B 226 -2.03 -6.22 -17.69
N LEU B 227 -2.87 -5.89 -18.66
CA LEU B 227 -3.17 -4.49 -18.94
C LEU B 227 -4.23 -3.98 -17.97
N ILE B 228 -4.28 -2.66 -17.82
CA ILE B 228 -5.20 -2.03 -16.87
C ILE B 228 -6.12 -1.10 -17.64
N ALA B 229 -7.43 -1.28 -17.45
CA ALA B 229 -8.44 -0.48 -18.12
C ALA B 229 -8.60 0.87 -17.42
N ALA B 230 -9.46 1.72 -17.99
CA ALA B 230 -9.65 3.06 -17.47
C ALA B 230 -10.20 3.05 -16.05
N ASP B 231 -11.08 2.08 -15.75
CA ASP B 231 -11.67 1.99 -14.43
C ASP B 231 -10.82 1.20 -13.44
N GLY B 232 -9.70 0.64 -13.88
CA GLY B 232 -8.81 -0.12 -13.01
C GLY B 232 -8.93 -1.62 -13.14
N GLU B 233 -9.85 -2.12 -13.97
CA GLU B 233 -10.00 -3.56 -14.14
C GLU B 233 -8.83 -4.11 -14.95
N VAL B 234 -8.21 -5.17 -14.45
CA VAL B 234 -7.05 -5.76 -15.11
C VAL B 234 -7.53 -6.84 -16.08
N LYS B 235 -6.92 -6.85 -17.26
CA LYS B 235 -7.27 -7.75 -18.33
C LYS B 235 -6.02 -8.53 -18.76
N LEU B 236 -6.14 -9.84 -18.85
CA LEU B 236 -5.08 -10.65 -19.43
C LEU B 236 -5.07 -10.45 -20.94
N ALA B 237 -3.89 -10.23 -21.51
CA ALA B 237 -3.80 -9.69 -22.87
C ALA B 237 -3.07 -10.62 -23.83
N ASP B 238 -1.78 -10.87 -23.63
CA ASP B 238 -0.97 -11.54 -24.64
C ASP B 238 -1.36 -13.00 -24.73
N PHE B 239 -1.98 -13.39 -25.85
CA PHE B 239 -2.40 -14.77 -26.08
C PHE B 239 -1.60 -15.44 -27.19
N GLY B 240 -0.44 -14.88 -27.54
CA GLY B 240 0.37 -15.42 -28.61
C GLY B 240 0.93 -16.81 -28.34
N LEU B 241 0.85 -17.30 -27.11
CA LEU B 241 1.35 -18.61 -26.75
C LEU B 241 0.27 -19.56 -26.26
N ALA B 242 -1.01 -19.16 -26.34
CA ALA B 242 -2.08 -19.98 -25.82
C ALA B 242 -2.23 -21.26 -26.63
N ARG B 243 -2.95 -22.22 -26.04
CA ARG B 243 -3.20 -23.49 -26.70
C ARG B 243 -4.40 -24.14 -26.02
N SER B 244 -5.19 -24.86 -26.82
CA SER B 244 -6.30 -25.61 -26.26
C SER B 244 -5.78 -26.79 -25.45
N PHE B 245 -6.61 -27.24 -24.50
CA PHE B 245 -6.28 -28.42 -23.73
C PHE B 245 -6.06 -29.62 -24.65
N ALA B 246 -4.87 -30.21 -24.60
CA ALA B 246 -4.53 -31.32 -25.47
C ALA B 246 -5.18 -32.61 -24.97
N ASP B 247 -5.54 -33.48 -25.91
CA ASP B 247 -6.10 -34.77 -25.57
C ASP B 247 -5.00 -35.70 -25.05
N PRO B 248 -5.37 -36.81 -24.41
CA PRO B 248 -4.37 -37.75 -23.92
C PRO B 248 -3.51 -38.28 -25.07
N GLY B 249 -2.19 -38.28 -24.84
CA GLY B 249 -1.25 -38.73 -25.85
C GLY B 249 -0.86 -37.66 -26.84
N ARG B 250 -1.54 -36.52 -26.86
CA ARG B 250 -1.18 -35.41 -27.74
C ARG B 250 -0.08 -34.60 -27.07
N ARG B 251 1.12 -34.61 -27.66
CA ARG B 251 2.26 -33.93 -27.05
C ARG B 251 2.16 -32.43 -27.26
N MET B 252 2.60 -31.68 -26.26
CA MET B 252 2.64 -30.23 -26.28
C MET B 252 4.09 -29.77 -26.19
N THR B 253 4.30 -28.49 -26.51
CA THR B 253 5.64 -27.93 -26.45
C THR B 253 6.03 -27.67 -25.01
N ALA B 254 7.29 -27.94 -24.70
CA ALA B 254 7.87 -27.61 -23.39
C ALA B 254 8.48 -26.21 -23.36
N ASN B 255 8.51 -25.51 -24.48
CA ASN B 255 9.12 -24.19 -24.57
C ASN B 255 8.04 -23.12 -24.62
N VAL B 256 7.42 -22.87 -23.46
CA VAL B 256 6.41 -21.84 -23.30
C VAL B 256 6.57 -21.20 -21.92
N ILE B 257 5.96 -20.02 -21.77
CA ILE B 257 6.03 -19.26 -20.53
C ILE B 257 7.43 -18.70 -20.36
N THR B 258 7.53 -17.40 -20.10
CA THR B 258 8.82 -16.77 -19.90
C THR B 258 9.59 -17.49 -18.80
N ARG B 259 10.91 -17.56 -18.96
CA ARG B 259 11.73 -18.38 -18.06
C ARG B 259 11.42 -18.11 -16.60
N TRP B 260 11.38 -16.83 -16.21
CA TRP B 260 11.18 -16.49 -14.80
C TRP B 260 9.87 -17.03 -14.25
N TYR B 261 8.90 -17.34 -15.11
CA TYR B 261 7.59 -17.79 -14.68
C TYR B 261 7.26 -19.20 -15.14
N ARG B 262 8.24 -19.96 -15.59
CA ARG B 262 7.97 -21.30 -16.10
C ARG B 262 7.95 -22.31 -14.95
N PRO B 263 6.97 -23.22 -14.94
CA PRO B 263 6.89 -24.20 -13.86
C PRO B 263 7.98 -25.23 -13.98
N PRO B 264 8.26 -25.99 -12.93
CA PRO B 264 9.36 -26.97 -12.99
C PRO B 264 9.14 -28.06 -14.03
N GLU B 265 7.90 -28.49 -14.25
CA GLU B 265 7.67 -29.57 -15.21
C GLU B 265 7.98 -29.14 -16.63
N LEU B 266 7.79 -27.85 -16.95
CA LEU B 266 8.14 -27.38 -18.29
C LEU B 266 9.65 -27.26 -18.46
N LEU B 267 10.36 -26.79 -17.42
CA LEU B 267 11.81 -26.76 -17.49
C LEU B 267 12.36 -28.16 -17.72
N PHE B 268 11.70 -29.18 -17.18
CA PHE B 268 12.12 -30.57 -17.36
C PHE B 268 11.63 -31.15 -18.69
N GLY B 269 11.05 -30.33 -19.56
CA GLY B 269 10.64 -30.78 -20.88
C GLY B 269 9.34 -31.55 -20.93
N ALA B 270 8.48 -31.40 -19.92
CA ALA B 270 7.23 -32.16 -19.89
C ALA B 270 6.39 -31.85 -21.12
N ARG B 271 5.86 -32.90 -21.74
CA ARG B 271 5.09 -32.78 -22.96
C ARG B 271 3.60 -33.03 -22.77
N HIS B 272 3.18 -33.52 -21.61
CA HIS B 272 1.78 -33.78 -21.31
C HIS B 272 1.48 -33.15 -19.95
N TYR B 273 1.13 -31.87 -19.98
CA TYR B 273 0.84 -31.12 -18.75
C TYR B 273 -0.59 -30.58 -18.82
N GLY B 274 -0.95 -29.80 -17.80
CA GLY B 274 -2.30 -29.25 -17.72
C GLY B 274 -2.34 -27.82 -17.25
N GLY B 275 -3.51 -27.40 -16.73
CA GLY B 275 -3.67 -26.03 -16.28
C GLY B 275 -2.72 -25.60 -15.19
N ALA B 276 -2.14 -26.56 -14.46
CA ALA B 276 -1.22 -26.20 -13.38
C ALA B 276 -0.09 -25.32 -13.87
N VAL B 277 0.36 -25.53 -15.10
CA VAL B 277 1.46 -24.72 -15.63
C VAL B 277 1.13 -23.24 -15.54
N ASP B 278 -0.13 -22.89 -15.76
CA ASP B 278 -0.53 -21.49 -15.64
C ASP B 278 -0.53 -21.04 -14.18
N ILE B 279 -1.09 -21.86 -13.29
CA ILE B 279 -1.16 -21.50 -11.88
C ILE B 279 0.21 -21.11 -11.36
N TRP B 280 1.24 -21.89 -11.71
CA TRP B 280 2.60 -21.56 -11.29
C TRP B 280 2.95 -20.13 -11.67
N SER B 281 2.76 -19.76 -12.94
CA SER B 281 3.02 -18.39 -13.35
C SER B 281 2.27 -17.41 -12.47
N VAL B 282 0.98 -17.69 -12.22
CA VAL B 282 0.20 -16.82 -11.34
C VAL B 282 0.92 -16.67 -10.00
N GLY B 283 1.34 -17.79 -9.41
CA GLY B 283 2.10 -17.72 -8.17
C GLY B 283 3.30 -16.82 -8.32
N MET B 284 4.06 -16.99 -9.41
CA MET B 284 5.24 -16.14 -9.64
C MET B 284 4.86 -14.69 -9.82
N VAL B 285 3.67 -14.42 -10.37
CA VAL B 285 3.16 -13.05 -10.36
C VAL B 285 2.84 -12.63 -8.94
N PHE B 286 2.13 -13.48 -8.20
CA PHE B 286 1.77 -13.19 -6.82
C PHE B 286 3.02 -12.79 -6.04
N ALA B 287 4.03 -13.65 -6.03
CA ALA B 287 5.27 -13.35 -5.34
C ALA B 287 5.84 -12.01 -5.80
N GLU B 288 5.86 -11.79 -7.12
CA GLU B 288 6.45 -10.55 -7.63
C GLU B 288 5.67 -9.33 -7.17
N LEU B 289 4.36 -9.48 -6.94
CA LEU B 289 3.59 -8.37 -6.41
C LEU B 289 3.97 -8.06 -4.96
N ILE B 290 4.38 -9.08 -4.21
CA ILE B 290 4.65 -8.89 -2.79
C ILE B 290 6.01 -8.23 -2.58
N ILE B 291 7.03 -8.71 -3.29
CA ILE B 291 8.38 -8.17 -3.16
C ILE B 291 8.71 -7.14 -4.23
N ARG B 292 7.79 -6.87 -5.15
CA ARG B 292 7.97 -5.85 -6.18
C ARG B 292 9.28 -6.07 -6.94
N SER B 293 9.64 -7.33 -7.17
CA SER B 293 10.80 -7.71 -7.97
C SER B 293 10.64 -9.17 -8.37
N PRO B 294 11.19 -9.56 -9.52
CA PRO B 294 11.04 -10.96 -9.96
C PRO B 294 11.54 -11.93 -8.89
N PHE B 295 10.74 -12.96 -8.64
CA PHE B 295 11.07 -13.92 -7.58
C PHE B 295 12.29 -14.77 -7.97
N LEU B 296 12.23 -15.42 -9.13
CA LEU B 296 13.31 -16.28 -9.62
C LEU B 296 13.73 -15.83 -11.01
N PRO B 297 14.64 -14.85 -11.11
CA PRO B 297 15.04 -14.29 -12.41
C PRO B 297 16.30 -14.93 -12.98
N GLY B 298 16.18 -16.20 -13.38
CA GLY B 298 17.31 -16.91 -13.94
C GLY B 298 17.59 -16.50 -15.37
N ASN B 299 18.88 -16.52 -15.72
CA ASN B 299 19.33 -16.18 -17.07
C ASN B 299 19.45 -17.41 -17.96
N THR B 300 19.46 -18.61 -17.39
CA THR B 300 19.50 -19.85 -18.16
C THR B 300 18.54 -20.83 -17.53
N GLU B 301 18.20 -21.88 -18.28
CA GLU B 301 17.28 -22.88 -17.76
C GLU B 301 17.87 -23.57 -16.53
N MET B 302 19.18 -23.80 -16.53
CA MET B 302 19.81 -24.38 -15.34
C MET B 302 19.74 -23.41 -14.17
N GLU B 303 19.92 -22.12 -14.43
CA GLU B 303 19.79 -21.14 -13.36
C GLU B 303 18.37 -21.14 -12.79
N GLN B 304 17.38 -21.28 -13.66
CA GLN B 304 15.99 -21.33 -13.19
C GLN B 304 15.77 -22.56 -12.33
N ILE B 305 16.26 -23.72 -12.76
CA ILE B 305 16.10 -24.94 -11.98
C ILE B 305 16.80 -24.80 -10.63
N THR B 306 18.02 -24.25 -10.63
CA THR B 306 18.75 -24.08 -9.38
C THR B 306 18.02 -23.13 -8.44
N LEU B 307 17.45 -22.05 -8.97
CA LEU B 307 16.71 -21.12 -8.13
C LEU B 307 15.45 -21.77 -7.56
N ILE B 308 14.76 -22.59 -8.36
CA ILE B 308 13.58 -23.27 -7.83
C ILE B 308 13.97 -24.24 -6.73
N CYS B 309 15.08 -24.97 -6.92
CA CYS B 309 15.56 -25.86 -5.86
C CYS B 309 15.93 -25.07 -4.61
N LYS B 310 16.49 -23.88 -4.79
CA LYS B 310 17.01 -23.11 -3.66
C LYS B 310 15.88 -22.50 -2.84
N HIS B 311 14.93 -21.84 -3.51
CA HIS B 311 13.94 -21.03 -2.81
C HIS B 311 12.59 -21.72 -2.64
N ILE B 312 12.35 -22.83 -3.34
CA ILE B 312 11.10 -23.57 -3.23
C ILE B 312 11.32 -24.98 -2.70
N GLY B 313 12.32 -25.67 -3.22
CA GLY B 313 12.67 -27.00 -2.76
C GLY B 313 13.19 -27.85 -3.91
N THR B 314 14.10 -28.76 -3.59
CA THR B 314 14.66 -29.65 -4.59
C THR B 314 13.67 -30.77 -4.92
N PRO B 315 13.22 -30.89 -6.17
CA PRO B 315 12.31 -31.98 -6.52
C PRO B 315 13.01 -33.33 -6.40
N THR B 316 12.29 -34.29 -5.81
CA THR B 316 12.80 -35.65 -5.66
C THR B 316 11.66 -36.64 -5.91
N GLU B 317 12.04 -37.91 -6.06
CA GLU B 317 11.05 -38.97 -6.24
C GLU B 317 10.06 -39.04 -5.08
N GLU B 318 10.41 -38.49 -3.92
CA GLU B 318 9.51 -38.55 -2.78
C GLU B 318 8.34 -37.60 -2.93
N ASN B 319 8.62 -36.33 -3.25
CA ASN B 319 7.58 -35.32 -3.39
C ASN B 319 7.04 -35.21 -4.81
N TRP B 320 7.64 -35.88 -5.78
CA TRP B 320 7.25 -35.74 -7.18
C TRP B 320 7.59 -37.04 -7.92
N PRO B 321 6.74 -38.06 -7.78
CA PRO B 321 7.05 -39.36 -8.40
C PRO B 321 7.28 -39.23 -9.90
N GLY B 322 8.40 -39.79 -10.36
CA GLY B 322 8.72 -39.82 -11.77
C GLY B 322 9.39 -38.58 -12.32
N VAL B 323 9.75 -37.62 -11.47
CA VAL B 323 10.32 -36.37 -11.97
C VAL B 323 11.63 -36.62 -12.69
N SER B 324 12.43 -37.59 -12.21
CA SER B 324 13.71 -37.88 -12.84
C SER B 324 13.57 -38.49 -14.22
N LYS B 325 12.36 -38.83 -14.66
CA LYS B 325 12.13 -39.41 -15.97
C LYS B 325 11.62 -38.40 -16.98
N LEU B 326 11.52 -37.13 -16.62
CA LEU B 326 11.05 -36.12 -17.56
C LEU B 326 12.06 -35.95 -18.69
N PRO B 327 11.59 -35.61 -19.89
CA PRO B 327 12.48 -35.60 -21.07
C PRO B 327 13.75 -34.80 -20.88
N GLU B 328 13.73 -33.76 -20.06
CA GLU B 328 14.88 -32.88 -19.89
C GLU B 328 15.13 -32.62 -18.40
N TRP B 329 14.95 -33.64 -17.57
CA TRP B 329 15.19 -33.49 -16.15
C TRP B 329 16.66 -33.23 -15.88
N TRP B 330 16.94 -32.24 -15.04
CA TRP B 330 18.31 -31.90 -14.68
C TRP B 330 18.34 -31.41 -13.23
N ASP B 331 19.40 -31.78 -12.52
CA ASP B 331 19.58 -31.39 -11.14
C ASP B 331 21.02 -30.95 -10.94
N PRO B 332 21.26 -29.85 -10.23
CA PRO B 332 22.63 -29.35 -10.06
C PRO B 332 23.54 -30.28 -9.27
N MET B 333 23.02 -31.39 -8.73
CA MET B 333 23.82 -32.38 -8.03
C MET B 333 24.53 -31.78 -6.81
N GLU B 334 23.80 -30.96 -6.06
CA GLU B 334 24.24 -30.48 -4.77
C GLU B 334 23.37 -31.10 -3.68
N GLU B 335 23.69 -30.80 -2.43
CA GLU B 335 22.91 -31.31 -1.32
C GLU B 335 21.45 -30.90 -1.48
N PRO B 336 20.50 -31.84 -1.52
CA PRO B 336 19.11 -31.47 -1.77
C PRO B 336 18.54 -30.59 -0.67
N ILE B 337 17.67 -29.67 -1.08
CA ILE B 337 17.04 -28.71 -0.17
C ILE B 337 15.62 -29.19 0.12
N PRO B 338 15.25 -29.39 1.39
CA PRO B 338 13.87 -29.79 1.68
C PRO B 338 12.87 -28.73 1.24
N VAL B 339 11.70 -29.19 0.78
CA VAL B 339 10.67 -28.28 0.31
C VAL B 339 10.22 -27.39 1.46
N TRP B 340 10.29 -26.08 1.26
CA TRP B 340 9.91 -25.13 2.30
C TRP B 340 8.40 -25.17 2.52
N GLY B 341 7.99 -25.14 3.80
CA GLY B 341 6.59 -25.10 4.14
C GLY B 341 6.04 -23.69 4.13
N LYS B 342 4.76 -23.59 4.50
CA LYS B 342 4.10 -22.28 4.52
C LYS B 342 4.89 -21.29 5.38
N ASP B 343 5.24 -21.71 6.60
CA ASP B 343 5.88 -20.79 7.54
C ASP B 343 7.16 -20.20 6.95
N ALA B 344 7.91 -20.99 6.18
CA ALA B 344 9.18 -20.50 5.63
C ALA B 344 8.96 -19.27 4.76
N TYR B 345 7.80 -19.17 4.10
CA TYR B 345 7.52 -18.00 3.27
C TYR B 345 7.12 -16.79 4.09
N MET B 346 6.56 -17.01 5.28
CA MET B 346 6.00 -15.91 6.05
C MET B 346 7.02 -14.79 6.27
N ALA B 347 8.31 -15.14 6.34
CA ALA B 347 9.34 -14.15 6.61
C ALA B 347 9.46 -13.14 5.47
N ARG B 348 9.29 -13.59 4.23
CA ARG B 348 9.47 -12.73 3.07
C ARG B 348 8.17 -12.17 2.51
N PHE B 349 7.10 -12.95 2.52
CA PHE B 349 5.84 -12.57 1.91
C PHE B 349 4.74 -12.26 2.91
N GLY B 350 5.05 -12.28 4.21
CA GLY B 350 4.06 -12.03 5.23
C GLY B 350 3.28 -10.74 5.05
N ALA B 351 3.70 -9.92 4.08
CA ALA B 351 2.95 -8.71 3.76
C ALA B 351 1.50 -9.03 3.41
N VAL B 352 1.25 -10.22 2.86
CA VAL B 352 -0.12 -10.61 2.50
C VAL B 352 -0.82 -11.37 3.62
N GLY B 353 -0.17 -11.58 4.75
CA GLY B 353 -0.76 -12.29 5.87
C GLY B 353 -0.74 -13.79 5.70
N SER B 354 -0.82 -14.48 6.83
CA SER B 354 -0.71 -15.94 6.83
C SER B 354 -1.60 -16.57 5.77
N GLU B 355 -2.91 -16.30 5.87
CA GLU B 355 -3.85 -16.86 4.90
C GLU B 355 -3.37 -16.60 3.48
N GLY B 356 -3.04 -15.34 3.18
CA GLY B 356 -2.52 -15.03 1.86
C GLY B 356 -1.33 -15.90 1.48
N VAL B 357 -0.33 -15.96 2.37
CA VAL B 357 0.84 -16.79 2.10
C VAL B 357 0.42 -18.22 1.80
N ASP B 358 -0.57 -18.73 2.54
CA ASP B 358 -1.07 -20.07 2.25
C ASP B 358 -1.37 -20.23 0.77
N LEU B 359 -2.20 -19.32 0.22
CA LEU B 359 -2.49 -19.37 -1.20
C LEU B 359 -1.21 -19.41 -2.02
N LEU B 360 -0.27 -18.49 -1.74
CA LEU B 360 1.00 -18.49 -2.44
C LEU B 360 1.61 -19.88 -2.45
N TRP B 361 1.70 -20.49 -1.26
CA TRP B 361 2.32 -21.81 -1.16
C TRP B 361 1.58 -22.81 -2.04
N ARG B 362 0.24 -22.79 -2.00
CA ARG B 362 -0.52 -23.75 -2.80
C ARG B 362 -0.32 -23.56 -4.29
N THR B 363 0.06 -22.36 -4.73
CA THR B 363 0.31 -22.16 -6.15
C THR B 363 1.72 -22.57 -6.55
N LEU B 364 2.62 -22.79 -5.59
CA LEU B 364 4.03 -23.06 -5.87
C LEU B 364 4.43 -24.47 -5.47
N GLN B 365 3.54 -25.44 -5.71
CA GLN B 365 3.87 -26.83 -5.45
C GLN B 365 4.71 -27.40 -6.59
N LEU B 366 5.77 -28.12 -6.24
CA LEU B 366 6.66 -28.68 -7.26
C LEU B 366 5.90 -29.67 -8.14
N ASP B 367 5.22 -30.62 -7.53
CA ASP B 367 4.41 -31.57 -8.28
C ASP B 367 3.16 -30.86 -8.80
N PRO B 368 2.98 -30.71 -10.11
CA PRO B 368 1.77 -30.04 -10.62
C PRO B 368 0.49 -30.75 -10.22
N LYS B 369 0.56 -32.04 -9.88
CA LYS B 369 -0.62 -32.76 -9.44
C LYS B 369 -1.15 -32.23 -8.11
N LYS B 370 -0.25 -31.75 -7.24
CA LYS B 370 -0.65 -31.17 -5.96
C LYS B 370 -0.76 -29.64 -6.02
N ARG B 371 -0.62 -29.06 -7.21
CA ARG B 371 -0.76 -27.63 -7.38
C ARG B 371 -2.23 -27.22 -7.41
N ILE B 372 -2.54 -26.13 -6.70
CA ILE B 372 -3.92 -25.68 -6.60
C ILE B 372 -4.44 -25.30 -7.99
N THR B 373 -5.74 -25.50 -8.19
CA THR B 373 -6.39 -25.14 -9.45
C THR B 373 -7.08 -23.79 -9.34
N ALA B 374 -7.41 -23.22 -10.50
CA ALA B 374 -7.98 -21.88 -10.54
C ALA B 374 -9.30 -21.82 -9.80
N ARG B 375 -10.13 -22.85 -9.94
CA ARG B 375 -11.39 -22.91 -9.20
C ARG B 375 -11.11 -22.99 -7.71
N GLU B 376 -10.28 -23.95 -7.30
CA GLU B 376 -9.87 -24.02 -5.90
C GLU B 376 -9.32 -22.68 -5.42
N MET B 377 -8.58 -22.00 -6.30
CA MET B 377 -7.98 -20.72 -5.92
C MET B 377 -9.06 -19.68 -5.62
N LEU B 378 -10.05 -19.55 -6.51
CA LEU B 378 -11.10 -18.56 -6.28
C LEU B 378 -11.90 -18.88 -5.02
N GLU B 379 -11.85 -20.12 -4.53
CA GLU B 379 -12.55 -20.50 -3.31
C GLU B 379 -11.68 -20.42 -2.08
N HIS B 380 -10.48 -19.87 -2.19
CA HIS B 380 -9.56 -19.84 -1.07
C HIS B 380 -10.03 -18.85 -0.01
N ARG B 381 -9.57 -19.08 1.23
CA ARG B 381 -10.03 -18.27 2.35
C ARG B 381 -9.46 -16.85 2.33
N TRP B 382 -8.39 -16.62 1.58
CA TRP B 382 -7.73 -15.31 1.59
C TRP B 382 -8.66 -14.21 1.10
N TRP B 383 -9.50 -14.50 0.11
CA TRP B 383 -10.30 -13.45 -0.51
C TRP B 383 -11.28 -12.82 0.47
N ARG B 384 -11.87 -13.64 1.35
CA ARG B 384 -12.83 -13.13 2.33
C ARG B 384 -12.17 -12.68 3.63
N THR B 385 -10.87 -12.87 3.78
CA THR B 385 -10.18 -12.45 4.99
C THR B 385 -9.85 -10.97 4.92
N ASP B 386 -10.07 -10.27 6.04
CA ASP B 386 -9.78 -8.84 6.07
C ASP B 386 -8.28 -8.62 5.91
N PRO B 387 -7.88 -7.47 5.33
CA PRO B 387 -8.80 -6.45 4.84
C PRO B 387 -9.37 -6.76 3.46
N LYS B 388 -10.60 -6.32 3.20
CA LYS B 388 -11.24 -6.59 1.93
C LYS B 388 -10.44 -5.98 0.77
N PRO B 389 -10.57 -6.55 -0.43
CA PRO B 389 -9.82 -6.01 -1.58
C PRO B 389 -10.30 -4.61 -1.93
N THR B 390 -9.38 -3.83 -2.50
CA THR B 390 -9.69 -2.47 -2.87
C THR B 390 -10.64 -2.42 -4.05
N ARG B 391 -11.57 -1.47 -4.02
CA ARG B 391 -12.49 -1.29 -5.14
C ARG B 391 -11.70 -0.80 -6.36
N LYS B 392 -12.02 -1.36 -7.52
CA LYS B 392 -11.24 -1.07 -8.71
C LYS B 392 -11.12 0.42 -8.97
N GLU B 393 -12.14 1.19 -8.58
CA GLU B 393 -12.09 2.63 -8.76
C GLU B 393 -11.05 3.30 -7.87
N ASP B 394 -10.61 2.62 -6.81
CA ASP B 394 -9.64 3.17 -5.87
C ASP B 394 -8.23 2.61 -6.05
N LEU B 395 -8.00 1.78 -7.06
CA LEU B 395 -6.69 1.16 -7.22
C LEU B 395 -5.64 2.19 -7.60
N PRO B 396 -4.37 1.92 -7.28
CA PRO B 396 -3.30 2.86 -7.64
C PRO B 396 -3.16 2.96 -9.15
N LYS B 397 -2.97 4.19 -9.61
CA LYS B 397 -2.69 4.46 -11.02
C LYS B 397 -1.25 4.90 -11.20
N LYS B 398 -0.72 4.67 -12.39
CA LYS B 398 0.61 5.13 -12.72
C LYS B 398 0.65 6.65 -12.70
N SER B 399 1.83 7.20 -12.42
CA SER B 399 1.98 8.65 -12.29
C SER B 399 2.28 9.30 -13.64
N ASP C 4 -20.53 -13.87 -4.43
CA ASP C 4 -20.26 -14.83 -5.49
C ASP C 4 -18.80 -14.74 -5.92
N PRO C 5 -18.03 -15.80 -5.67
CA PRO C 5 -16.59 -15.74 -5.95
C PRO C 5 -16.24 -15.75 -7.42
N PHE C 6 -17.10 -16.28 -8.28
CA PHE C 6 -16.82 -16.35 -9.71
C PHE C 6 -17.33 -15.12 -10.47
N GLY C 7 -17.66 -14.04 -9.78
CA GLY C 7 -18.13 -12.85 -10.46
C GLY C 7 -19.36 -13.07 -11.31
N GLY C 8 -20.26 -13.94 -10.86
CA GLY C 8 -21.47 -14.22 -11.61
C GLY C 8 -21.26 -14.91 -12.93
N MET C 9 -20.09 -15.51 -13.15
CA MET C 9 -19.78 -16.20 -14.40
C MET C 9 -19.69 -17.70 -14.23
N GLU C 10 -19.95 -18.23 -13.04
CA GLU C 10 -19.76 -19.65 -12.79
C GLU C 10 -20.60 -20.49 -13.76
N PHE C 11 -19.95 -21.47 -14.37
CA PHE C 11 -20.61 -22.38 -15.29
C PHE C 11 -21.09 -23.62 -14.52
N VAL C 12 -22.41 -23.81 -14.49
CA VAL C 12 -23.00 -24.99 -13.86
C VAL C 12 -23.86 -25.71 -14.90
N PRO C 13 -23.44 -26.87 -15.38
CA PRO C 13 -24.22 -27.55 -16.42
C PRO C 13 -25.63 -27.85 -15.96
N SER C 14 -26.54 -27.92 -16.92
CA SER C 14 -27.97 -28.10 -16.64
C SER C 14 -28.45 -29.53 -16.88
N ARG C 15 -28.03 -30.15 -17.98
CA ARG C 15 -28.54 -31.46 -18.36
C ARG C 15 -27.57 -32.60 -18.08
N TYR C 16 -26.39 -32.31 -17.53
CA TYR C 16 -25.42 -33.35 -17.24
C TYR C 16 -24.63 -32.97 -15.99
N ARG C 17 -23.97 -33.98 -15.42
CA ARG C 17 -23.12 -33.78 -14.25
C ARG C 17 -21.89 -34.69 -14.38
N VAL C 18 -20.73 -34.13 -14.06
CA VAL C 18 -19.47 -34.84 -14.15
C VAL C 18 -19.23 -35.56 -12.83
N ARG C 19 -19.39 -36.88 -12.83
CA ARG C 19 -19.23 -37.69 -11.63
C ARG C 19 -17.95 -38.52 -11.72
N GLU C 20 -17.60 -39.14 -10.58
CA GLU C 20 -16.35 -39.87 -10.49
C GLU C 20 -16.36 -41.14 -11.35
N GLU C 21 -17.52 -41.76 -11.54
CA GLU C 21 -17.59 -43.03 -12.23
C GLU C 21 -17.36 -42.92 -13.73
N LEU C 22 -17.28 -41.70 -14.27
CA LEU C 22 -17.03 -41.54 -15.70
C LEU C 22 -15.59 -41.91 -16.03
N ASN C 23 -15.43 -42.82 -17.01
CA ASN C 23 -14.12 -43.21 -17.49
C ASN C 23 -14.28 -43.94 -18.80
N HIS C 24 -13.17 -44.04 -19.55
CA HIS C 24 -13.15 -44.70 -20.85
C HIS C 24 -11.91 -45.59 -20.92
N PRO C 25 -12.06 -46.82 -21.43
CA PRO C 25 -10.92 -47.75 -21.41
C PRO C 25 -9.71 -47.24 -22.17
N SER C 26 -9.92 -46.44 -23.22
CA SER C 26 -8.79 -45.88 -23.95
C SER C 26 -7.92 -44.99 -23.07
N LEU C 27 -8.49 -44.44 -21.99
CA LEU C 27 -7.73 -43.62 -21.07
C LEU C 27 -6.82 -44.44 -20.15
N ASP C 28 -7.13 -45.73 -19.96
CA ASP C 28 -6.34 -46.55 -19.04
C ASP C 28 -4.86 -46.58 -19.43
N LYS C 29 -4.57 -46.67 -20.72
CA LYS C 29 -3.18 -46.80 -21.16
C LYS C 29 -2.37 -45.54 -20.88
N TYR C 30 -3.03 -44.37 -20.85
CA TYR C 30 -2.34 -43.12 -20.55
C TYR C 30 -2.30 -42.85 -19.05
N ARG C 31 -3.38 -43.15 -18.32
CA ARG C 31 -3.39 -42.86 -16.89
C ARG C 31 -2.21 -43.50 -16.19
N ILE C 32 -1.68 -44.60 -16.72
CA ILE C 32 -0.51 -45.25 -16.16
C ILE C 32 0.76 -44.89 -16.89
N ASP C 33 0.69 -43.99 -17.88
CA ASP C 33 1.90 -43.53 -18.56
C ASP C 33 2.69 -42.60 -17.64
N GLN C 34 3.98 -42.88 -17.49
CA GLN C 34 4.81 -42.11 -16.57
C GLN C 34 4.75 -40.63 -16.89
N GLN C 35 4.83 -40.28 -18.18
CA GLN C 35 4.88 -38.86 -18.56
C GLN C 35 3.57 -38.15 -18.21
N HIS C 36 2.43 -38.81 -18.37
CA HIS C 36 1.16 -38.15 -18.14
C HIS C 36 0.93 -37.88 -16.65
N ILE C 37 1.27 -38.84 -15.79
CA ILE C 37 1.07 -38.63 -14.36
C ILE C 37 2.11 -37.66 -13.82
N THR C 38 3.40 -37.91 -14.10
CA THR C 38 4.45 -37.07 -13.54
C THR C 38 4.48 -35.68 -14.16
N GLY C 39 3.88 -35.48 -15.33
CA GLY C 39 3.85 -34.19 -15.97
C GLY C 39 2.65 -33.33 -15.66
N GLY C 40 1.67 -33.86 -14.95
CA GLY C 40 0.53 -33.08 -14.51
C GLY C 40 -0.63 -32.98 -15.49
N TYR C 41 -0.80 -33.98 -16.35
CA TYR C 41 -1.93 -33.97 -17.27
C TYR C 41 -3.22 -34.27 -16.50
N SER C 42 -4.26 -33.47 -16.76
CA SER C 42 -5.52 -33.58 -16.05
C SER C 42 -6.52 -34.39 -16.87
N PHE C 43 -6.79 -35.62 -16.44
CA PHE C 43 -7.84 -36.41 -17.08
C PHE C 43 -9.22 -35.90 -16.68
N LEU C 44 -9.34 -35.32 -15.49
CA LEU C 44 -10.61 -34.72 -15.09
C LEU C 44 -11.01 -33.61 -16.04
N ASP C 45 -10.05 -32.78 -16.44
CA ASP C 45 -10.34 -31.71 -17.39
C ASP C 45 -10.79 -32.27 -18.72
N TYR C 46 -10.15 -33.35 -19.20
CA TYR C 46 -10.55 -33.95 -20.46
C TYR C 46 -11.95 -34.53 -20.38
N ILE C 47 -12.28 -35.20 -19.28
CA ILE C 47 -13.63 -35.74 -19.10
C ILE C 47 -14.66 -34.62 -19.12
N SER C 48 -14.36 -33.53 -18.39
CA SER C 48 -15.29 -32.40 -18.34
C SER C 48 -15.49 -31.80 -19.72
N ARG C 49 -14.40 -31.62 -20.47
CA ARG C 49 -14.49 -31.08 -21.82
C ARG C 49 -15.33 -31.97 -22.72
N ALA C 50 -15.12 -33.29 -22.63
CA ALA C 50 -15.90 -34.22 -23.44
C ALA C 50 -17.38 -34.13 -23.13
N MET C 51 -17.73 -34.14 -21.85
CA MET C 51 -19.14 -34.06 -21.47
C MET C 51 -19.75 -32.74 -21.95
N PHE C 52 -19.06 -31.62 -21.69
CA PHE C 52 -19.58 -30.32 -22.12
C PHE C 52 -19.84 -30.30 -23.61
N GLU C 53 -18.88 -30.78 -24.41
CA GLU C 53 -19.07 -30.77 -25.86
C GLU C 53 -20.17 -31.74 -26.28
N ALA C 54 -20.39 -32.80 -25.51
CA ALA C 54 -21.46 -33.73 -25.86
C ALA C 54 -22.84 -33.15 -25.57
N PHE C 55 -22.94 -32.26 -24.58
CA PHE C 55 -24.23 -31.68 -24.22
C PHE C 55 -24.37 -30.20 -24.54
N ALA C 56 -23.29 -29.53 -24.95
CA ALA C 56 -23.36 -28.11 -25.25
C ALA C 56 -24.17 -27.88 -26.53
N GLY C 57 -25.24 -27.10 -26.41
CA GLY C 57 -26.07 -26.81 -27.56
C GLY C 57 -27.02 -27.92 -27.95
N LEU C 58 -27.43 -28.76 -27.00
CA LEU C 58 -28.34 -29.86 -27.33
C LEU C 58 -29.71 -29.34 -27.76
N ALA C 59 -30.17 -28.24 -27.16
CA ALA C 59 -31.45 -27.65 -27.49
C ALA C 59 -31.32 -26.39 -28.34
N VAL C 60 -30.19 -26.23 -29.04
CA VAL C 60 -29.97 -25.09 -29.91
C VAL C 60 -30.49 -25.47 -31.30
N PHE C 61 -31.68 -24.97 -31.64
CA PHE C 61 -32.32 -25.28 -32.91
C PHE C 61 -31.93 -24.20 -33.92
N ILE C 62 -30.94 -24.52 -34.75
CA ILE C 62 -30.32 -23.49 -35.59
C ILE C 62 -31.34 -22.91 -36.56
N GLU C 63 -32.09 -23.76 -37.25
CA GLU C 63 -33.00 -23.28 -38.29
C GLU C 63 -34.01 -22.29 -37.73
N ASP C 64 -34.74 -22.71 -36.69
CA ASP C 64 -35.81 -21.87 -36.15
C ASP C 64 -35.26 -20.60 -35.51
N GLU C 65 -34.19 -20.72 -34.71
CA GLU C 65 -33.63 -19.56 -34.03
C GLU C 65 -33.07 -18.55 -35.02
N LYS C 66 -32.48 -19.03 -36.12
CA LYS C 66 -31.91 -18.11 -37.09
C LYS C 66 -32.98 -17.49 -37.99
N GLU C 67 -34.03 -18.23 -38.32
CA GLU C 67 -35.11 -17.63 -39.09
C GLU C 67 -35.97 -16.69 -38.24
N ALA C 68 -35.97 -16.85 -36.92
CA ALA C 68 -36.69 -15.93 -36.05
C ALA C 68 -35.97 -14.60 -35.86
N GLY C 69 -34.70 -14.51 -36.25
CA GLY C 69 -33.96 -13.27 -36.13
C GLY C 69 -33.97 -12.43 -37.39
N THR D 4 -19.92 22.49 33.19
CA THR D 4 -19.89 22.06 34.58
C THR D 4 -18.50 22.20 35.18
N ILE D 5 -17.48 22.13 34.32
CA ILE D 5 -16.09 22.32 34.73
C ILE D 5 -15.34 22.96 33.57
N ALA D 6 -14.56 24.00 33.86
CA ALA D 6 -13.79 24.66 32.83
C ALA D 6 -12.68 23.75 32.32
N SER D 7 -12.39 23.83 31.02
CA SER D 7 -11.37 22.97 30.43
C SER D 7 -9.97 23.35 30.90
N GLU D 8 -9.71 24.65 31.06
CA GLU D 8 -8.41 25.08 31.55
C GLU D 8 -8.18 24.61 32.98
N ASP D 9 -9.24 24.58 33.81
CA ASP D 9 -9.09 24.06 35.16
C ASP D 9 -8.68 22.59 35.14
N ALA D 10 -9.26 21.81 34.23
CA ALA D 10 -8.90 20.40 34.12
C ALA D 10 -7.45 20.25 33.64
N ARG D 11 -7.07 20.99 32.60
CA ARG D 11 -5.70 20.87 32.11
C ARG D 11 -4.69 21.29 33.15
N TYR D 12 -5.05 22.23 34.04
CA TYR D 12 -4.15 22.56 35.14
C TYR D 12 -4.13 21.47 36.20
N ARG D 13 -5.29 20.90 36.53
CA ARG D 13 -5.30 19.81 37.51
C ARG D 13 -4.54 18.60 37.00
N GLN D 14 -4.29 18.51 35.70
CA GLN D 14 -3.52 17.40 35.15
C GLN D 14 -2.00 17.64 35.21
N SER D 15 -1.55 18.81 35.64
CA SER D 15 -0.13 19.10 35.65
C SER D 15 0.55 18.45 36.85
N SER D 16 1.86 18.24 36.73
CA SER D 16 2.62 17.68 37.83
C SER D 16 2.60 18.61 39.04
N GLN D 17 2.61 19.93 38.80
CA GLN D 17 2.59 20.88 39.90
C GLN D 17 1.38 20.62 40.80
N TYR D 18 0.21 20.38 40.21
CA TYR D 18 -1.00 20.22 41.00
C TYR D 18 -1.04 18.87 41.72
N GLU D 19 -0.69 17.79 41.02
CA GLU D 19 -0.81 16.48 41.62
C GLU D 19 0.30 16.17 42.62
N LEU D 20 1.45 16.85 42.53
CA LEU D 20 2.60 16.54 43.36
C LEU D 20 2.97 17.63 44.35
N TRP D 21 2.85 18.91 43.98
CA TRP D 21 3.30 20.02 44.80
C TRP D 21 2.19 21.03 44.99
N SER D 22 0.99 20.54 45.31
CA SER D 22 -0.14 21.40 45.66
C SER D 22 -0.89 20.72 46.80
N PHE D 23 -0.86 21.32 47.98
CA PHE D 23 -1.47 20.74 49.18
C PHE D 23 -2.25 21.81 49.93
N SER D 24 -2.89 21.40 51.02
CA SER D 24 -3.50 22.32 51.96
C SER D 24 -2.48 22.75 53.00
N PRO D 25 -2.66 23.91 53.62
CA PRO D 25 -1.70 24.36 54.64
C PRO D 25 -1.45 23.33 55.72
N SER D 26 -2.50 22.66 56.20
CA SER D 26 -2.31 21.64 57.23
C SER D 26 -1.50 20.47 56.72
N GLN D 27 -1.76 20.05 55.47
CA GLN D 27 -0.98 18.95 54.90
C GLN D 27 0.50 19.33 54.77
N LEU D 28 0.78 20.55 54.30
CA LEU D 28 2.17 20.97 54.14
C LEU D 28 2.86 21.05 55.50
N ALA D 29 2.18 21.62 56.51
CA ALA D 29 2.76 21.69 57.85
C ALA D 29 3.05 20.30 58.39
N SER D 30 2.09 19.37 58.25
CA SER D 30 2.31 18.01 58.75
C SER D 30 3.47 17.35 58.03
N MET D 31 3.59 17.56 56.72
CA MET D 31 4.71 16.99 55.98
C MET D 31 6.04 17.52 56.48
N ARG D 32 6.13 18.84 56.67
CA ARG D 32 7.38 19.43 57.14
C ARG D 32 7.72 18.94 58.54
N GLU D 33 6.73 18.85 59.42
CA GLU D 33 6.98 18.36 60.78
C GLU D 33 7.46 16.91 60.76
N LYS D 34 6.84 16.08 59.92
CA LYS D 34 7.25 14.68 59.85
C LYS D 34 8.63 14.55 59.24
N THR D 35 8.97 15.40 58.28
CA THR D 35 10.32 15.38 57.71
C THR D 35 11.36 15.75 58.76
N ASN D 36 11.08 16.80 59.53
CA ASN D 36 11.98 17.18 60.62
C ASN D 36 12.13 16.04 61.63
N ALA D 37 11.02 15.40 61.98
CA ALA D 37 11.07 14.31 62.96
C ALA D 37 11.90 13.14 62.44
N ALA D 38 11.73 12.78 61.17
CA ALA D 38 12.50 11.69 60.59
C ALA D 38 13.99 12.03 60.54
N ALA D 39 14.32 13.26 60.17
CA ALA D 39 15.71 13.68 60.17
C ALA D 39 16.31 13.57 61.57
N ARG D 40 15.57 14.08 62.57
CA ARG D 40 16.03 13.99 63.95
C ARG D 40 16.26 12.53 64.35
N ALA D 41 15.32 11.64 64.01
CA ALA D 41 15.44 10.24 64.41
C ALA D 41 16.66 9.59 63.77
N ARG D 42 16.85 9.81 62.47
CA ARG D 42 18.00 9.22 61.79
C ARG D 42 19.31 9.74 62.36
N ILE D 43 19.41 11.06 62.58
CA ILE D 43 20.65 11.63 63.08
C ILE D 43 20.92 11.14 64.50
N THR D 44 19.87 10.95 65.30
CA THR D 44 20.05 10.42 66.65
C THR D 44 20.52 8.97 66.62
N GLU D 45 19.91 8.14 65.78
CA GLU D 45 20.37 6.76 65.65
C GLU D 45 21.83 6.71 65.21
N ARG D 46 22.20 7.57 64.26
CA ARG D 46 23.59 7.59 63.78
C ARG D 46 24.55 8.02 64.87
N LEU D 47 24.19 9.05 65.65
CA LEU D 47 25.10 9.56 66.66
C LEU D 47 25.35 8.52 67.76
N LEU D 48 24.29 7.82 68.17
CA LEU D 48 24.44 6.88 69.28
C LEU D 48 25.34 5.71 68.93
N SER D 49 25.43 5.34 67.66
CA SER D 49 26.24 4.21 67.22
C SER D 49 27.70 4.34 67.67
N PRO D 75 26.28 9.44 75.93
CA PRO D 75 26.36 10.30 74.74
C PRO D 75 25.36 11.45 74.80
N THR D 76 25.86 12.67 74.85
CA THR D 76 25.00 13.86 74.96
C THR D 76 24.57 14.27 73.56
N LEU D 77 23.28 14.15 73.28
CA LEU D 77 22.76 14.56 71.98
C LEU D 77 22.70 16.08 71.90
N PRO D 78 22.78 16.63 70.69
CA PRO D 78 22.70 18.08 70.52
C PRO D 78 21.24 18.52 70.40
N GLU D 79 21.07 19.84 70.41
CA GLU D 79 19.75 20.43 70.26
C GLU D 79 19.40 20.55 68.78
N PHE D 80 18.37 19.84 68.35
CA PHE D 80 17.98 19.82 66.95
C PHE D 80 17.02 20.96 66.63
N LEU D 81 17.01 21.36 65.36
CA LEU D 81 16.19 22.49 64.93
C LEU D 81 14.71 22.17 65.02
N THR D 82 13.91 23.18 65.37
CA THR D 82 12.46 23.05 65.32
C THR D 82 11.96 23.27 63.90
N PRO D 83 10.80 22.69 63.55
CA PRO D 83 10.23 22.95 62.22
C PRO D 83 10.19 24.43 61.87
N ALA D 84 9.87 25.29 62.83
CA ALA D 84 9.85 26.73 62.57
C ALA D 84 11.24 27.24 62.20
N GLU D 85 12.28 26.77 62.90
CA GLU D 85 13.63 27.20 62.57
C GLU D 85 14.03 26.72 61.17
N GLU D 86 13.67 25.49 60.82
CA GLU D 86 13.92 25.00 59.47
C GLU D 86 13.24 25.88 58.43
N LEU D 87 11.97 26.24 58.67
CA LEU D 87 11.25 27.07 57.72
C LEU D 87 11.89 28.45 57.61
N LEU D 88 12.37 28.99 58.73
CA LEU D 88 13.02 30.29 58.73
C LEU D 88 14.29 30.26 57.89
N LEU D 89 15.12 29.23 58.08
CA LEU D 89 16.33 29.11 57.28
C LEU D 89 15.99 28.91 55.80
N VAL D 90 14.93 28.15 55.51
CA VAL D 90 14.53 27.95 54.12
C VAL D 90 14.16 29.29 53.49
N THR D 91 13.40 30.11 54.22
CA THR D 91 13.04 31.42 53.69
C THR D 91 14.27 32.30 53.47
N PHE D 92 15.19 32.31 54.44
CA PHE D 92 16.39 33.13 54.30
C PHE D 92 17.19 32.72 53.07
N TYR D 93 17.43 31.42 52.90
CA TYR D 93 18.22 30.98 51.77
C TYR D 93 17.47 31.07 50.45
N THR D 94 16.13 31.06 50.48
CA THR D 94 15.38 31.36 49.27
C THR D 94 15.58 32.81 48.85
N ALA D 95 15.53 33.74 49.81
CA ALA D 95 15.81 35.13 49.50
C ALA D 95 17.23 35.31 48.98
N GLU D 96 18.19 34.59 49.58
CA GLU D 96 19.56 34.67 49.10
C GLU D 96 19.70 34.08 47.71
N LEU D 97 18.95 33.02 47.41
CA LEU D 97 18.94 32.46 46.07
C LEU D 97 18.42 33.48 45.06
N LEU D 98 17.34 34.17 45.40
CA LEU D 98 16.81 35.19 44.48
C LEU D 98 17.81 36.32 44.27
N ARG D 99 18.44 36.78 45.34
CA ARG D 99 19.48 37.80 45.19
C ARG D 99 20.62 37.30 44.29
N ALA D 100 21.04 36.04 44.48
CA ALA D 100 22.09 35.49 43.64
C ALA D 100 21.67 35.47 42.18
N GLY D 101 20.45 35.04 41.90
CA GLY D 101 19.96 35.03 40.53
C GLY D 101 19.90 36.42 39.93
N ASP D 102 19.50 37.41 40.74
CA ASP D 102 19.52 38.79 40.26
C ASP D 102 20.93 39.24 39.93
N HIS D 103 21.91 38.80 40.72
CA HIS D 103 23.30 39.13 40.42
C HIS D 103 23.77 38.51 39.13
N ALA D 104 23.24 37.34 38.77
CA ALA D 104 23.63 36.64 37.55
C ALA D 104 22.80 37.07 36.34
N ASP D 105 21.96 38.09 36.49
CA ASP D 105 21.15 38.60 35.39
C ASP D 105 20.36 37.48 34.71
N MET D 106 19.81 36.59 35.52
CA MET D 106 19.04 35.46 35.03
C MET D 106 17.57 35.85 34.83
N SER D 107 16.91 35.12 33.93
CA SER D 107 15.52 35.41 33.61
C SER D 107 14.61 35.17 34.81
N ASP D 108 13.48 35.89 34.83
CA ASP D 108 12.53 35.73 35.93
C ASP D 108 12.06 34.29 36.05
N GLU D 109 11.81 33.63 34.91
CA GLU D 109 11.37 32.23 34.97
C GLU D 109 12.42 31.34 35.59
N ILE D 110 13.70 31.57 35.25
CA ILE D 110 14.77 30.73 35.79
C ILE D 110 14.92 30.94 37.30
N LYS D 111 14.92 32.20 37.73
CA LYS D 111 15.02 32.47 39.16
C LYS D 111 13.84 31.86 39.92
N ALA D 112 12.63 32.02 39.39
CA ALA D 112 11.46 31.45 40.06
C ALA D 112 11.53 29.94 40.11
N THR D 113 11.98 29.31 39.01
CA THR D 113 12.11 27.85 39.01
C THR D 113 13.15 27.39 40.02
N ALA D 114 14.28 28.11 40.12
CA ALA D 114 15.30 27.75 41.09
C ALA D 114 14.76 27.84 42.51
N ALA D 115 14.05 28.93 42.82
CA ALA D 115 13.47 29.07 44.14
C ALA D 115 12.47 27.95 44.42
N THR D 116 11.66 27.58 43.42
CA THR D 116 10.68 26.52 43.61
C THR D 116 11.35 25.17 43.85
N PHE D 117 12.40 24.88 43.08
CA PHE D 117 13.15 23.64 43.30
C PHE D 117 13.74 23.62 44.70
N PHE D 118 14.27 24.76 45.16
CA PHE D 118 14.83 24.84 46.51
C PHE D 118 13.76 24.52 47.55
N LYS D 119 12.60 25.19 47.44
CA LYS D 119 11.54 25.01 48.43
C LYS D 119 11.03 23.57 48.43
N ARG D 120 10.89 22.97 47.25
CA ARG D 120 10.41 21.59 47.18
C ARG D 120 11.43 20.63 47.75
N PHE D 121 12.71 20.84 47.42
CA PHE D 121 13.75 19.95 47.94
C PHE D 121 13.77 20.00 49.46
N TYR D 122 13.59 21.18 50.05
CA TYR D 122 13.61 21.28 51.50
C TYR D 122 12.23 21.11 52.13
N ILE D 123 11.21 20.76 51.35
CA ILE D 123 9.97 20.27 51.94
C ILE D 123 10.00 18.75 51.95
N THR D 124 10.67 18.12 50.98
CA THR D 124 10.86 16.68 51.05
C THR D 124 12.11 16.27 51.81
N ASN D 125 13.07 17.18 51.98
CA ASN D 125 14.29 16.90 52.73
C ASN D 125 14.46 17.94 53.83
N SER D 126 15.23 17.57 54.85
CA SER D 126 15.44 18.43 56.01
C SER D 126 16.69 19.29 55.83
N ILE D 127 16.66 20.48 56.44
CA ILE D 127 17.83 21.35 56.44
C ILE D 127 18.97 20.72 57.23
N MET D 128 18.65 19.86 58.19
CA MET D 128 19.66 19.17 58.99
C MET D 128 20.32 18.02 58.23
N THR D 129 19.84 17.71 57.03
CA THR D 129 20.39 16.60 56.24
C THR D 129 21.34 17.05 55.15
N TYR D 130 20.97 18.06 54.38
CA TYR D 130 21.80 18.56 53.30
C TYR D 130 22.01 20.06 53.45
N PRO D 131 23.19 20.56 53.08
CA PRO D 131 23.50 21.97 53.30
C PRO D 131 22.72 22.86 52.36
N PRO D 132 21.93 23.80 52.88
CA PRO D 132 21.23 24.73 51.99
C PRO D 132 22.17 25.69 51.28
N GLN D 133 23.31 26.01 51.90
CA GLN D 133 24.27 26.90 51.26
C GLN D 133 24.70 26.36 49.89
N GLU D 134 24.78 25.03 49.75
CA GLU D 134 25.11 24.40 48.48
C GLU D 134 23.87 24.15 47.62
N MET D 135 22.79 23.67 48.23
CA MET D 135 21.57 23.41 47.48
C MET D 135 21.01 24.66 46.83
N LEU D 136 21.36 25.85 47.35
CA LEU D 136 20.96 27.09 46.70
C LEU D 136 21.52 27.17 45.29
N LEU D 137 22.84 27.03 45.15
CA LEU D 137 23.45 27.02 43.83
C LEU D 137 22.97 25.83 43.01
N VAL D 138 22.78 24.68 43.67
CA VAL D 138 22.30 23.51 42.93
C VAL D 138 20.94 23.81 42.29
N ALA D 139 20.05 24.46 43.04
CA ALA D 139 18.72 24.77 42.53
C ALA D 139 18.81 25.81 41.42
N LEU D 140 19.68 26.81 41.56
CA LEU D 140 19.85 27.77 40.47
C LEU D 140 20.32 27.08 39.20
N PHE D 141 21.29 26.18 39.32
CA PHE D 141 21.84 25.49 38.15
C PHE D 141 20.77 24.61 37.50
N PHE D 142 20.07 23.80 38.31
CA PHE D 142 19.08 22.90 37.74
C PHE D 142 17.88 23.66 37.21
N GLY D 143 17.58 24.85 37.76
CA GLY D 143 16.52 25.67 37.20
C GLY D 143 16.91 26.22 35.85
N CYS D 144 18.16 26.68 35.72
CA CYS D 144 18.67 27.03 34.40
C CYS D 144 18.43 25.88 33.42
N LYS D 145 18.85 24.67 33.80
CA LYS D 145 18.66 23.53 32.90
C LYS D 145 17.18 23.28 32.60
N ALA D 146 16.33 23.35 33.62
CA ALA D 146 14.92 23.07 33.44
C ALA D 146 14.22 24.11 32.60
N GLU D 147 14.80 25.31 32.47
CA GLU D 147 14.22 26.36 31.66
C GLU D 147 14.87 26.48 30.28
N GLY D 148 15.60 25.45 29.85
CA GLY D 148 16.17 25.41 28.53
C GLY D 148 17.56 26.00 28.40
N ALA D 149 18.18 26.43 29.50
CA ALA D 149 19.50 27.03 29.48
C ALA D 149 20.49 26.05 30.10
N PHE D 150 21.41 25.52 29.28
CA PHE D 150 22.37 24.52 29.71
C PHE D 150 23.78 25.12 29.62
N PRO D 151 24.18 25.89 30.63
CA PRO D 151 25.50 26.51 30.59
C PRO D 151 26.59 25.51 31.00
N SER D 152 27.84 25.92 30.80
CA SER D 152 28.96 25.12 31.27
C SER D 152 29.11 25.30 32.77
N ILE D 153 29.27 24.19 33.49
CA ILE D 153 29.38 24.25 34.94
C ILE D 153 30.54 25.14 35.35
N SER D 154 31.61 25.17 34.55
CA SER D 154 32.76 26.00 34.87
C SER D 154 32.40 27.49 34.84
N ASP D 155 31.69 27.91 33.79
CA ASP D 155 31.26 29.30 33.71
C ASP D 155 30.32 29.64 34.86
N PHE D 156 29.46 28.70 35.24
CA PHE D 156 28.53 28.91 36.34
C PHE D 156 29.29 29.16 37.65
N ALA D 157 30.20 28.25 38.00
CA ALA D 157 30.97 28.41 39.22
C ALA D 157 31.80 29.69 39.18
N LYS D 158 32.32 30.05 38.00
CA LYS D 158 33.07 31.29 37.88
C LYS D 158 32.19 32.50 38.19
N THR D 159 31.03 32.57 37.54
CA THR D 159 30.14 33.71 37.77
C THR D 159 29.68 33.78 39.22
N PHE D 160 29.67 32.65 39.93
CA PHE D 160 29.34 32.66 41.35
C PHE D 160 30.57 32.49 42.24
N GLY D 161 31.76 32.80 41.72
CA GLY D 161 32.98 32.76 42.50
C GLY D 161 33.24 31.45 43.22
N ARG D 162 32.82 30.33 42.60
CA ARG D 162 33.02 29.01 43.16
C ARG D 162 34.24 28.37 42.51
N GLU D 163 35.21 27.97 43.33
CA GLU D 163 36.46 27.42 42.81
C GLU D 163 36.29 25.99 42.31
N ARG D 164 35.57 25.15 43.07
CA ARG D 164 35.38 23.75 42.70
C ARG D 164 33.99 23.59 42.09
N PRO D 165 33.89 23.40 40.77
CA PRO D 165 32.55 23.21 40.19
C PRO D 165 31.86 21.94 40.65
N GLU D 166 32.63 20.89 40.96
CA GLU D 166 32.01 19.64 41.42
C GLU D 166 31.12 19.86 42.63
N GLU D 167 31.48 20.81 43.50
CA GLU D 167 30.66 21.10 44.66
C GLU D 167 29.20 21.32 44.30
N ILE D 168 28.93 21.79 43.08
CA ILE D 168 27.56 21.95 42.63
C ILE D 168 27.02 20.63 42.08
N LEU D 169 27.77 20.00 41.17
CA LEU D 169 27.30 18.78 40.53
C LEU D 169 26.97 17.71 41.56
N ALA D 170 27.73 17.65 42.65
CA ALA D 170 27.49 16.65 43.68
C ALA D 170 26.06 16.67 44.20
N GLY D 171 25.35 17.78 44.04
CA GLY D 171 23.99 17.84 44.52
C GLY D 171 22.95 17.68 43.43
N GLU D 172 23.36 17.87 42.17
CA GLU D 172 22.40 17.96 41.08
C GLU D 172 21.42 16.81 41.10
N PHE D 173 21.88 15.60 40.81
CA PHE D 173 20.96 14.46 40.77
C PHE D 173 20.17 14.36 42.07
N LEU D 174 20.82 14.64 43.20
CA LEU D 174 20.11 14.60 44.48
C LEU D 174 18.89 15.49 44.45
N LEU D 175 19.08 16.76 44.07
CA LEU D 175 17.95 17.68 43.93
C LEU D 175 16.87 17.09 43.03
N CYS D 176 17.30 16.44 41.93
CA CYS D 176 16.32 15.85 41.03
C CYS D 176 15.41 14.87 41.75
N GLN D 177 15.97 14.08 42.68
CA GLN D 177 15.15 13.16 43.45
C GLN D 177 14.24 13.92 44.42
N GLY D 178 14.75 14.99 45.03
CA GLY D 178 13.99 15.68 46.07
C GLY D 178 12.70 16.28 45.56
N ILE D 179 12.73 16.86 44.36
CA ILE D 179 11.56 17.50 43.78
C ILE D 179 10.70 16.44 43.08
N ARG D 180 11.09 15.17 43.25
CA ARG D 180 10.36 14.05 42.66
C ARG D 180 10.27 14.17 41.15
N PHE D 181 11.34 14.64 40.53
CA PHE D 181 11.54 14.62 39.08
C PHE D 181 10.52 15.48 38.34
N ALA D 182 9.90 16.43 39.03
CA ALA D 182 8.93 17.35 38.41
C ALA D 182 9.68 18.61 38.02
N LEU D 183 9.96 18.77 36.73
CA LEU D 183 10.74 19.90 36.24
C LEU D 183 9.89 20.99 35.60
N ASP D 184 8.62 20.72 35.29
CA ASP D 184 7.75 21.69 34.64
C ASP D 184 7.03 22.49 35.72
N VAL D 185 7.54 23.69 36.01
CA VAL D 185 6.97 24.58 37.02
C VAL D 185 6.36 25.78 36.31
N LYS D 186 5.17 26.18 36.76
CA LYS D 186 4.37 27.20 36.10
C LYS D 186 4.40 28.49 36.91
N HIS D 187 4.71 29.60 36.24
CA HIS D 187 4.81 30.91 36.86
C HIS D 187 3.74 31.85 36.34
N PRO D 188 3.42 32.90 37.09
CA PRO D 188 2.32 33.81 36.71
C PRO D 188 2.73 35.09 35.98
N PHE D 189 3.98 35.21 35.54
CA PHE D 189 4.39 36.42 34.82
C PHE D 189 3.65 36.56 33.50
N ARG D 190 3.76 35.55 32.64
CA ARG D 190 3.06 35.59 31.36
C ARG D 190 1.56 35.69 31.57
N ALA D 191 1.04 35.02 32.61
CA ALA D 191 -0.37 35.18 32.94
C ALA D 191 -0.69 36.62 33.29
N LEU D 192 0.22 37.30 33.99
CA LEU D 192 0.02 38.71 34.28
C LEU D 192 -0.07 39.53 33.00
N ARG D 193 0.85 39.29 32.06
CA ARG D 193 0.82 40.03 30.81
C ARG D 193 -0.45 39.76 30.02
N GLY D 194 -0.92 38.51 30.03
CA GLY D 194 -2.15 38.19 29.33
C GLY D 194 -3.36 38.86 29.97
N ALA D 195 -3.40 38.90 31.30
CA ALA D 195 -4.49 39.60 31.97
C ALA D 195 -4.45 41.10 31.69
N ILE D 196 -3.24 41.68 31.65
CA ILE D 196 -3.12 43.09 31.33
C ILE D 196 -3.64 43.35 29.92
N MET D 197 -3.32 42.46 28.98
CA MET D 197 -3.84 42.59 27.63
C MET D 197 -5.36 42.50 27.62
N GLU D 198 -5.91 41.56 28.38
CA GLU D 198 -7.36 41.40 28.44
C GLU D 198 -8.02 42.67 28.98
N LEU D 199 -7.40 43.30 29.97
CA LEU D 199 -7.95 44.55 30.49
C LEU D 199 -7.79 45.69 29.49
N SER D 200 -6.73 45.64 28.67
CA SER D 200 -6.50 46.71 27.71
C SER D 200 -7.64 46.88 26.71
N THR D 201 -8.44 45.83 26.49
CA THR D 201 -9.54 45.95 25.54
C THR D 201 -10.70 46.77 26.07
N LEU D 202 -10.78 46.99 27.38
CA LEU D 202 -11.86 47.77 27.97
C LEU D 202 -11.64 49.26 27.68
N PRO D 203 -12.66 49.97 27.21
CA PRO D 203 -12.47 51.40 26.87
C PRO D 203 -12.45 52.31 28.08
N ASP D 204 -13.02 51.91 29.21
CA ASP D 204 -13.07 52.77 30.38
C ASP D 204 -11.74 52.85 31.12
N VAL D 205 -10.95 51.78 31.09
CA VAL D 205 -9.68 51.77 31.82
C VAL D 205 -8.67 52.67 31.13
N GLU D 206 -7.80 53.28 31.93
CA GLU D 206 -6.79 54.18 31.41
C GLU D 206 -5.45 53.47 31.27
N PRO D 207 -4.73 53.72 30.16
CA PRO D 207 -3.47 53.00 29.94
C PRO D 207 -2.45 53.21 31.04
N ALA D 208 -2.30 54.45 31.54
CA ALA D 208 -1.29 54.71 32.56
C ALA D 208 -1.55 53.93 33.84
N ARG D 209 -2.81 53.87 34.27
CA ARG D 209 -3.16 53.08 35.44
C ARG D 209 -2.79 51.62 35.24
N LEU D 210 -3.11 51.08 34.06
CA LEU D 210 -2.77 49.69 33.77
C LEU D 210 -1.25 49.47 33.80
N VAL D 211 -0.49 50.42 33.24
CA VAL D 211 0.96 50.26 33.22
C VAL D 211 1.52 50.25 34.63
N ALA D 212 1.08 51.19 35.46
CA ALA D 212 1.54 51.21 36.85
C ALA D 212 1.17 49.92 37.57
N ALA D 213 -0.08 49.45 37.38
CA ALA D 213 -0.51 48.23 38.02
C ALA D 213 0.32 47.04 37.58
N GLU D 214 0.63 46.95 36.28
CA GLU D 214 1.43 45.84 35.80
C GLU D 214 2.84 45.89 36.36
N GLN D 215 3.46 47.06 36.37
CA GLN D 215 4.80 47.17 36.94
C GLN D 215 4.82 46.71 38.39
N ARG D 216 3.85 47.19 39.20
CA ARG D 216 3.83 46.82 40.60
C ARG D 216 3.54 45.33 40.78
N ALA D 217 2.59 44.80 40.00
CA ALA D 217 2.25 43.38 40.12
C ALA D 217 3.42 42.49 39.73
N ARG D 218 4.19 42.88 38.71
CA ARG D 218 5.36 42.11 38.32
C ARG D 218 6.45 42.20 39.38
N GLU D 219 6.67 43.39 39.94
CA GLU D 219 7.63 43.53 41.03
C GLU D 219 7.25 42.64 42.20
N ILE D 220 5.94 42.50 42.46
CA ILE D 220 5.48 41.65 43.55
C ILE D 220 5.71 40.18 43.20
N LEU D 221 5.35 39.78 41.97
CA LEU D 221 5.52 38.40 41.56
C LEU D 221 6.99 37.97 41.61
N ARG D 222 7.91 38.93 41.48
CA ARG D 222 9.33 38.63 41.50
C ARG D 222 9.85 38.31 42.89
N PHE D 223 9.02 38.38 43.93
CA PHE D 223 9.51 38.14 45.28
C PHE D 223 8.47 37.48 46.17
N SER D 224 7.29 38.10 46.29
CA SER D 224 6.33 37.70 47.31
C SER D 224 5.89 36.25 47.18
N PRO D 225 5.42 35.76 46.03
CA PRO D 225 5.00 34.35 45.97
C PRO D 225 6.14 33.37 46.09
N LEU D 226 7.39 33.81 45.94
CA LEU D 226 8.54 32.91 46.03
C LEU D 226 9.03 32.76 47.46
N ILE D 227 8.87 33.79 48.30
CA ILE D 227 9.28 33.70 49.70
C ILE D 227 8.22 33.07 50.58
N THR D 228 6.97 33.05 50.13
CA THR D 228 5.87 32.43 50.87
C THR D 228 5.50 31.09 50.22
N ASP D 229 4.52 30.41 50.80
CA ASP D 229 4.04 29.13 50.28
C ASP D 229 2.99 29.31 49.19
N ALA D 230 3.08 30.36 48.38
CA ALA D 230 2.02 30.66 47.42
C ALA D 230 1.85 29.54 46.41
N TYR D 231 2.95 29.02 45.87
CA TYR D 231 2.86 28.01 44.83
C TYR D 231 2.18 26.73 45.33
N PHE D 232 2.22 26.48 46.64
CA PHE D 232 1.71 25.22 47.19
C PHE D 232 0.20 25.22 47.39
N HIS D 233 -0.42 26.38 47.54
CA HIS D 233 -1.84 26.45 47.85
C HIS D 233 -2.67 27.19 46.81
N PHE D 234 -2.04 27.80 45.81
CA PHE D 234 -2.77 28.62 44.85
C PHE D 234 -2.26 28.35 43.44
N THR D 235 -3.12 28.63 42.47
CA THR D 235 -2.87 28.46 41.05
C THR D 235 -2.14 29.69 40.48
N PRO D 236 -1.27 29.49 39.49
CA PRO D 236 -0.63 30.65 38.85
C PRO D 236 -1.60 31.77 38.48
N SER D 237 -2.77 31.44 37.94
CA SER D 237 -3.75 32.49 37.66
C SER D 237 -4.22 33.17 38.94
N GLN D 238 -4.45 32.39 39.99
CA GLN D 238 -4.87 32.98 41.26
C GLN D 238 -3.77 33.84 41.86
N ILE D 239 -2.52 33.37 41.80
CA ILE D 239 -1.42 34.16 42.34
C ILE D 239 -1.24 35.45 41.54
N MET D 240 -1.36 35.38 40.22
CA MET D 240 -1.26 36.57 39.40
C MET D 240 -2.37 37.57 39.73
N LEU D 241 -3.60 37.08 39.87
CA LEU D 241 -4.70 37.96 40.24
C LEU D 241 -4.49 38.55 41.64
N ALA D 242 -3.86 37.80 42.55
CA ALA D 242 -3.58 38.33 43.88
C ALA D 242 -2.55 39.44 43.82
N ALA D 243 -1.48 39.23 43.05
CA ALA D 243 -0.48 40.28 42.88
C ALA D 243 -1.11 41.50 42.23
N LEU D 244 -2.03 41.30 41.30
CA LEU D 244 -2.71 42.42 40.67
C LEU D 244 -3.59 43.17 41.66
N SER D 245 -4.35 42.43 42.48
CA SER D 245 -5.16 43.08 43.50
C SER D 245 -4.31 43.88 44.47
N LEU D 246 -3.09 43.40 44.74
CA LEU D 246 -2.16 44.20 45.53
C LEU D 246 -1.70 45.43 44.77
N ALA D 247 -1.57 45.32 43.44
CA ALA D 247 -1.16 46.47 42.65
C ALA D 247 -2.30 47.45 42.43
N ASP D 248 -3.50 46.93 42.16
CA ASP D 248 -4.67 47.78 41.93
C ASP D 248 -5.91 46.90 42.09
N ARG D 249 -6.45 46.86 43.32
CA ARG D 249 -7.58 45.98 43.60
C ARG D 249 -8.73 46.22 42.61
N GLY D 250 -8.91 47.46 42.17
CA GLY D 250 -9.98 47.76 41.24
C GLY D 250 -9.88 46.96 39.95
N LEU D 251 -8.68 46.93 39.36
CA LEU D 251 -8.52 46.23 38.10
C LEU D 251 -8.74 44.73 38.24
N ALA D 252 -8.23 44.14 39.34
CA ALA D 252 -8.41 42.70 39.54
C ALA D 252 -9.89 42.36 39.75
N GLU D 253 -10.57 43.14 40.58
CA GLU D 253 -12.01 42.89 40.77
C GLU D 253 -12.76 43.08 39.45
N ARG D 254 -12.35 44.07 38.64
CA ARG D 254 -13.00 44.27 37.36
C ARG D 254 -12.80 43.07 36.44
N LEU D 255 -11.59 42.53 36.39
CA LEU D 255 -11.33 41.37 35.55
C LEU D 255 -12.15 40.16 36.00
N ILE D 256 -12.18 39.92 37.32
CA ILE D 256 -12.93 38.77 37.83
C ILE D 256 -14.41 38.93 37.52
N GLN D 257 -14.96 40.13 37.74
CA GLN D 257 -16.37 40.36 37.48
C GLN D 257 -16.71 40.25 36.01
N ASP D 258 -15.82 40.73 35.14
CA ASP D 258 -16.06 40.59 33.70
C ASP D 258 -16.05 39.13 33.29
N THR D 259 -15.10 38.36 33.81
CA THR D 259 -15.00 36.96 33.42
C THR D 259 -16.21 36.15 33.92
N PHE D 260 -16.71 36.47 35.11
CA PHE D 260 -17.78 35.66 35.68
C PHE D 260 -19.19 36.16 35.36
N HIS D 261 -19.34 37.43 34.94
CA HIS D 261 -20.66 37.89 34.50
C HIS D 261 -21.06 37.23 33.18
N TYR D 262 -20.10 37.02 32.29
CA TYR D 262 -20.36 36.39 31.01
C TYR D 262 -20.14 34.88 31.08
N GLY D 311 -20.81 30.38 36.94
CA GLY D 311 -21.55 30.38 38.19
C GLY D 311 -21.13 31.51 39.11
N SER D 312 -22.12 32.15 39.75
CA SER D 312 -21.83 33.26 40.64
C SER D 312 -21.25 32.78 41.96
N HIS D 313 -21.72 31.64 42.47
CA HIS D 313 -21.15 31.10 43.69
C HIS D 313 -19.67 30.76 43.48
N VAL D 314 -19.34 30.26 42.30
CA VAL D 314 -17.94 30.00 41.96
C VAL D 314 -17.17 31.31 41.96
N ARG D 315 -17.82 32.40 41.51
CA ARG D 315 -17.18 33.70 41.53
C ARG D 315 -16.87 34.15 42.95
N ASP D 316 -17.82 33.97 43.87
CA ASP D 316 -17.58 34.35 45.26
C ASP D 316 -16.45 33.52 45.86
N LYS D 317 -16.44 32.22 45.57
CA LYS D 317 -15.37 31.37 46.11
C LYS D 317 -14.01 31.78 45.53
N VAL D 318 -13.98 32.11 44.25
CA VAL D 318 -12.74 32.56 43.63
C VAL D 318 -12.26 33.87 44.26
N LEU D 319 -13.19 34.78 44.53
CA LEU D 319 -12.80 36.02 45.18
C LEU D 319 -12.23 35.76 46.57
N GLY D 320 -12.82 34.81 47.30
CA GLY D 320 -12.28 34.47 48.61
C GLY D 320 -10.88 33.88 48.52
N THR D 321 -10.65 32.98 47.56
CA THR D 321 -9.31 32.42 47.38
C THR D 321 -8.32 33.51 47.01
N ILE D 322 -8.70 34.43 46.13
CA ILE D 322 -7.82 35.51 45.75
C ILE D 322 -7.50 36.39 46.96
N GLU D 323 -8.47 36.59 47.83
CA GLU D 323 -8.23 37.40 49.03
C GLU D 323 -7.25 36.70 49.97
N ALA D 324 -7.41 35.39 50.15
CA ALA D 324 -6.46 34.64 50.98
C ALA D 324 -5.05 34.73 50.41
N CYS D 325 -4.93 34.55 49.09
CA CYS D 325 -3.62 34.66 48.45
C CYS D 325 -3.07 36.07 48.57
N ARG D 326 -3.93 37.08 48.48
CA ARG D 326 -3.51 38.46 48.62
C ARG D 326 -2.93 38.72 50.00
N ASP D 327 -3.55 38.19 51.05
CA ASP D 327 -3.00 38.38 52.39
C ASP D 327 -1.68 37.63 52.55
N MET D 328 -1.64 36.38 52.08
CA MET D 328 -0.39 35.61 52.16
C MET D 328 0.75 36.34 51.45
N LEU D 329 0.45 37.00 50.33
CA LEU D 329 1.48 37.74 49.62
C LEU D 329 1.85 39.03 50.34
N SER D 330 0.85 39.76 50.84
CA SER D 330 1.11 41.01 51.52
C SER D 330 2.00 40.82 52.73
N LYS D 331 1.96 39.64 53.35
CA LYS D 331 2.83 39.42 54.50
C LYS D 331 4.31 39.44 54.14
N GLU D 332 4.69 39.47 52.86
CA GLU D 332 6.10 39.50 52.46
C GLU D 332 6.25 40.23 51.12
N LEU D 333 6.06 41.56 51.16
CA LEU D 333 6.13 42.38 49.96
C LEU D 333 7.57 42.62 49.56
N PRO D 334 7.80 43.13 48.34
CA PRO D 334 9.17 43.22 47.82
C PRO D 334 10.14 44.00 48.71
N GLU D 335 9.65 45.00 49.46
CA GLU D 335 10.54 45.75 50.33
C GLU D 335 11.26 44.84 51.31
N ARG D 336 10.59 43.76 51.74
CA ARG D 336 11.19 42.82 52.66
C ARG D 336 12.50 42.24 52.15
N ARG D 337 12.85 42.48 50.88
CA ARG D 337 14.19 42.11 50.43
C ARG D 337 15.24 42.69 51.36
N GLU D 338 15.17 44.00 51.62
CA GLU D 338 16.14 44.62 52.49
C GLU D 338 16.10 44.02 53.89
N HIS D 339 14.98 43.43 54.29
CA HIS D 339 14.89 42.77 55.58
C HIS D 339 15.71 41.48 55.60
N TRP D 340 15.69 40.72 54.51
CA TRP D 340 16.38 39.43 54.49
C TRP D 340 17.85 39.57 54.11
N ASN D 341 18.30 40.77 53.78
CA ASN D 341 19.71 41.06 53.53
C ASN D 341 20.32 41.96 54.59
N ASN D 342 19.56 42.28 55.65
CA ASN D 342 20.04 43.15 56.71
C ASN D 342 21.02 42.41 57.61
N LYS D 343 22.14 43.06 57.93
CA LYS D 343 23.15 42.41 58.77
C LYS D 343 22.68 42.27 60.21
N THR D 344 21.90 43.24 60.71
CA THR D 344 21.39 43.13 62.08
C THR D 344 20.39 41.99 62.20
N VAL D 345 19.48 41.87 61.23
CA VAL D 345 18.54 40.76 61.23
C VAL D 345 19.28 39.44 61.14
N TYR D 346 20.35 39.40 60.34
CA TYR D 346 21.15 38.18 60.24
C TYR D 346 21.77 37.81 61.58
N LYS D 347 22.44 38.77 62.23
CA LYS D 347 23.09 38.47 63.50
C LYS D 347 22.08 38.11 64.59
N ALA D 348 20.87 38.66 64.53
CA ALA D 348 19.92 38.44 65.62
C ALA D 348 19.05 37.20 65.42
N GLN D 349 18.56 36.95 64.21
CA GLN D 349 17.60 35.88 63.96
C GLN D 349 18.19 34.69 63.21
N ILE D 350 19.24 34.89 62.43
CA ILE D 350 19.77 33.84 61.56
C ILE D 350 20.96 33.12 62.18
N GLN D 351 21.94 33.86 62.70
CA GLN D 351 23.20 33.25 63.11
C GLN D 351 23.03 32.19 64.18
N PRO D 352 22.29 32.43 65.28
CA PRO D 352 22.09 31.36 66.27
C PRO D 352 21.59 30.06 65.66
N ILE D 353 20.62 30.13 64.74
CA ILE D 353 20.11 28.92 64.12
C ILE D 353 21.20 28.22 63.34
N ARG D 354 22.06 28.99 62.66
CA ARG D 354 23.14 28.38 61.90
C ARG D 354 24.15 27.70 62.82
N LYS D 355 24.41 28.27 63.99
CA LYS D 355 25.31 27.61 64.94
C LYS D 355 24.69 26.30 65.44
N LYS D 356 23.40 26.36 65.79
CA LYS D 356 22.70 25.15 66.23
C LYS D 356 22.76 24.07 65.16
N LEU D 357 22.59 24.47 63.90
CA LEU D 357 22.66 23.52 62.80
C LEU D 357 24.08 22.98 62.62
N ASN D 358 25.09 23.85 62.77
CA ASN D 358 26.47 23.40 62.66
C ASN D 358 26.83 22.42 63.76
N LYS D 359 26.08 22.41 64.86
CA LYS D 359 26.33 21.38 65.87
C LYS D 359 25.37 20.20 65.81
N CYS D 360 24.27 20.29 65.05
CA CYS D 360 23.31 19.19 64.99
C CYS D 360 23.11 18.64 63.58
N ARG D 361 24.03 18.91 62.65
CA ARG D 361 23.85 18.50 61.27
C ARG D 361 24.12 17.01 61.08
N ASP D 362 23.62 16.48 59.97
CA ASP D 362 23.82 15.07 59.63
C ASP D 362 25.30 14.84 59.31
N PRO D 363 25.94 13.86 59.95
CA PRO D 363 27.38 13.68 59.72
C PRO D 363 27.73 13.05 58.38
N ASP D 364 26.86 12.21 57.82
CA ASP D 364 27.20 11.46 56.63
C ASP D 364 26.83 12.16 55.33
N ARG D 365 25.72 12.89 55.32
CA ARG D 365 25.18 13.45 54.09
C ARG D 365 25.53 14.92 53.85
N TRP D 366 26.17 15.58 54.80
CA TRP D 366 26.42 17.02 54.66
C TRP D 366 27.40 17.31 53.53
N ASN D 367 28.48 16.54 53.45
CA ASN D 367 29.48 16.74 52.40
C ASN D 367 28.98 16.08 51.13
N LEU D 368 28.45 16.88 50.21
CA LEU D 368 27.84 16.34 49.01
C LEU D 368 28.87 15.64 48.13
N VAL D 369 30.07 16.20 48.03
CA VAL D 369 31.11 15.60 47.21
C VAL D 369 31.45 14.20 47.72
N GLU D 370 31.58 14.05 49.04
CA GLU D 370 31.91 12.74 49.59
C GLU D 370 30.74 11.77 49.46
N LEU D 371 29.51 12.26 49.62
CA LEU D 371 28.35 11.41 49.35
C LEU D 371 28.40 10.85 47.95
N GLN D 372 28.68 11.73 46.96
CA GLN D 372 28.79 11.28 45.58
C GLN D 372 29.90 10.26 45.41
N ARG D 373 31.07 10.52 46.02
CA ARG D 373 32.19 9.60 45.89
C ARG D 373 31.85 8.22 46.45
N ILE D 374 31.26 8.20 47.65
CA ILE D 374 31.01 6.91 48.31
C ILE D 374 29.93 6.14 47.58
N ARG D 375 28.92 6.82 47.04
CA ARG D 375 27.91 6.09 46.28
C ARG D 375 28.45 5.61 44.94
N ARG D 376 29.32 6.40 44.31
CA ARG D 376 29.99 5.92 43.09
C ARG D 376 30.82 4.67 43.37
N GLU D 377 31.58 4.67 44.46
CA GLU D 377 32.40 3.52 44.78
C GLU D 377 31.56 2.32 45.20
N GLN D 378 30.40 2.56 45.84
CA GLN D 378 29.51 1.46 46.18
C GLN D 378 28.87 0.84 44.95
N ALA D 379 28.60 1.65 43.92
CA ALA D 379 28.00 1.10 42.72
C ALA D 379 28.97 0.22 41.93
N SER D 380 30.26 0.55 41.95
CA SER D 380 31.24 -0.16 41.14
C SER D 380 31.84 -1.39 41.85
N ARG D 381 32.41 -1.18 43.04
CA ARG D 381 33.19 -2.21 43.72
C ARG D 381 32.29 -3.03 44.62
N LYS D 382 32.08 -4.30 44.27
CA LYS D 382 31.22 -5.22 45.03
C LYS D 382 31.99 -5.89 46.18
N GLY D 383 32.68 -5.09 46.98
CA GLY D 383 33.44 -5.62 48.09
C GLY D 383 34.90 -5.90 47.81
N PHE D 384 35.40 -5.49 46.65
CA PHE D 384 36.79 -5.72 46.26
C PHE D 384 37.68 -4.54 46.70
N ASP D 385 37.54 -4.14 47.95
CA ASP D 385 38.22 -2.93 48.44
C ASP D 385 39.67 -3.23 48.81
N SER D 386 40.54 -2.25 48.54
CA SER D 386 41.95 -2.33 48.89
C SER D 386 42.43 -1.09 49.64
N ASP D 387 41.50 -0.22 50.04
CA ASP D 387 41.81 0.98 50.80
C ASP D 387 41.21 0.96 52.20
N ASP D 388 40.51 -0.10 52.57
CA ASP D 388 39.84 -0.21 53.85
C ASP D 388 40.79 -0.78 54.90
N GLU D 389 40.91 -0.08 56.03
CA GLU D 389 41.78 -0.50 57.12
C GLU D 389 41.01 -0.94 58.36
N GLY D 390 39.69 -0.94 58.32
CA GLY D 390 38.89 -1.35 59.46
C GLY D 390 37.96 -0.25 59.97
N THR E 77 21.30 4.64 56.68
CA THR E 77 20.58 5.91 56.83
C THR E 77 19.65 6.18 55.66
N PRO E 78 18.78 5.22 55.33
CA PRO E 78 17.93 5.38 54.15
C PRO E 78 17.02 6.60 54.25
N ASP E 79 17.09 7.45 53.24
CA ASP E 79 16.26 8.65 53.21
C ASP E 79 14.82 8.27 52.90
N PRO E 80 13.84 8.96 53.51
CA PRO E 80 12.44 8.67 53.15
C PRO E 80 12.16 8.79 51.66
N VAL E 81 12.70 9.82 51.00
CA VAL E 81 12.56 9.89 49.55
C VAL E 81 13.28 8.72 48.91
N GLU E 82 14.38 8.26 49.52
CA GLU E 82 15.10 7.12 48.96
C GLU E 82 14.28 5.84 49.03
N GLN E 83 13.65 5.58 50.19
CA GLN E 83 12.81 4.39 50.28
C GLN E 83 11.54 4.53 49.45
N MET E 84 11.06 5.75 49.24
CA MET E 84 9.95 5.96 48.30
C MET E 84 10.38 5.62 46.88
N ASN E 85 11.59 6.04 46.48
CA ASN E 85 12.11 5.69 45.16
C ASN E 85 12.28 4.20 45.02
N GLU E 86 12.74 3.52 46.07
CA GLU E 86 12.88 2.07 46.00
C GLU E 86 11.53 1.36 45.95
N ALA E 87 10.52 1.91 46.63
CA ALA E 87 9.18 1.35 46.53
C ALA E 87 8.62 1.51 45.13
N GLU E 88 8.90 2.65 44.49
CA GLU E 88 8.44 2.84 43.12
C GLU E 88 9.22 1.94 42.15
N LYS E 89 10.50 1.72 42.42
CA LYS E 89 11.31 0.83 41.59
C LYS E 89 10.84 -0.61 41.72
N ARG E 90 10.37 -1.01 42.92
CA ARG E 90 9.84 -2.35 43.09
C ARG E 90 8.53 -2.56 42.34
N LYS E 91 7.86 -1.47 41.93
CA LYS E 91 6.57 -1.61 41.26
C LYS E 91 6.69 -2.30 39.91
N TYR E 92 7.88 -2.31 39.29
CA TYR E 92 8.06 -2.89 37.97
C TYR E 92 9.25 -3.84 38.00
N ILE E 93 9.03 -5.07 37.53
CA ILE E 93 10.06 -6.08 37.47
C ILE E 93 10.79 -5.95 36.15
N LYS E 94 12.12 -5.86 36.23
CA LYS E 94 12.97 -5.71 35.05
C LYS E 94 13.25 -7.07 34.41
N GLY E 95 13.33 -7.08 33.09
CA GLY E 95 13.54 -8.31 32.34
C GLY E 95 14.64 -8.16 31.29
N LYS E 96 14.38 -8.74 30.13
CA LYS E 96 15.39 -8.81 29.07
C LYS E 96 15.81 -7.41 28.63
N LYS E 97 17.07 -7.31 28.20
CA LYS E 97 17.61 -6.06 27.67
C LYS E 97 17.23 -5.96 26.20
N LEU E 98 16.34 -5.04 25.86
CA LEU E 98 15.81 -4.97 24.51
C LEU E 98 16.72 -4.20 23.56
N GLY E 99 17.52 -3.26 24.06
CA GLY E 99 18.31 -2.42 23.18
C GLY E 99 19.51 -1.84 23.89
N GLU E 100 20.53 -1.52 23.11
CA GLU E 100 21.76 -0.90 23.59
C GLU E 100 22.00 0.38 22.80
N GLY E 101 21.76 1.52 23.44
CA GLY E 101 21.99 2.80 22.80
C GLY E 101 23.11 3.59 23.44
N THR E 102 23.62 4.59 22.72
CA THR E 102 24.68 5.43 23.30
C THR E 102 24.15 6.29 24.44
N TYR E 103 22.86 6.63 24.43
CA TYR E 103 22.26 7.51 25.41
C TYR E 103 21.74 6.76 26.64
N ALA E 104 21.08 5.60 26.45
CA ALA E 104 20.55 4.85 27.58
C ALA E 104 20.36 3.40 27.15
N ASN E 105 20.06 2.55 28.13
CA ASN E 105 19.80 1.13 27.90
C ASN E 105 18.36 0.80 28.25
N VAL E 106 17.69 0.08 27.35
CA VAL E 106 16.27 -0.23 27.49
C VAL E 106 16.11 -1.68 27.90
N TYR E 107 15.27 -1.91 28.91
CA TYR E 107 14.94 -3.25 29.38
C TYR E 107 13.44 -3.47 29.28
N LEU E 108 13.06 -4.72 29.00
CA LEU E 108 11.65 -5.08 29.14
C LEU E 108 11.29 -5.17 30.61
N GLY E 109 10.05 -4.81 30.94
CA GLY E 109 9.61 -4.93 32.31
C GLY E 109 8.11 -5.12 32.38
N HIS E 110 7.64 -5.47 33.58
CA HIS E 110 6.21 -5.66 33.76
C HIS E 110 5.81 -5.36 35.19
N SER E 111 4.58 -4.87 35.34
CA SER E 111 4.07 -4.50 36.66
C SER E 111 4.05 -5.72 37.58
N ARG E 112 4.38 -5.50 38.85
CA ARG E 112 4.32 -6.59 39.82
C ARG E 112 2.87 -6.96 40.15
N ASP E 113 1.98 -5.98 40.18
CA ASP E 113 0.57 -6.23 40.48
C ASP E 113 -0.18 -6.77 39.28
N ASP E 114 0.33 -6.57 38.07
CA ASP E 114 -0.31 -7.07 36.85
C ASP E 114 0.77 -7.43 35.85
N PRO E 115 1.32 -8.65 35.95
CA PRO E 115 2.37 -9.06 35.01
C PRO E 115 1.95 -9.05 33.55
N ASN E 116 0.65 -8.97 33.26
CA ASN E 116 0.21 -8.83 31.88
C ASN E 116 0.47 -7.42 31.33
N PHE E 117 0.56 -6.43 32.22
CA PHE E 117 0.83 -5.05 31.81
C PHE E 117 2.34 -4.90 31.59
N LYS E 118 2.75 -4.81 30.33
CA LYS E 118 4.15 -4.67 29.97
C LYS E 118 4.57 -3.20 29.97
N VAL E 119 5.88 -2.98 29.94
CA VAL E 119 6.44 -1.64 30.08
C VAL E 119 7.89 -1.68 29.60
N ALA E 120 8.42 -0.52 29.21
CA ALA E 120 9.82 -0.40 28.84
C ALA E 120 10.54 0.49 29.84
N ILE E 121 11.62 -0.03 30.40
CA ILE E 121 12.40 0.69 31.41
C ILE E 121 13.66 1.20 30.73
N LYS E 122 13.73 2.50 30.50
CA LYS E 122 14.91 3.13 29.91
C LYS E 122 15.76 3.67 31.05
N LYS E 123 16.91 3.02 31.28
CA LYS E 123 17.87 3.44 32.28
C LYS E 123 18.91 4.33 31.59
N ILE E 124 18.93 5.61 31.96
CA ILE E 124 19.78 6.59 31.31
C ILE E 124 21.17 6.53 31.93
N LYS E 125 22.16 6.11 31.14
CA LYS E 125 23.52 5.96 31.63
C LYS E 125 24.26 7.30 31.57
N VAL E 126 25.09 7.56 32.58
CA VAL E 126 25.86 8.79 32.62
C VAL E 126 26.66 8.92 31.34
N GLN E 127 26.80 10.17 30.86
CA GLN E 127 27.52 10.48 29.63
C GLN E 127 28.91 10.98 29.98
N ALA E 128 29.91 10.12 29.77
CA ALA E 128 31.29 10.51 30.07
C ALA E 128 31.73 11.72 29.23
N GLN E 129 31.11 11.91 28.07
CA GLN E 129 31.48 13.02 27.19
C GLN E 129 31.04 14.37 27.74
N TYR E 130 30.01 14.41 28.59
CA TYR E 130 29.47 15.67 29.11
C TYR E 130 29.95 15.86 30.54
N LYS E 131 30.70 16.93 30.77
CA LYS E 131 31.22 17.25 32.10
C LYS E 131 30.38 18.27 32.85
N ASP E 132 29.26 18.70 32.28
CA ASP E 132 28.42 19.73 32.90
C ASP E 132 27.18 19.14 33.57
N GLY E 133 27.31 17.94 34.14
CA GLY E 133 26.22 17.34 34.89
C GLY E 133 25.22 16.59 34.04
N MET E 134 23.94 16.68 34.40
CA MET E 134 22.90 15.94 33.70
C MET E 134 22.78 16.39 32.26
N ALA E 135 22.66 15.43 31.35
CA ALA E 135 22.62 15.73 29.93
C ALA E 135 21.34 16.49 29.58
N PRO E 136 21.40 17.41 28.63
CA PRO E 136 20.20 18.19 28.28
C PRO E 136 19.05 17.33 27.78
N ASP E 137 19.32 16.27 27.01
CA ASP E 137 18.23 15.44 26.49
C ASP E 137 17.47 14.76 27.62
N ALA E 138 18.19 14.33 28.66
CA ALA E 138 17.52 13.72 29.81
C ALA E 138 16.56 14.70 30.47
N VAL E 139 17.04 15.92 30.74
CA VAL E 139 16.20 16.93 31.36
C VAL E 139 14.99 17.23 30.49
N ARG E 140 15.22 17.41 29.18
CA ARG E 140 14.13 17.77 28.28
C ARG E 140 13.05 16.69 28.25
N GLU E 141 13.46 15.43 28.13
CA GLU E 141 12.50 14.35 28.17
C GLU E 141 11.76 14.35 29.51
N LEU E 142 12.52 14.38 30.61
CA LEU E 142 11.94 14.32 31.94
C LEU E 142 10.88 15.39 32.13
N LYS E 143 11.09 16.56 31.52
CA LYS E 143 10.12 17.65 31.65
C LYS E 143 8.93 17.44 30.72
N TYR E 144 9.18 17.31 29.42
CA TYR E 144 8.11 17.44 28.45
C TYR E 144 7.29 16.16 28.30
N LEU E 145 7.91 14.98 28.44
CA LEU E 145 7.11 13.77 28.44
C LEU E 145 6.08 13.79 29.55
N ARG E 146 6.43 14.39 30.70
CA ARG E 146 5.45 14.57 31.76
C ARG E 146 4.43 15.65 31.39
N GLU E 147 4.90 16.75 30.78
CA GLU E 147 3.97 17.81 30.38
C GLU E 147 2.98 17.32 29.33
N LEU E 148 3.44 16.51 28.38
CA LEU E 148 2.59 16.08 27.26
C LEU E 148 1.90 14.74 27.49
N ARG E 149 2.23 14.02 28.54
CA ARG E 149 1.66 12.69 28.73
C ARG E 149 0.14 12.77 28.81
N GLY E 150 -0.53 11.80 28.20
CA GLY E 150 -1.98 11.76 28.14
C GLY E 150 -2.54 11.73 26.74
N HIS E 151 -1.75 11.97 25.70
CA HIS E 151 -2.25 11.90 24.34
C HIS E 151 -1.91 10.56 23.70
N PRO E 152 -2.79 10.00 22.88
CA PRO E 152 -2.54 8.66 22.32
C PRO E 152 -1.35 8.62 21.36
N ASN E 153 -0.90 9.77 20.85
CA ASN E 153 0.18 9.79 19.88
C ASN E 153 1.48 10.36 20.45
N ILE E 154 1.60 10.40 21.78
CA ILE E 154 2.82 10.77 22.47
C ILE E 154 3.19 9.61 23.38
N ILE E 155 4.46 9.21 23.36
CA ILE E 155 4.89 8.09 24.18
C ILE E 155 4.63 8.42 25.64
N GLY E 156 3.99 7.49 26.35
CA GLY E 156 3.56 7.76 27.71
C GLY E 156 4.68 7.54 28.72
N LEU E 157 4.93 8.57 29.53
CA LEU E 157 5.88 8.46 30.64
C LEU E 157 5.12 7.89 31.84
N ILE E 158 5.21 6.57 32.02
CA ILE E 158 4.45 5.93 33.08
C ILE E 158 5.01 6.29 34.45
N SER E 159 6.33 6.29 34.60
CA SER E 159 6.93 6.56 35.90
C SER E 159 8.37 7.01 35.73
N VAL E 160 8.93 7.55 36.81
CA VAL E 160 10.33 7.96 36.87
C VAL E 160 10.87 7.60 38.25
N PHE E 161 12.05 7.00 38.29
CA PHE E 161 12.63 6.69 39.58
C PHE E 161 14.15 6.58 39.48
N SER E 162 14.81 6.77 40.60
CA SER E 162 16.26 6.67 40.67
C SER E 162 16.65 5.26 41.12
N SER E 163 17.63 4.67 40.43
CA SER E 163 18.09 3.35 40.80
C SER E 163 19.12 3.44 41.91
N LYS E 164 19.46 2.28 42.49
CA LYS E 164 20.41 2.26 43.60
C LYS E 164 21.76 2.82 43.19
N ASP E 165 22.12 2.72 41.91
CA ASP E 165 23.40 3.23 41.42
C ASP E 165 23.34 4.70 41.01
N GLN E 166 22.37 5.45 41.53
CA GLN E 166 22.29 6.90 41.28
C GLN E 166 22.10 7.20 39.80
N ASN E 167 21.28 6.39 39.13
CA ASN E 167 20.95 6.62 37.73
C ASN E 167 19.45 6.89 37.59
N LEU E 168 19.08 7.43 36.44
CA LEU E 168 17.70 7.81 36.15
C LEU E 168 17.01 6.69 35.38
N ASN E 169 15.74 6.45 35.71
CA ASN E 169 14.96 5.40 35.07
C ASN E 169 13.61 5.96 34.65
N LEU E 170 13.27 5.76 33.38
CA LEU E 170 11.98 6.16 32.83
C LEU E 170 11.20 4.91 32.47
N VAL E 171 10.06 4.70 33.14
CA VAL E 171 9.13 3.63 32.80
C VAL E 171 8.14 4.20 31.79
N LEU E 172 8.19 3.67 30.57
CA LEU E 172 7.44 4.17 29.43
C LEU E 172 6.54 3.08 28.84
N GLU E 173 5.60 3.54 28.02
CA GLU E 173 4.76 2.63 27.23
C GLU E 173 5.62 1.59 26.53
N TYR E 174 5.04 0.40 26.31
CA TYR E 174 5.73 -0.66 25.59
C TYR E 174 5.29 -0.66 24.13
N LEU E 175 6.24 -0.41 23.23
CA LEU E 175 6.01 -0.24 21.80
C LEU E 175 6.89 -1.24 21.05
N PRO E 176 6.44 -2.48 20.89
CA PRO E 176 7.32 -3.53 20.37
C PRO E 176 7.49 -3.56 18.86
N LEU E 177 6.64 -2.85 18.10
CA LEU E 177 6.64 -2.97 16.65
C LEU E 177 7.66 -2.05 15.96
N GLY E 178 8.67 -1.57 16.70
CA GLY E 178 9.73 -0.78 16.10
C GLY E 178 9.35 0.67 15.85
N ASP E 179 9.79 1.22 14.72
CA ASP E 179 9.50 2.60 14.35
C ASP E 179 9.07 2.64 12.89
N LEU E 180 8.82 3.86 12.39
CA LEU E 180 8.36 4.03 11.01
C LEU E 180 9.50 3.97 10.00
N GLU E 181 10.73 4.30 10.43
CA GLU E 181 11.85 4.27 9.50
C GLU E 181 12.11 2.88 8.98
N MET E 182 12.10 1.88 9.88
CA MET E 182 12.38 0.52 9.44
C MET E 182 11.27 -0.01 8.54
N LEU E 183 10.04 0.46 8.73
CA LEU E 183 8.98 0.12 7.78
C LEU E 183 9.22 0.76 6.42
N ILE E 184 9.59 2.04 6.40
CA ILE E 184 9.82 2.72 5.13
C ILE E 184 10.97 2.06 4.38
N ARG E 185 12.05 1.70 5.10
CA ARG E 185 13.25 1.21 4.44
C ARG E 185 13.09 -0.23 3.97
N ASP E 186 12.28 -1.04 4.64
CA ASP E 186 12.10 -2.45 4.28
C ASP E 186 11.20 -2.51 3.04
N VAL E 187 11.75 -2.01 1.93
CA VAL E 187 10.97 -1.95 0.69
C VAL E 187 10.77 -3.31 0.08
N GLU E 188 11.59 -4.31 0.46
CA GLU E 188 11.46 -5.63 -0.15
C GLU E 188 10.28 -6.41 0.41
N ARG E 189 9.95 -6.22 1.69
CA ARG E 189 8.97 -7.08 2.36
C ARG E 189 7.73 -6.35 2.86
N VAL E 190 7.81 -5.05 3.15
CA VAL E 190 6.70 -4.30 3.71
C VAL E 190 5.99 -3.54 2.59
N ARG E 191 4.68 -3.74 2.47
CA ARG E 191 3.85 -3.09 1.46
C ARG E 191 2.81 -2.22 2.15
N TYR E 192 2.75 -0.94 1.79
CA TYR E 192 1.73 -0.05 2.33
C TYR E 192 1.25 0.89 1.23
N GLY E 193 0.02 1.38 1.40
CA GLY E 193 -0.62 2.20 0.39
C GLY E 193 -1.04 3.58 0.86
N ALA E 194 -1.97 4.19 0.11
CA ALA E 194 -2.39 5.55 0.42
C ALA E 194 -3.13 5.63 1.76
N ALA E 195 -4.03 4.68 2.02
CA ALA E 195 -4.77 4.72 3.28
C ALA E 195 -3.84 4.57 4.47
N ASP E 196 -2.80 3.74 4.33
CA ASP E 196 -1.84 3.55 5.41
C ASP E 196 -1.03 4.83 5.64
N ILE E 197 -0.56 5.46 4.56
CA ILE E 197 0.15 6.72 4.69
C ILE E 197 -0.75 7.76 5.34
N LYS E 198 -2.03 7.76 4.99
CA LYS E 198 -2.98 8.71 5.57
C LYS E 198 -3.16 8.47 7.07
N ALA E 199 -3.27 7.20 7.48
CA ALA E 199 -3.39 6.90 8.90
C ALA E 199 -2.14 7.32 9.68
N TRP E 200 -0.97 7.00 9.13
CA TRP E 200 0.28 7.37 9.80
C TRP E 200 0.40 8.88 9.90
N MET E 201 0.12 9.59 8.82
CA MET E 201 0.21 11.05 8.83
C MET E 201 -0.81 11.66 9.78
N GLY E 202 -2.00 11.06 9.88
CA GLY E 202 -2.96 11.54 10.86
C GLY E 202 -2.44 11.40 12.27
N MET E 203 -1.86 10.23 12.60
CA MET E 203 -1.28 10.04 13.92
C MET E 203 -0.19 11.08 14.19
N LEU E 204 0.73 11.25 13.24
CA LEU E 204 1.83 12.19 13.45
C LEU E 204 1.33 13.62 13.61
N THR E 205 0.38 14.03 12.75
CA THR E 205 -0.15 15.39 12.85
C THR E 205 -0.87 15.60 14.16
N ARG E 206 -1.60 14.59 14.64
CA ARG E 206 -2.27 14.75 15.93
C ARG E 206 -1.27 14.87 17.06
N ALA E 207 -0.17 14.11 17.00
CA ALA E 207 0.85 14.23 18.03
C ALA E 207 1.47 15.64 18.01
N VAL E 208 1.83 16.12 16.83
CA VAL E 208 2.46 17.44 16.74
C VAL E 208 1.48 18.53 17.15
N TRP E 209 0.20 18.37 16.79
CA TRP E 209 -0.82 19.32 17.20
C TRP E 209 -0.95 19.35 18.72
N TRP E 210 -0.89 18.19 19.37
CA TRP E 210 -0.93 18.18 20.83
C TRP E 210 0.30 18.84 21.42
N CYS E 211 1.47 18.62 20.81
CA CYS E 211 2.68 19.29 21.27
C CYS E 211 2.49 20.80 21.26
N HIS E 212 2.13 21.35 20.10
CA HIS E 212 2.03 22.80 19.98
C HIS E 212 0.88 23.35 20.81
N GLU E 213 -0.19 22.58 20.98
CA GLU E 213 -1.30 22.99 21.84
C GLU E 213 -0.82 23.23 23.27
N ASN E 214 0.23 22.52 23.69
CA ASN E 214 0.83 22.70 25.00
C ASN E 214 2.11 23.52 24.93
N PHE E 215 2.35 24.22 23.81
CA PHE E 215 3.46 25.16 23.68
C PHE E 215 4.81 24.44 23.84
N ILE E 216 5.00 23.42 23.03
CA ILE E 216 6.24 22.65 23.02
C ILE E 216 6.62 22.33 21.58
N LEU E 217 7.88 22.59 21.23
CA LEU E 217 8.44 22.22 19.94
C LEU E 217 9.20 20.91 20.06
N HIS E 218 9.00 20.02 19.09
CA HIS E 218 9.70 18.73 19.13
C HIS E 218 11.13 18.89 18.62
N ARG E 219 11.30 19.54 17.47
CA ARG E 219 12.61 19.94 16.97
C ARG E 219 13.51 18.76 16.62
N ASP E 220 12.93 17.59 16.33
CA ASP E 220 13.70 16.46 15.84
C ASP E 220 12.78 15.39 15.27
N ILE E 221 11.80 15.80 14.46
CA ILE E 221 10.82 14.88 13.91
C ILE E 221 11.42 14.13 12.73
N LYS E 222 11.37 12.81 12.78
CA LYS E 222 11.86 11.96 11.70
C LYS E 222 11.26 10.57 11.87
N PRO E 223 11.40 9.71 10.86
CA PRO E 223 10.75 8.39 10.95
C PRO E 223 11.19 7.56 12.15
N ASN E 224 12.50 7.46 12.41
CA ASN E 224 12.97 6.60 13.48
C ASN E 224 12.62 7.15 14.87
N ASN E 225 12.06 8.35 14.95
CA ASN E 225 11.55 8.88 16.21
C ASN E 225 10.03 8.72 16.33
N LEU E 226 9.43 7.94 15.44
CA LEU E 226 8.00 7.62 15.51
C LEU E 226 7.89 6.13 15.83
N LEU E 227 7.72 5.83 17.11
CA LEU E 227 7.64 4.43 17.53
C LEU E 227 6.22 3.90 17.31
N ILE E 228 6.11 2.58 17.23
CA ILE E 228 4.83 1.94 16.91
C ILE E 228 4.46 1.00 18.05
N ALA E 229 3.24 1.17 18.57
CA ALA E 229 2.74 0.36 19.66
C ALA E 229 2.22 -0.98 19.14
N ALA E 230 1.81 -1.85 20.06
CA ALA E 230 1.37 -3.19 19.69
C ALA E 230 0.13 -3.15 18.80
N ASP E 231 -0.78 -2.21 19.05
CA ASP E 231 -2.00 -2.10 18.27
C ASP E 231 -1.82 -1.28 16.99
N GLY E 232 -0.64 -0.71 16.76
CA GLY E 232 -0.38 0.06 15.57
C GLY E 232 -0.41 1.56 15.75
N GLU E 233 -0.73 2.04 16.94
CA GLU E 233 -0.76 3.48 17.18
C GLU E 233 0.66 4.03 17.22
N VAL E 234 0.91 5.09 16.46
CA VAL E 234 2.24 5.68 16.38
C VAL E 234 2.37 6.74 17.46
N LYS E 235 3.53 6.76 18.10
CA LYS E 235 3.82 7.69 19.19
C LYS E 235 5.09 8.46 18.85
N LEU E 236 5.03 9.78 18.97
CA LEU E 236 6.22 10.60 18.86
C LEU E 236 7.05 10.41 20.14
N ALA E 237 8.35 10.18 19.99
CA ALA E 237 9.14 9.63 21.08
C ALA E 237 10.31 10.52 21.51
N ASP E 238 11.31 10.72 20.66
CA ASP E 238 12.56 11.33 21.11
C ASP E 238 12.34 12.82 21.38
N PHE E 239 12.41 13.19 22.66
CA PHE E 239 12.21 14.58 23.08
C PHE E 239 13.48 15.22 23.60
N GLY E 240 14.65 14.66 23.27
CA GLY E 240 15.90 15.22 23.75
C GLY E 240 16.23 16.59 23.22
N LEU E 241 15.52 17.07 22.20
CA LEU E 241 15.77 18.39 21.63
C LEU E 241 14.59 19.34 21.77
N ALA E 242 13.54 18.94 22.50
CA ALA E 242 12.35 19.76 22.63
C ALA E 242 12.65 21.02 23.43
N ARG E 243 11.75 21.99 23.30
CA ARG E 243 11.85 23.25 24.05
C ARG E 243 10.49 23.93 24.05
N SER E 244 10.20 24.62 25.15
CA SER E 244 8.95 25.36 25.25
C SER E 244 8.96 26.55 24.29
N PHE E 245 7.75 27.01 23.94
CA PHE E 245 7.63 28.20 23.10
C PHE E 245 8.33 29.38 23.76
N ALA E 246 9.31 29.94 23.07
CA ALA E 246 10.08 31.06 23.60
C ALA E 246 9.28 32.35 23.51
N ASP E 247 9.48 33.22 24.49
CA ASP E 247 8.83 34.51 24.48
C ASP E 247 9.47 35.40 23.44
N PRO E 248 8.83 36.52 23.09
CA PRO E 248 9.44 37.44 22.14
C PRO E 248 10.77 37.95 22.67
N GLY E 249 11.78 37.97 21.80
CA GLY E 249 13.09 38.42 22.19
C GLY E 249 13.95 37.36 22.84
N ARG E 250 13.39 36.20 23.18
CA ARG E 250 14.17 35.09 23.71
C ARG E 250 14.73 34.30 22.54
N ARG E 251 16.05 34.28 22.40
CA ARG E 251 16.70 33.65 21.28
C ARG E 251 16.70 32.13 21.44
N MET E 252 16.55 31.43 20.32
CA MET E 252 16.58 29.97 20.31
C MET E 252 17.74 29.49 19.43
N THR E 253 18.08 28.23 19.60
CA THR E 253 19.19 27.65 18.84
C THR E 253 18.78 27.42 17.40
N ALA E 254 19.70 27.71 16.48
CA ALA E 254 19.51 27.38 15.07
C ALA E 254 20.00 25.98 14.74
N ASN E 255 20.62 25.29 15.69
CA ASN E 255 21.18 23.96 15.47
C ASN E 255 20.28 22.91 16.13
N VAL E 256 19.12 22.67 15.51
CA VAL E 256 18.20 21.61 15.93
C VAL E 256 17.54 21.00 14.71
N ILE E 257 16.98 19.81 14.91
CA ILE E 257 16.32 19.04 13.86
C ILE E 257 17.37 18.46 12.93
N THR E 258 17.27 17.15 12.65
CA THR E 258 18.21 16.51 11.74
C THR E 258 18.23 17.25 10.41
N ARG E 259 19.43 17.33 9.82
CA ARG E 259 19.62 18.15 8.62
C ARG E 259 18.58 17.84 7.55
N TRP E 260 18.37 16.55 7.26
CA TRP E 260 17.45 16.17 6.19
C TRP E 260 16.04 16.71 6.42
N TYR E 261 15.66 17.00 7.67
CA TYR E 261 14.32 17.43 8.00
C TYR E 261 14.28 18.84 8.56
N ARG E 262 15.35 19.61 8.43
CA ARG E 262 15.43 20.96 8.96
C ARG E 262 14.83 21.96 7.97
N PRO E 263 14.01 22.89 8.45
CA PRO E 263 13.41 23.87 7.56
C PRO E 263 14.42 24.92 7.14
N PRO E 264 14.14 25.69 6.08
CA PRO E 264 15.12 26.67 5.61
C PRO E 264 15.43 27.76 6.63
N GLU E 265 14.46 28.17 7.46
CA GLU E 265 14.73 29.24 8.41
C GLU E 265 15.76 28.83 9.45
N LEU E 266 15.78 27.54 9.82
CA LEU E 266 16.83 27.08 10.74
C LEU E 266 18.17 26.94 10.05
N LEU E 267 18.17 26.45 8.80
CA LEU E 267 19.41 26.39 8.03
C LEU E 267 20.04 27.77 7.91
N PHE E 268 19.21 28.81 7.81
CA PHE E 268 19.68 30.18 7.73
C PHE E 268 19.98 30.79 9.10
N GLY E 269 19.95 29.98 10.16
CA GLY E 269 20.32 30.45 11.48
C GLY E 269 19.27 31.24 12.22
N ALA E 270 18.00 31.08 11.86
CA ALA E 270 16.95 31.85 12.52
C ALA E 270 16.91 31.56 14.01
N ARG E 271 16.84 32.61 14.82
CA ARG E 271 16.85 32.49 16.27
C ARG E 271 15.50 32.77 16.90
N HIS E 272 14.52 33.27 16.13
CA HIS E 272 13.17 33.56 16.63
C HIS E 272 12.19 32.94 15.65
N TYR E 273 11.89 31.67 15.85
CA TYR E 273 10.97 30.92 14.99
C TYR E 273 9.79 30.41 15.82
N GLY E 274 8.94 29.61 15.20
CA GLY E 274 7.78 29.08 15.88
C GLY E 274 7.51 27.63 15.53
N GLY E 275 6.25 27.20 15.72
CA GLY E 275 5.89 25.82 15.45
C GLY E 275 6.11 25.39 14.02
N ALA E 276 6.22 26.35 13.09
CA ALA E 276 6.41 26.00 11.69
C ALA E 276 7.63 25.11 11.49
N VAL E 277 8.68 25.29 12.29
CA VAL E 277 9.88 24.47 12.13
C VAL E 277 9.52 22.99 12.21
N ASP E 278 8.56 22.64 13.07
CA ASP E 278 8.11 21.26 13.16
C ASP E 278 7.31 20.85 11.93
N ILE E 279 6.39 21.71 11.48
CA ILE E 279 5.56 21.36 10.33
C ILE E 279 6.44 20.95 9.15
N TRP E 280 7.50 21.73 8.89
CA TRP E 280 8.44 21.38 7.83
C TRP E 280 8.93 19.96 7.99
N SER E 281 9.43 19.61 9.17
CA SER E 281 9.86 18.23 9.42
C SER E 281 8.76 17.25 9.08
N VAL E 282 7.53 17.53 9.53
CA VAL E 282 6.40 16.66 9.21
C VAL E 282 6.30 16.49 7.70
N GLY E 283 6.37 17.60 6.96
CA GLY E 283 6.35 17.49 5.51
C GLY E 283 7.41 16.55 5.00
N MET E 284 8.63 16.68 5.52
CA MET E 284 9.71 15.80 5.07
C MET E 284 9.44 14.34 5.42
N VAL E 285 8.72 14.09 6.50
CA VAL E 285 8.25 12.72 6.75
C VAL E 285 7.20 12.34 5.71
N PHE E 286 6.22 13.22 5.50
CA PHE E 286 5.18 12.96 4.51
C PHE E 286 5.80 12.56 3.18
N ALA E 287 6.65 13.43 2.64
CA ALA E 287 7.33 13.12 1.39
C ALA E 287 8.04 11.78 1.48
N GLU E 288 8.76 11.55 2.58
CA GLU E 288 9.51 10.31 2.71
C GLU E 288 8.60 9.10 2.74
N LEU E 289 7.37 9.26 3.24
CA LEU E 289 6.42 8.15 3.21
C LEU E 289 5.96 7.84 1.79
N ILE E 290 5.88 8.86 0.93
CA ILE E 290 5.36 8.64 -0.42
C ILE E 290 6.41 7.99 -1.31
N ILE E 291 7.65 8.46 -1.26
CA ILE E 291 8.72 7.93 -2.10
C ILE E 291 9.58 6.90 -1.38
N ARG E 292 9.29 6.62 -0.10
CA ARG E 292 10.02 5.60 0.66
C ARG E 292 11.53 5.82 0.59
N SER E 293 11.93 7.09 0.60
CA SER E 293 13.35 7.45 0.64
C SER E 293 13.43 8.88 1.12
N PRO E 294 14.52 9.26 1.79
CA PRO E 294 14.64 10.65 2.26
C PRO E 294 14.46 11.61 1.10
N PHE E 295 13.64 12.63 1.33
CA PHE E 295 13.33 13.57 0.26
C PHE E 295 14.54 14.43 -0.11
N LEU E 296 15.15 15.07 0.89
CA LEU E 296 16.31 15.94 0.71
C LEU E 296 17.42 15.45 1.63
N PRO E 297 18.22 14.47 1.18
CA PRO E 297 19.27 13.90 2.04
C PRO E 297 20.64 14.55 1.82
N GLY E 298 20.75 15.82 2.22
CA GLY E 298 22.01 16.53 2.09
C GLY E 298 23.01 16.11 3.15
N ASN E 299 24.28 16.13 2.77
CA ASN E 299 25.36 15.80 3.69
C ASN E 299 25.96 17.02 4.38
N THR E 300 25.69 18.22 3.89
CA THR E 300 26.15 19.45 4.53
C THR E 300 25.02 20.47 4.50
N GLU E 301 25.16 21.52 5.30
CA GLU E 301 24.14 22.56 5.32
C GLU E 301 24.00 23.22 3.95
N MET E 302 25.12 23.42 3.25
CA MET E 302 25.05 23.97 1.91
C MET E 302 24.35 23.02 0.96
N GLU E 303 24.62 21.71 1.08
CA GLU E 303 23.92 20.75 0.24
C GLU E 303 22.42 20.77 0.52
N GLN E 304 22.04 20.90 1.79
CA GLN E 304 20.63 20.99 2.14
C GLN E 304 19.98 22.23 1.54
N ILE E 305 20.66 23.38 1.65
CA ILE E 305 20.12 24.61 1.08
C ILE E 305 19.97 24.47 -0.42
N THR E 306 20.98 23.89 -1.09
CA THR E 306 20.91 23.73 -2.54
C THR E 306 19.78 22.81 -2.93
N LEU E 307 19.57 21.72 -2.19
CA LEU E 307 18.48 20.80 -2.51
C LEU E 307 17.13 21.45 -2.30
N ILE E 308 16.99 22.27 -1.25
CA ILE E 308 15.73 22.97 -1.04
C ILE E 308 15.46 23.94 -2.17
N CYS E 309 16.51 24.64 -2.63
CA CYS E 309 16.35 25.53 -3.77
C CYS E 309 15.97 24.76 -5.04
N LYS E 310 16.57 23.58 -5.22
CA LYS E 310 16.41 22.85 -6.47
C LYS E 310 15.03 22.21 -6.57
N HIS E 311 14.59 21.53 -5.51
CA HIS E 311 13.39 20.72 -5.57
C HIS E 311 12.17 21.39 -4.95
N ILE E 312 12.35 22.49 -4.22
CA ILE E 312 11.26 23.22 -3.61
C ILE E 312 11.17 24.65 -4.14
N GLY E 313 12.29 25.34 -4.20
CA GLY E 313 12.35 26.69 -4.75
C GLY E 313 13.38 27.53 -4.03
N THR E 314 13.97 28.47 -4.77
CA THR E 314 14.96 29.37 -4.21
C THR E 314 14.28 30.46 -3.39
N PRO E 315 14.56 30.57 -2.08
CA PRO E 315 13.98 31.66 -1.29
C PRO E 315 14.50 33.00 -1.77
N THR E 316 13.60 33.97 -1.87
CA THR E 316 13.96 35.30 -2.31
C THR E 316 13.22 36.34 -1.48
N GLU E 317 13.67 37.59 -1.59
CA GLU E 317 12.99 38.69 -0.92
C GLU E 317 11.54 38.81 -1.34
N GLU E 318 11.18 38.26 -2.50
CA GLU E 318 9.82 38.37 -3.00
C GLU E 318 8.89 37.43 -2.26
N ASN E 319 9.26 36.16 -2.15
CA ASN E 319 8.42 35.15 -1.50
C ASN E 319 8.69 35.03 0.00
N TRP E 320 9.71 35.69 0.52
CA TRP E 320 10.10 35.55 1.93
C TRP E 320 10.77 36.84 2.36
N PRO E 321 9.99 37.88 2.64
CA PRO E 321 10.58 39.20 2.94
C PRO E 321 11.56 39.13 4.09
N GLY E 322 12.76 39.67 3.86
CA GLY E 322 13.79 39.74 4.89
C GLY E 322 14.63 38.50 5.05
N VAL E 323 14.46 37.49 4.19
CA VAL E 323 15.19 36.23 4.37
C VAL E 323 16.69 36.45 4.26
N SER E 324 17.12 37.37 3.39
CA SER E 324 18.54 37.62 3.22
C SER E 324 19.20 38.22 4.45
N LYS E 325 18.43 38.58 5.48
CA LYS E 325 18.96 39.15 6.70
C LYS E 325 19.07 38.15 7.83
N LEU E 326 18.78 36.87 7.56
CA LEU E 326 18.90 35.86 8.60
C LEU E 326 20.36 35.68 8.99
N PRO E 327 20.62 35.33 10.25
CA PRO E 327 22.02 35.31 10.74
C PRO E 327 22.97 34.48 9.88
N GLU E 328 22.48 33.44 9.21
CA GLU E 328 23.35 32.54 8.45
C GLU E 328 22.76 32.26 7.07
N TRP E 329 22.20 33.29 6.44
CA TRP E 329 21.65 33.14 5.10
C TRP E 329 22.75 32.84 4.09
N TRP E 330 22.52 31.86 3.24
CA TRP E 330 23.49 31.47 2.22
C TRP E 330 22.76 31.00 0.98
N ASP E 331 23.29 31.36 -0.19
CA ASP E 331 22.73 30.96 -1.48
C ASP E 331 23.84 30.52 -2.41
N PRO E 332 23.65 29.41 -3.14
CA PRO E 332 24.72 28.91 -4.02
C PRO E 332 25.04 29.83 -5.18
N MET E 333 24.31 30.93 -5.35
CA MET E 333 24.59 31.92 -6.39
C MET E 333 24.50 31.31 -7.79
N GLU E 334 23.47 30.50 -8.01
CA GLU E 334 23.13 30.00 -9.33
C GLU E 334 21.81 30.63 -9.77
N GLU E 335 21.38 30.31 -10.97
CA GLU E 335 20.11 30.82 -11.47
C GLU E 335 18.98 30.42 -10.54
N PRO E 336 18.21 31.37 -10.00
CA PRO E 336 17.16 31.01 -9.04
C PRO E 336 16.10 30.13 -9.67
N ILE E 337 15.55 29.22 -8.87
CA ILE E 337 14.53 28.29 -9.30
C ILE E 337 13.19 28.79 -8.78
N PRO E 338 12.19 29.04 -9.63
CA PRO E 338 10.88 29.46 -9.14
C PRO E 338 10.25 28.41 -8.24
N VAL E 339 9.52 28.88 -7.23
CA VAL E 339 8.89 27.97 -6.27
C VAL E 339 7.90 27.08 -7.01
N TRP E 340 8.09 25.77 -6.89
CA TRP E 340 7.21 24.83 -7.57
C TRP E 340 5.81 24.86 -6.95
N GLY E 341 4.80 24.87 -7.81
CA GLY E 341 3.42 24.83 -7.35
C GLY E 341 2.97 23.42 -7.06
N LYS E 342 1.69 23.31 -6.68
CA LYS E 342 1.13 22.00 -6.36
C LYS E 342 1.32 21.02 -7.51
N ASP E 343 0.99 21.45 -8.73
CA ASP E 343 1.03 20.54 -9.87
C ASP E 343 2.42 19.93 -10.06
N ALA E 344 3.47 20.71 -9.82
CA ALA E 344 4.82 20.20 -10.02
C ALA E 344 5.09 18.99 -9.15
N TYR E 345 4.44 18.90 -7.98
CA TYR E 345 4.60 17.75 -7.10
C TYR E 345 3.80 16.54 -7.57
N MET E 346 2.70 16.78 -8.29
CA MET E 346 1.79 15.69 -8.63
C MET E 346 2.50 14.54 -9.32
N ALA E 347 3.55 14.83 -10.09
CA ALA E 347 4.24 13.78 -10.82
C ALA E 347 4.94 12.80 -9.88
N ARG E 348 5.48 13.28 -8.77
CA ARG E 348 6.26 12.42 -7.87
C ARG E 348 5.46 11.92 -6.68
N PHE E 349 4.58 12.73 -6.11
CA PHE E 349 3.85 12.35 -4.91
C PHE E 349 2.37 12.05 -5.15
N GLY E 350 1.92 12.09 -6.39
CA GLY E 350 0.52 11.88 -6.71
C GLY E 350 -0.05 10.61 -6.13
N ALA E 351 0.81 9.77 -5.53
CA ALA E 351 0.32 8.57 -4.87
C ALA E 351 -0.71 8.89 -3.80
N VAL E 352 -0.63 10.07 -3.18
CA VAL E 352 -1.60 10.44 -2.17
C VAL E 352 -2.79 11.22 -2.72
N GLY E 353 -2.84 11.44 -4.03
CA GLY E 353 -3.94 12.16 -4.62
C GLY E 353 -3.79 13.67 -4.48
N SER E 354 -4.48 14.39 -5.37
CA SER E 354 -4.33 15.83 -5.44
C SER E 354 -4.45 16.49 -4.06
N GLU E 355 -5.59 16.27 -3.39
CA GLU E 355 -5.77 16.85 -2.07
C GLU E 355 -4.59 16.54 -1.16
N GLY E 356 -4.17 15.28 -1.11
CA GLY E 356 -3.01 14.94 -0.30
C GLY E 356 -1.81 15.78 -0.69
N VAL E 357 -1.50 15.83 -1.99
CA VAL E 357 -0.39 16.66 -2.44
C VAL E 357 -0.57 18.10 -1.98
N ASP E 358 -1.80 18.61 -2.07
CA ASP E 358 -2.08 19.95 -1.57
C ASP E 358 -1.54 20.10 -0.15
N LEU E 359 -1.95 19.20 0.74
CA LEU E 359 -1.43 19.24 2.11
C LEU E 359 0.09 19.28 2.10
N LEU E 360 0.71 18.34 1.37
CA LEU E 360 2.16 18.33 1.27
C LEU E 360 2.68 19.73 0.95
N TRP E 361 2.12 20.35 -0.09
CA TRP E 361 2.59 21.66 -0.49
C TRP E 361 2.47 22.67 0.65
N ARG E 362 1.34 22.65 1.36
CA ARG E 362 1.16 23.62 2.44
C ARG E 362 2.16 23.41 3.57
N THR E 363 2.69 22.21 3.72
CA THR E 363 3.71 21.98 4.74
C THR E 363 5.10 22.38 4.29
N LEU E 364 5.32 22.58 2.99
CA LEU E 364 6.66 22.85 2.45
C LEU E 364 6.77 24.27 1.91
N GLN E 365 6.16 25.23 2.60
CA GLN E 365 6.30 26.63 2.21
C GLN E 365 7.60 27.19 2.76
N LEU E 366 8.32 27.93 1.90
CA LEU E 366 9.59 28.51 2.30
C LEU E 366 9.42 29.48 3.47
N ASP E 367 8.50 30.42 3.34
CA ASP E 367 8.21 31.35 4.43
C ASP E 367 7.46 30.62 5.52
N PRO E 368 8.03 30.46 6.73
CA PRO E 368 7.28 29.81 7.80
C PRO E 368 6.01 30.56 8.18
N LYS E 369 5.93 31.84 7.87
CA LYS E 369 4.70 32.58 8.15
C LYS E 369 3.53 32.07 7.33
N LYS E 370 3.79 31.60 6.10
CA LYS E 370 2.78 31.02 5.25
C LYS E 370 2.73 29.49 5.33
N ARG E 371 3.48 28.90 6.25
CA ARG E 371 3.45 27.45 6.43
C ARG E 371 2.22 27.04 7.22
N ILE E 372 1.55 25.97 6.77
CA ILE E 372 0.34 25.53 7.42
C ILE E 372 0.65 25.12 8.86
N THR E 373 -0.33 25.32 9.74
CA THR E 373 -0.19 24.96 11.15
C THR E 373 -0.86 23.61 11.44
N ALA E 374 -0.53 23.06 12.61
CA ALA E 374 -1.02 21.74 12.96
C ALA E 374 -2.55 21.71 13.03
N ARG E 375 -3.15 22.77 13.58
CA ARG E 375 -4.61 22.86 13.60
C ARG E 375 -5.15 22.95 12.18
N GLU E 376 -4.64 23.90 11.39
CA GLU E 376 -5.03 24.00 9.98
C GLU E 376 -4.87 22.65 9.30
N MET E 377 -3.80 21.92 9.64
CA MET E 377 -3.53 20.65 9.02
C MET E 377 -4.63 19.64 9.34
N LEU E 378 -4.99 19.53 10.63
CA LEU E 378 -6.01 18.59 11.05
C LEU E 378 -7.38 18.92 10.44
N GLU E 379 -7.58 20.15 9.98
CA GLU E 379 -8.83 20.57 9.37
C GLU E 379 -8.82 20.45 7.86
N HIS E 380 -7.78 19.86 7.28
CA HIS E 380 -7.63 19.78 5.84
C HIS E 380 -8.61 18.78 5.21
N ARG E 381 -8.86 18.98 3.91
CA ARG E 381 -9.80 18.13 3.18
C ARG E 381 -9.28 16.73 2.93
N TRP E 382 -7.96 16.53 3.00
CA TRP E 382 -7.39 15.22 2.65
C TRP E 382 -7.94 14.12 3.55
N TRP E 383 -8.15 14.42 4.84
CA TRP E 383 -8.53 13.37 5.77
C TRP E 383 -9.91 12.81 5.43
N ARG E 384 -10.83 13.66 4.99
CA ARG E 384 -12.18 13.25 4.66
C ARG E 384 -12.31 12.76 3.20
N THR E 385 -11.24 12.88 2.42
CA THR E 385 -11.26 12.41 1.05
C THR E 385 -10.95 10.92 0.99
N ASP E 386 -11.68 10.21 0.14
CA ASP E 386 -11.46 8.77 -0.01
C ASP E 386 -10.06 8.53 -0.57
N PRO E 387 -9.45 7.38 -0.24
CA PRO E 387 -10.02 6.35 0.64
C PRO E 387 -9.80 6.67 2.11
N LYS E 388 -10.71 6.25 2.98
CA LYS E 388 -10.56 6.53 4.40
C LYS E 388 -9.26 5.91 4.90
N PRO E 389 -8.68 6.48 5.95
CA PRO E 389 -7.42 5.93 6.47
C PRO E 389 -7.62 4.54 7.05
N THR E 390 -6.57 3.74 6.98
CA THR E 390 -6.64 2.37 7.49
C THR E 390 -6.72 2.40 9.01
N ARG E 391 -7.56 1.54 9.58
CA ARG E 391 -7.66 1.43 11.02
C ARG E 391 -6.38 0.83 11.59
N LYS E 392 -5.90 1.38 12.70
CA LYS E 392 -4.59 1.01 13.22
C LYS E 392 -4.45 -0.49 13.41
N GLU E 393 -5.55 -1.20 13.70
CA GLU E 393 -5.46 -2.64 13.88
C GLU E 393 -5.13 -3.37 12.58
N ASP E 394 -5.37 -2.74 11.43
CA ASP E 394 -5.09 -3.36 10.15
C ASP E 394 -3.83 -2.80 9.49
N LEU E 395 -3.11 -1.91 10.17
CA LEU E 395 -1.94 -1.30 9.58
C LEU E 395 -0.82 -2.32 9.38
N PRO E 396 0.06 -2.08 8.41
CA PRO E 396 1.16 -3.02 8.17
C PRO E 396 2.12 -3.09 9.35
N LYS E 397 2.53 -4.30 9.69
CA LYS E 397 3.53 -4.55 10.72
C LYS E 397 4.80 -5.05 10.06
N LYS E 398 5.94 -4.83 10.72
CA LYS E 398 7.18 -5.37 10.21
C LYS E 398 7.15 -6.90 10.26
N SER E 399 7.85 -7.52 9.32
CA SER E 399 7.83 -8.98 9.21
C SER E 399 8.94 -9.60 10.04
N TYR F 3 -18.23 12.61 14.04
CA TYR F 3 -16.81 12.73 13.69
C TYR F 3 -16.17 13.93 14.36
N ASP F 4 -14.90 13.77 14.77
CA ASP F 4 -14.15 14.82 15.43
C ASP F 4 -12.70 14.78 14.95
N PRO F 5 -12.23 15.83 14.27
CA PRO F 5 -10.88 15.77 13.69
C PRO F 5 -9.77 15.85 14.73
N PHE F 6 -10.02 16.39 15.91
CA PHE F 6 -9.00 16.50 16.95
C PHE F 6 -8.98 15.29 17.88
N GLY F 7 -9.64 14.20 17.50
CA GLY F 7 -9.65 13.01 18.33
C GLY F 7 -10.20 13.23 19.72
N GLY F 8 -11.20 14.09 19.85
CA GLY F 8 -11.81 14.35 21.14
C GLY F 8 -10.89 15.03 22.14
N MET F 9 -9.80 15.64 21.68
CA MET F 9 -8.87 16.32 22.56
C MET F 9 -8.89 17.83 22.39
N GLU F 10 -9.80 18.36 21.57
CA GLU F 10 -9.81 19.78 21.27
C GLU F 10 -9.94 20.60 22.55
N PHE F 11 -9.06 21.59 22.71
CA PHE F 11 -9.10 22.49 23.85
C PHE F 11 -9.89 23.74 23.47
N VAL F 12 -11.01 23.94 24.15
CA VAL F 12 -11.83 25.14 23.94
C VAL F 12 -11.97 25.85 25.29
N PRO F 13 -11.34 27.00 25.47
CA PRO F 13 -11.40 27.68 26.77
C PRO F 13 -12.83 28.03 27.15
N SER F 14 -13.08 28.11 28.45
CA SER F 14 -14.42 28.35 28.99
C SER F 14 -14.62 29.79 29.45
N ARG F 15 -13.63 30.39 30.11
CA ARG F 15 -13.79 31.72 30.68
C ARG F 15 -13.10 32.81 29.87
N TYR F 16 -12.40 32.46 28.80
CA TYR F 16 -11.72 33.46 27.99
C TYR F 16 -11.73 33.03 26.53
N ARG F 17 -11.47 34.00 25.65
CA ARG F 17 -11.37 33.75 24.22
C ARG F 17 -10.28 34.64 23.66
N VAL F 18 -9.45 34.07 22.79
CA VAL F 18 -8.32 34.78 22.20
C VAL F 18 -8.81 35.48 20.94
N ARG F 19 -8.93 36.80 21.02
CA ARG F 19 -9.43 37.60 19.90
C ARG F 19 -8.30 38.41 19.27
N GLU F 20 -8.62 39.01 18.11
CA GLU F 20 -7.60 39.74 17.36
C GLU F 20 -7.18 41.02 18.05
N GLU F 21 -8.09 41.65 18.81
CA GLU F 21 -7.80 42.93 19.42
C GLU F 21 -6.83 42.83 20.59
N LEU F 22 -6.49 41.61 21.02
CA LEU F 22 -5.52 41.47 22.11
C LEU F 22 -4.13 41.85 21.64
N ASN F 23 -3.48 42.73 22.39
CA ASN F 23 -2.10 43.11 22.09
C ASN F 23 -1.53 43.84 23.31
N HIS F 24 -0.21 43.91 23.35
CA HIS F 24 0.52 44.56 24.43
C HIS F 24 1.60 45.44 23.84
N PRO F 25 1.78 46.67 24.35
CA PRO F 25 2.74 47.58 23.74
C PRO F 25 4.16 47.04 23.72
N SER F 26 4.54 46.22 24.70
CA SER F 26 5.87 45.63 24.68
C SER F 26 6.10 44.76 23.46
N LEU F 27 5.04 44.24 22.86
CA LEU F 27 5.16 43.43 21.65
C LEU F 27 5.42 44.27 20.41
N ASP F 28 5.06 45.55 20.42
CA ASP F 28 5.24 46.39 19.24
C ASP F 28 6.68 46.39 18.77
N LYS F 29 7.63 46.46 19.71
CA LYS F 29 9.03 46.55 19.33
C LYS F 29 9.53 45.28 18.64
N TYR F 30 8.91 44.13 18.93
CA TYR F 30 9.29 42.89 18.27
C TYR F 30 8.52 42.64 16.98
N ARG F 31 7.22 42.96 16.96
CA ARG F 31 6.42 42.71 15.76
C ARG F 31 7.04 43.36 14.53
N ILE F 32 7.79 44.45 14.72
CA ILE F 32 8.49 45.09 13.61
C ILE F 32 9.96 44.69 13.54
N ASP F 33 10.41 43.79 14.41
CA ASP F 33 11.79 43.32 14.34
C ASP F 33 11.96 42.38 13.15
N GLN F 34 12.96 42.64 12.32
CA GLN F 34 13.15 41.87 11.11
C GLN F 34 13.30 40.39 11.40
N GLN F 35 14.07 40.04 12.44
CA GLN F 35 14.33 38.64 12.71
C GLN F 35 13.06 37.90 13.13
N HIS F 36 12.19 38.56 13.90
CA HIS F 36 10.98 37.89 14.38
C HIS F 36 9.98 37.63 13.25
N ILE F 37 9.81 38.61 12.36
CA ILE F 37 8.87 38.42 11.26
C ILE F 37 9.45 37.45 10.23
N THR F 38 10.67 37.72 9.77
CA THR F 38 11.24 36.90 8.71
C THR F 38 11.59 35.50 9.18
N GLY F 39 11.74 35.28 10.48
CA GLY F 39 12.04 33.97 11.02
C GLY F 39 10.83 33.15 11.41
N GLY F 40 9.64 33.73 11.35
CA GLY F 40 8.43 32.98 11.59
C GLY F 40 7.99 32.88 13.04
N TYR F 41 8.34 33.85 13.87
CA TYR F 41 7.88 33.83 15.25
C TYR F 41 6.39 34.14 15.31
N SER F 42 5.64 33.36 16.08
CA SER F 42 4.19 33.50 16.17
C SER F 42 3.85 34.30 17.43
N PHE F 43 3.43 35.54 17.23
CA PHE F 43 2.93 36.33 18.35
C PHE F 43 1.55 35.85 18.78
N LEU F 44 0.78 35.27 17.86
CA LEU F 44 -0.50 34.70 18.21
C LEU F 44 -0.33 33.56 19.21
N ASP F 45 0.71 32.73 19.00
CA ASP F 45 0.97 31.65 19.95
C ASP F 45 1.34 32.20 21.32
N TYR F 46 2.16 33.25 21.37
CA TYR F 46 2.52 33.84 22.65
C TYR F 46 1.30 34.42 23.36
N ILE F 47 0.43 35.11 22.60
CA ILE F 47 -0.79 35.65 23.18
C ILE F 47 -1.66 34.55 23.74
N SER F 48 -1.83 33.45 22.99
CA SER F 48 -2.65 32.35 23.46
C SER F 48 -2.07 31.73 24.73
N ARG F 49 -0.75 31.54 24.76
CA ARG F 49 -0.11 31.00 25.96
C ARG F 49 -0.33 31.91 27.17
N ALA F 50 -0.18 33.22 26.97
CA ALA F 50 -0.38 34.16 28.05
C ALA F 50 -1.80 34.11 28.59
N MET F 51 -2.79 34.13 27.68
CA MET F 51 -4.18 34.07 28.12
C MET F 51 -4.47 32.78 28.88
N PHE F 52 -4.06 31.65 28.30
CA PHE F 52 -4.31 30.37 28.95
C PHE F 52 -3.71 30.33 30.34
N GLU F 53 -2.46 30.78 30.48
CA GLU F 53 -1.83 30.77 31.80
C GLU F 53 -2.50 31.75 32.75
N ALA F 54 -3.10 32.82 32.22
CA ALA F 54 -3.79 33.77 33.08
C ALA F 54 -5.12 33.22 33.58
N PHE F 55 -5.76 32.33 32.82
CA PHE F 55 -7.05 31.78 33.21
C PHE F 55 -7.02 30.31 33.58
N ALA F 56 -5.91 29.61 33.36
CA ALA F 56 -5.83 28.19 33.70
C ALA F 56 -5.83 28.01 35.21
N GLY F 57 -6.80 27.24 35.71
CA GLY F 57 -6.88 26.98 37.13
C GLY F 57 -7.48 28.10 37.96
N LEU F 58 -8.34 28.91 37.36
CA LEU F 58 -8.92 30.04 38.08
C LEU F 58 -9.86 29.57 39.18
N ALA F 59 -10.60 28.49 38.94
CA ALA F 59 -11.53 27.94 39.91
C ALA F 59 -11.00 26.67 40.57
N VAL F 60 -9.68 26.48 40.56
CA VAL F 60 -9.06 25.33 41.20
C VAL F 60 -8.74 25.72 42.64
N PHE F 61 -9.57 25.27 43.57
CA PHE F 61 -9.39 25.58 44.98
C PHE F 61 -8.55 24.48 45.58
N ILE F 62 -7.25 24.74 45.71
CA ILE F 62 -6.30 23.69 46.07
C ILE F 62 -6.62 23.11 47.45
N GLU F 63 -6.85 23.99 48.42
CA GLU F 63 -7.03 23.52 49.80
C GLU F 63 -8.21 22.56 49.89
N ASP F 64 -9.38 22.98 49.42
CA ASP F 64 -10.58 22.15 49.54
C ASP F 64 -10.46 20.88 48.70
N GLU F 65 -9.96 21.00 47.47
CA GLU F 65 -9.86 19.85 46.60
C GLU F 65 -8.89 18.81 47.16
N LYS F 66 -7.80 19.26 47.78
CA LYS F 66 -6.81 18.35 48.33
C LYS F 66 -7.25 17.74 49.65
N GLU F 67 -7.95 18.50 50.49
CA GLU F 67 -8.47 17.94 51.74
C GLU F 67 -9.65 17.01 51.50
N ALA F 68 -10.37 17.18 50.40
CA ALA F 68 -11.47 16.28 50.06
C ALA F 68 -10.99 14.95 49.49
N GLY F 69 -9.74 14.85 49.07
CA GLY F 69 -9.22 13.61 48.52
C GLY F 69 -8.54 12.74 49.55
PG AGS G . 6.39 -6.47 -27.93
S1G AGS G . 8.44 -6.15 -27.80
O2G AGS G . 5.94 -7.28 -26.78
O3G AGS G . 6.04 -7.23 -29.31
PB AGS G . 4.27 -4.76 -27.15
O1B AGS G . 3.74 -6.08 -26.62
O2B AGS G . 4.55 -3.62 -26.20
O3B AGS G . 5.60 -5.08 -28.02
PA AGS G . 1.69 -4.13 -28.13
O1A AGS G . 1.05 -4.47 -29.45
O2A AGS G . 1.25 -4.88 -26.90
O3A AGS G . 3.29 -4.26 -28.32
O5' AGS G . 1.55 -2.53 -27.92
C5' AGS G . 2.02 -1.87 -26.73
C4' AGS G . 1.67 -0.38 -26.82
O4' AGS G . 0.28 -0.21 -27.14
C3' AGS G . 1.90 0.48 -25.57
O3' AGS G . 2.78 1.55 -25.92
C2' AGS G . 0.54 1.07 -25.15
O2' AGS G . 0.65 2.45 -24.87
C1' AGS G . -0.33 0.86 -26.39
N9 AGS G . -1.74 0.52 -26.06
C8 AGS G . -2.69 1.41 -25.69
N7 AGS G . -3.88 0.80 -25.48
C5 AGS G . -3.72 -0.51 -25.73
C6 AGS G . -4.57 -1.71 -25.70
N6 AGS G . -5.87 -1.61 -25.35
N1 AGS G . -4.02 -2.89 -26.04
C2 AGS G . -2.72 -3.00 -26.39
N3 AGS G . -1.88 -1.95 -26.43
C4 AGS G . -2.31 -0.69 -26.12
H21 AGS G . 5.45 -8.01 -29.29
H5'1 AGS G . 3.10 -1.99 -26.64
H5'2 AGS G . 1.56 -2.31 -25.85
H4' AGS G . 2.37 -0.04 -27.59
H3' AGS G . 2.34 -0.10 -24.75
HO3' AGS G . 2.95 2.10 -25.15
H2' AGS G . 0.15 0.59 -24.24
HO2' AGS G . 0.97 2.58 -23.97
H1' AGS G . -0.38 1.80 -26.93
H8 AGS G . -2.51 2.47 -25.58
HN61 AGS G . -6.44 -2.44 -25.34
HN62 AGS G . -6.27 -0.72 -25.11
H2 AGS G . -2.33 -3.99 -26.64
HSG3 AGS G . 8.67 -5.06 -27.07
MG MG H . 3.17 -7.68 -24.98
CL CL I . 4.78 0.03 -1.40
PG AGS J . 20.04 6.28 20.51
S1G AGS J . 21.62 6.21 19.17
O2G AGS J . 19.85 7.68 20.94
O3G AGS J . 20.35 5.36 21.79
PB AGS J . 17.91 4.45 20.19
O1B AGS J . 16.51 4.52 19.63
O2B AGS J . 18.80 3.29 19.80
O3B AGS J . 18.68 5.81 19.79
PA AGS J . 16.51 4.25 22.66
O1A AGS J . 16.69 4.88 24.02
O2A AGS J . 15.32 4.58 21.80
O3A AGS J . 17.87 4.50 21.81
O5' AGS J . 16.43 2.65 22.80
C5' AGS J . 16.21 1.90 21.59
C4' AGS J . 15.96 0.41 21.87
O4' AGS J . 14.88 0.26 22.81
C3' AGS J . 15.55 -0.50 20.70
O3' AGS J . 16.51 -1.55 20.65
C2' AGS J . 14.16 -1.09 20.97
O2' AGS J . 14.08 -2.48 20.72
C1' AGS J . 13.99 -0.82 22.47
N9 AGS J . 12.60 -0.47 22.86
C8 AGS J . 11.59 -1.37 22.94
N7 AGS J . 10.44 -0.76 23.33
C5 AGS J . 10.70 0.55 23.48
C6 AGS J . 9.93 1.75 23.87
N6 AGS J . 8.61 1.65 24.16
N1 AGS J . 10.57 2.94 23.91
C2 AGS J . 11.88 3.06 23.62
N3 AGS J . 12.64 1.99 23.26
C4 AGS J . 12.12 0.74 23.17
H21 AGS J . 21.10 5.57 22.36
H5'1 AGS J . 17.09 1.99 20.94
H5'2 AGS J . 15.35 2.31 21.06
H4' AGS J . 16.95 0.09 22.22
H3' AGS J . 15.52 0.05 19.75
HO3' AGS J . 16.08 -2.38 20.39
H2' AGS J . 13.40 -0.64 20.33
HO2' AGS J . 13.55 -2.90 21.40
H1' AGS J . 14.22 -1.75 23.00
H8 AGS J . 11.69 -2.42 22.74
HN61 AGS J . 8.08 2.46 24.43
HN62 AGS J . 8.17 0.74 24.12
H2 AGS J . 12.34 4.03 23.67
HSG3 AGS J . 21.17 6.48 17.94
MG MG K . 16.23 8.06 18.51
#